data_8VFO
# 
_entry.id   8VFO 
# 
_audit_conform.dict_name       mmcif_pdbx.dic 
_audit_conform.dict_version    5.392 
_audit_conform.dict_location   http://mmcif.pdb.org/dictionaries/ascii/mmcif_pdbx.dic 
# 
loop_
_database_2.database_id 
_database_2.database_code 
_database_2.pdbx_database_accession 
_database_2.pdbx_DOI 
PDB   8VFO         pdb_00008vfo 10.2210/pdb8vfo/pdb 
WWPDB D_1000280124 ?            ?                   
# 
loop_
_pdbx_audit_revision_history.ordinal 
_pdbx_audit_revision_history.data_content_type 
_pdbx_audit_revision_history.major_revision 
_pdbx_audit_revision_history.minor_revision 
_pdbx_audit_revision_history.revision_date 
1 'Structure model' 1 0 2024-05-01 
2 'Structure model' 1 1 2024-05-08 
3 'Structure model' 1 2 2024-05-22 
# 
_pdbx_audit_revision_details.ordinal             1 
_pdbx_audit_revision_details.revision_ordinal    1 
_pdbx_audit_revision_details.data_content_type   'Structure model' 
_pdbx_audit_revision_details.provider            repository 
_pdbx_audit_revision_details.type                'Initial release' 
_pdbx_audit_revision_details.description         ? 
_pdbx_audit_revision_details.details             ? 
# 
loop_
_pdbx_audit_revision_group.ordinal 
_pdbx_audit_revision_group.revision_ordinal 
_pdbx_audit_revision_group.data_content_type 
_pdbx_audit_revision_group.group 
1 2 'Structure model' 'Database references' 
2 3 'Structure model' 'Database references' 
# 
loop_
_pdbx_audit_revision_category.ordinal 
_pdbx_audit_revision_category.revision_ordinal 
_pdbx_audit_revision_category.data_content_type 
_pdbx_audit_revision_category.category 
1 2 'Structure model' citation        
2 2 'Structure model' citation_author 
3 3 'Structure model' citation        
4 3 'Structure model' citation_author 
# 
loop_
_pdbx_audit_revision_item.ordinal 
_pdbx_audit_revision_item.revision_ordinal 
_pdbx_audit_revision_item.data_content_type 
_pdbx_audit_revision_item.item 
1 2 'Structure model' '_citation.pdbx_database_id_PubMed' 
2 2 'Structure model' '_citation.title'                   
3 3 'Structure model' '_citation.journal_volume'          
4 3 'Structure model' '_citation.page_first'              
5 3 'Structure model' '_citation.page_last'               
6 3 'Structure model' '_citation_author.identifier_ORCID' 
# 
_pdbx_database_status.status_code                     REL 
_pdbx_database_status.status_code_sf                  REL 
_pdbx_database_status.status_code_mr                  ? 
_pdbx_database_status.entry_id                        8VFO 
_pdbx_database_status.recvd_initial_deposition_date   2023-12-21 
_pdbx_database_status.SG_entry                        N 
_pdbx_database_status.deposit_site                    RCSB 
_pdbx_database_status.process_site                    RCSB 
_pdbx_database_status.status_code_cs                  ? 
_pdbx_database_status.status_code_nmr_data            ? 
_pdbx_database_status.methods_development_category    ? 
_pdbx_database_status.pdb_format_compatible           Y 
# 
_pdbx_contact_author.id                 2 
_pdbx_contact_author.email              gpantouris@pacific.edu 
_pdbx_contact_author.name_first         Georgios 
_pdbx_contact_author.name_last          Pantouris 
_pdbx_contact_author.name_mi            ? 
_pdbx_contact_author.role               'principal investigator/group leader' 
_pdbx_contact_author.identifier_ORCID   0000-0001-5547-1406 
# 
loop_
_audit_author.name 
_audit_author.pdbx_ordinal 
_audit_author.identifier_ORCID 
'Parkins, A.'    1 ? 
'Pilien, A.'     2 ? 
'Thompson, M.C.' 3 ? 
'Pantouris, G.'  4 ? 
# 
_citation.abstract                  ? 
_citation.abstract_id_CAS           ? 
_citation.book_id_ISBN              ? 
_citation.book_publisher            ? 
_citation.book_publisher_city       ? 
_citation.book_title                ? 
_citation.coordinate_linkage        ? 
_citation.country                   US 
_citation.database_id_Medline       ? 
_citation.details                   ? 
_citation.id                        primary 
_citation.journal_abbrev            J.Med.Chem. 
_citation.journal_id_ASTM           JMCMAR 
_citation.journal_id_CSD            0151 
_citation.journal_id_ISSN           0022-2623 
_citation.journal_full              ? 
_citation.journal_issue             ? 
_citation.journal_volume            67 
_citation.language                  ? 
_citation.page_first                7359 
_citation.page_last                 7372 
_citation.title                     'The C-terminal Region of D-DT Regulates Molecular Recognition for Protein-Ligand Complexes.' 
_citation.year                      2024 
_citation.database_id_CSD           ? 
_citation.pdbx_database_id_DOI      10.1021/acs.jmedchem.4c00177 
_citation.pdbx_database_id_PubMed   38670943 
_citation.pdbx_database_id_patent   ? 
_citation.unpublished_flag          ? 
# 
loop_
_citation_author.citation_id 
_citation_author.name 
_citation_author.ordinal 
_citation_author.identifier_ORCID 
primary 'Parkins, A.'    1 ? 
primary 'Pilien, A.V.R.' 2 ? 
primary 'Wolff, A.M.'    3 ? 
primary 'Argueta, C.'    4 ? 
primary 'Vargas, J.'     5 ? 
primary 'Sadeghi, S.'    6 ? 
primary 'Franz, A.H.'    7 ? 
primary 'Thompson, M.C.' 8 ? 
primary 'Pantouris, G.'  9 ? 
# 
loop_
_entity.id 
_entity.type 
_entity.src_method 
_entity.pdbx_description 
_entity.formula_weight 
_entity.pdbx_number_of_molecules 
_entity.pdbx_ec 
_entity.pdbx_mutation 
_entity.pdbx_fragment 
_entity.details 
1 polymer     man 'D-dopachrome decarboxylase' 12537.421 1   4.1.1.84 L117G ? ? 
2 non-polymer syn 'CITRIC ACID'                192.124   1   ?        ?     ? ? 
3 water       nat water                        18.015    171 ?        ?     ? ? 
# 
_entity_name_com.entity_id   1 
_entity_name_com.name        'D-dopachrome tautomerase,Phenylpyruvate tautomerase II' 
# 
_entity_poly.entity_id                      1 
_entity_poly.type                           'polypeptide(L)' 
_entity_poly.nstd_linkage                   no 
_entity_poly.nstd_monomer                   no 
_entity_poly.pdbx_seq_one_letter_code       
;PFLELDTNLPANRVPAGLEKRLCAAAASILGKPADRVNVTVRPGLAMALSGSTEPCAQLSISSIGVVGTAEDNRSHSAHF
FEFLTKELALGQDRILIRFFPLESWQIGKIGTVMTFG
;
_entity_poly.pdbx_seq_one_letter_code_can   
;PFLELDTNLPANRVPAGLEKRLCAAAASILGKPADRVNVTVRPGLAMALSGSTEPCAQLSISSIGVVGTAEDNRSHSAHF
FEFLTKELALGQDRILIRFFPLESWQIGKIGTVMTFG
;
_entity_poly.pdbx_strand_id                 A 
_entity_poly.pdbx_target_identifier         ? 
# 
loop_
_pdbx_entity_nonpoly.entity_id 
_pdbx_entity_nonpoly.name 
_pdbx_entity_nonpoly.comp_id 
2 'CITRIC ACID' CIT 
3 water         HOH 
# 
loop_
_entity_poly_seq.entity_id 
_entity_poly_seq.num 
_entity_poly_seq.mon_id 
_entity_poly_seq.hetero 
1 1   PRO n 
1 2   PHE n 
1 3   LEU n 
1 4   GLU n 
1 5   LEU n 
1 6   ASP n 
1 7   THR n 
1 8   ASN n 
1 9   LEU n 
1 10  PRO n 
1 11  ALA n 
1 12  ASN n 
1 13  ARG n 
1 14  VAL n 
1 15  PRO n 
1 16  ALA n 
1 17  GLY n 
1 18  LEU n 
1 19  GLU n 
1 20  LYS n 
1 21  ARG n 
1 22  LEU n 
1 23  CYS n 
1 24  ALA n 
1 25  ALA n 
1 26  ALA n 
1 27  ALA n 
1 28  SER n 
1 29  ILE n 
1 30  LEU n 
1 31  GLY n 
1 32  LYS n 
1 33  PRO n 
1 34  ALA n 
1 35  ASP n 
1 36  ARG n 
1 37  VAL n 
1 38  ASN n 
1 39  VAL n 
1 40  THR n 
1 41  VAL n 
1 42  ARG n 
1 43  PRO n 
1 44  GLY n 
1 45  LEU n 
1 46  ALA n 
1 47  MET n 
1 48  ALA n 
1 49  LEU n 
1 50  SER n 
1 51  GLY n 
1 52  SER n 
1 53  THR n 
1 54  GLU n 
1 55  PRO n 
1 56  CYS n 
1 57  ALA n 
1 58  GLN n 
1 59  LEU n 
1 60  SER n 
1 61  ILE n 
1 62  SER n 
1 63  SER n 
1 64  ILE n 
1 65  GLY n 
1 66  VAL n 
1 67  VAL n 
1 68  GLY n 
1 69  THR n 
1 70  ALA n 
1 71  GLU n 
1 72  ASP n 
1 73  ASN n 
1 74  ARG n 
1 75  SER n 
1 76  HIS n 
1 77  SER n 
1 78  ALA n 
1 79  HIS n 
1 80  PHE n 
1 81  PHE n 
1 82  GLU n 
1 83  PHE n 
1 84  LEU n 
1 85  THR n 
1 86  LYS n 
1 87  GLU n 
1 88  LEU n 
1 89  ALA n 
1 90  LEU n 
1 91  GLY n 
1 92  GLN n 
1 93  ASP n 
1 94  ARG n 
1 95  ILE n 
1 96  LEU n 
1 97  ILE n 
1 98  ARG n 
1 99  PHE n 
1 100 PHE n 
1 101 PRO n 
1 102 LEU n 
1 103 GLU n 
1 104 SER n 
1 105 TRP n 
1 106 GLN n 
1 107 ILE n 
1 108 GLY n 
1 109 LYS n 
1 110 ILE n 
1 111 GLY n 
1 112 THR n 
1 113 VAL n 
1 114 MET n 
1 115 THR n 
1 116 PHE n 
1 117 GLY n 
# 
_entity_src_gen.entity_id                          1 
_entity_src_gen.pdbx_src_id                        1 
_entity_src_gen.pdbx_alt_source_flag               sample 
_entity_src_gen.pdbx_seq_type                      'Biological sequence' 
_entity_src_gen.pdbx_beg_seq_num                   1 
_entity_src_gen.pdbx_end_seq_num                   117 
_entity_src_gen.gene_src_common_name               human 
_entity_src_gen.gene_src_genus                     ? 
_entity_src_gen.pdbx_gene_src_gene                 DDT 
_entity_src_gen.gene_src_species                   ? 
_entity_src_gen.gene_src_strain                    ? 
_entity_src_gen.gene_src_tissue                    ? 
_entity_src_gen.gene_src_tissue_fraction           ? 
_entity_src_gen.gene_src_details                   ? 
_entity_src_gen.pdbx_gene_src_fragment             ? 
_entity_src_gen.pdbx_gene_src_scientific_name      'Homo sapiens' 
_entity_src_gen.pdbx_gene_src_ncbi_taxonomy_id     9606 
_entity_src_gen.pdbx_gene_src_variant              ? 
_entity_src_gen.pdbx_gene_src_cell_line            ? 
_entity_src_gen.pdbx_gene_src_atcc                 ? 
_entity_src_gen.pdbx_gene_src_organ                ? 
_entity_src_gen.pdbx_gene_src_organelle            ? 
_entity_src_gen.pdbx_gene_src_cell                 ? 
_entity_src_gen.pdbx_gene_src_cellular_location    ? 
_entity_src_gen.host_org_common_name               ? 
_entity_src_gen.pdbx_host_org_scientific_name      'Escherichia coli' 
_entity_src_gen.pdbx_host_org_ncbi_taxonomy_id     562 
_entity_src_gen.host_org_genus                     ? 
_entity_src_gen.pdbx_host_org_gene                 ? 
_entity_src_gen.pdbx_host_org_organ                ? 
_entity_src_gen.host_org_species                   ? 
_entity_src_gen.pdbx_host_org_tissue               ? 
_entity_src_gen.pdbx_host_org_tissue_fraction      ? 
_entity_src_gen.pdbx_host_org_strain               ? 
_entity_src_gen.pdbx_host_org_variant              ? 
_entity_src_gen.pdbx_host_org_cell_line            ? 
_entity_src_gen.pdbx_host_org_atcc                 ? 
_entity_src_gen.pdbx_host_org_culture_collection   ? 
_entity_src_gen.pdbx_host_org_cell                 ? 
_entity_src_gen.pdbx_host_org_organelle            ? 
_entity_src_gen.pdbx_host_org_cellular_location    ? 
_entity_src_gen.pdbx_host_org_vector_type          ? 
_entity_src_gen.pdbx_host_org_vector               ? 
_entity_src_gen.host_org_details                   ? 
_entity_src_gen.expression_system_id               ? 
_entity_src_gen.plasmid_name                       ? 
_entity_src_gen.plasmid_details                    ? 
_entity_src_gen.pdbx_description                   ? 
# 
loop_
_chem_comp.id 
_chem_comp.type 
_chem_comp.mon_nstd_flag 
_chem_comp.name 
_chem_comp.pdbx_synonyms 
_chem_comp.formula 
_chem_comp.formula_weight 
ALA 'L-peptide linking' y ALANINE         ? 'C3 H7 N O2'     89.093  
ARG 'L-peptide linking' y ARGININE        ? 'C6 H15 N4 O2 1' 175.209 
ASN 'L-peptide linking' y ASPARAGINE      ? 'C4 H8 N2 O3'    132.118 
ASP 'L-peptide linking' y 'ASPARTIC ACID' ? 'C4 H7 N O4'     133.103 
CIT non-polymer         . 'CITRIC ACID'   ? 'C6 H8 O7'       192.124 
CYS 'L-peptide linking' y CYSTEINE        ? 'C3 H7 N O2 S'   121.158 
GLN 'L-peptide linking' y GLUTAMINE       ? 'C5 H10 N2 O3'   146.144 
GLU 'L-peptide linking' y 'GLUTAMIC ACID' ? 'C5 H9 N O4'     147.129 
GLY 'peptide linking'   y GLYCINE         ? 'C2 H5 N O2'     75.067  
HIS 'L-peptide linking' y HISTIDINE       ? 'C6 H10 N3 O2 1' 156.162 
HOH non-polymer         . WATER           ? 'H2 O'           18.015  
ILE 'L-peptide linking' y ISOLEUCINE      ? 'C6 H13 N O2'    131.173 
LEU 'L-peptide linking' y LEUCINE         ? 'C6 H13 N O2'    131.173 
LYS 'L-peptide linking' y LYSINE          ? 'C6 H15 N2 O2 1' 147.195 
MET 'L-peptide linking' y METHIONINE      ? 'C5 H11 N O2 S'  149.211 
PHE 'L-peptide linking' y PHENYLALANINE   ? 'C9 H11 N O2'    165.189 
PRO 'L-peptide linking' y PROLINE         ? 'C5 H9 N O2'     115.130 
SER 'L-peptide linking' y SERINE          ? 'C3 H7 N O3'     105.093 
THR 'L-peptide linking' y THREONINE       ? 'C4 H9 N O3'     119.119 
TRP 'L-peptide linking' y TRYPTOPHAN      ? 'C11 H12 N2 O2'  204.225 
VAL 'L-peptide linking' y VALINE          ? 'C5 H11 N O2'    117.146 
# 
loop_
_pdbx_poly_seq_scheme.asym_id 
_pdbx_poly_seq_scheme.entity_id 
_pdbx_poly_seq_scheme.seq_id 
_pdbx_poly_seq_scheme.mon_id 
_pdbx_poly_seq_scheme.ndb_seq_num 
_pdbx_poly_seq_scheme.pdb_seq_num 
_pdbx_poly_seq_scheme.auth_seq_num 
_pdbx_poly_seq_scheme.pdb_mon_id 
_pdbx_poly_seq_scheme.auth_mon_id 
_pdbx_poly_seq_scheme.pdb_strand_id 
_pdbx_poly_seq_scheme.pdb_ins_code 
_pdbx_poly_seq_scheme.hetero 
A 1 1   PRO 1   1   1   PRO PRO A . n 
A 1 2   PHE 2   2   2   PHE PHE A . n 
A 1 3   LEU 3   3   3   LEU LEU A . n 
A 1 4   GLU 4   4   4   GLU GLU A . n 
A 1 5   LEU 5   5   5   LEU LEU A . n 
A 1 6   ASP 6   6   6   ASP ASP A . n 
A 1 7   THR 7   7   7   THR THR A . n 
A 1 8   ASN 8   8   8   ASN ASN A . n 
A 1 9   LEU 9   9   9   LEU LEU A . n 
A 1 10  PRO 10  10  10  PRO PRO A . n 
A 1 11  ALA 11  11  11  ALA ALA A . n 
A 1 12  ASN 12  12  12  ASN ASN A . n 
A 1 13  ARG 13  13  13  ARG ARG A . n 
A 1 14  VAL 14  14  14  VAL VAL A . n 
A 1 15  PRO 15  15  15  PRO PRO A . n 
A 1 16  ALA 16  16  16  ALA ALA A . n 
A 1 17  GLY 17  17  17  GLY GLY A . n 
A 1 18  LEU 18  18  18  LEU LEU A . n 
A 1 19  GLU 19  19  19  GLU GLU A . n 
A 1 20  LYS 20  20  20  LYS LYS A . n 
A 1 21  ARG 21  21  21  ARG ARG A . n 
A 1 22  LEU 22  22  22  LEU LEU A . n 
A 1 23  CYS 23  23  23  CYS CYS A . n 
A 1 24  ALA 24  24  24  ALA ALA A . n 
A 1 25  ALA 25  25  25  ALA ALA A . n 
A 1 26  ALA 26  26  26  ALA ALA A . n 
A 1 27  ALA 27  27  27  ALA ALA A . n 
A 1 28  SER 28  28  28  SER SER A . n 
A 1 29  ILE 29  29  29  ILE ILE A . n 
A 1 30  LEU 30  30  30  LEU LEU A . n 
A 1 31  GLY 31  31  31  GLY GLY A . n 
A 1 32  LYS 32  32  32  LYS LYS A . n 
A 1 33  PRO 33  33  33  PRO PRO A . n 
A 1 34  ALA 34  34  34  ALA ALA A . n 
A 1 35  ASP 35  35  35  ASP ASP A . n 
A 1 36  ARG 36  36  36  ARG ARG A . n 
A 1 37  VAL 37  37  37  VAL VAL A . n 
A 1 38  ASN 38  38  38  ASN ASN A . n 
A 1 39  VAL 39  39  39  VAL VAL A . n 
A 1 40  THR 40  40  40  THR THR A . n 
A 1 41  VAL 41  41  41  VAL VAL A . n 
A 1 42  ARG 42  42  42  ARG ARG A . n 
A 1 43  PRO 43  43  43  PRO PRO A . n 
A 1 44  GLY 44  44  44  GLY GLY A . n 
A 1 45  LEU 45  45  45  LEU LEU A . n 
A 1 46  ALA 46  46  46  ALA ALA A . n 
A 1 47  MET 47  47  47  MET MET A . n 
A 1 48  ALA 48  48  48  ALA ALA A . n 
A 1 49  LEU 49  49  49  LEU LEU A . n 
A 1 50  SER 50  50  50  SER SER A . n 
A 1 51  GLY 51  51  51  GLY GLY A . n 
A 1 52  SER 52  52  52  SER SER A . n 
A 1 53  THR 53  53  53  THR THR A . n 
A 1 54  GLU 54  54  54  GLU GLU A . n 
A 1 55  PRO 55  55  55  PRO PRO A . n 
A 1 56  CYS 56  56  56  CYS CYS A . n 
A 1 57  ALA 57  57  57  ALA ALA A . n 
A 1 58  GLN 58  58  58  GLN GLN A . n 
A 1 59  LEU 59  59  59  LEU LEU A . n 
A 1 60  SER 60  60  60  SER SER A . n 
A 1 61  ILE 61  61  61  ILE ILE A . n 
A 1 62  SER 62  62  62  SER SER A . n 
A 1 63  SER 63  63  63  SER SER A . n 
A 1 64  ILE 64  64  64  ILE ILE A . n 
A 1 65  GLY 65  65  65  GLY GLY A . n 
A 1 66  VAL 66  66  66  VAL VAL A . n 
A 1 67  VAL 67  67  67  VAL VAL A . n 
A 1 68  GLY 68  68  68  GLY GLY A . n 
A 1 69  THR 69  69  69  THR THR A . n 
A 1 70  ALA 70  70  70  ALA ALA A . n 
A 1 71  GLU 71  71  71  GLU GLU A . n 
A 1 72  ASP 72  72  72  ASP ASP A . n 
A 1 73  ASN 73  73  73  ASN ASN A . n 
A 1 74  ARG 74  74  74  ARG ARG A . n 
A 1 75  SER 75  75  75  SER SER A . n 
A 1 76  HIS 76  76  76  HIS HIS A . n 
A 1 77  SER 77  77  77  SER SER A . n 
A 1 78  ALA 78  78  78  ALA ALA A . n 
A 1 79  HIS 79  79  79  HIS HIS A . n 
A 1 80  PHE 80  80  80  PHE PHE A . n 
A 1 81  PHE 81  81  81  PHE PHE A . n 
A 1 82  GLU 82  82  82  GLU GLU A . n 
A 1 83  PHE 83  83  83  PHE PHE A . n 
A 1 84  LEU 84  84  84  LEU LEU A . n 
A 1 85  THR 85  85  85  THR THR A . n 
A 1 86  LYS 86  86  86  LYS LYS A . n 
A 1 87  GLU 87  87  87  GLU GLU A . n 
A 1 88  LEU 88  88  88  LEU LEU A . n 
A 1 89  ALA 89  89  89  ALA ALA A . n 
A 1 90  LEU 90  90  90  LEU LEU A . n 
A 1 91  GLY 91  91  91  GLY GLY A . n 
A 1 92  GLN 92  92  92  GLN GLN A . n 
A 1 93  ASP 93  93  93  ASP ASP A . n 
A 1 94  ARG 94  94  94  ARG ARG A . n 
A 1 95  ILE 95  95  95  ILE ILE A . n 
A 1 96  LEU 96  96  96  LEU LEU A . n 
A 1 97  ILE 97  97  97  ILE ILE A . n 
A 1 98  ARG 98  98  98  ARG ARG A . n 
A 1 99  PHE 99  99  99  PHE PHE A . n 
A 1 100 PHE 100 100 100 PHE PHE A . n 
A 1 101 PRO 101 101 101 PRO PRO A . n 
A 1 102 LEU 102 102 102 LEU LEU A . n 
A 1 103 GLU 103 103 103 GLU GLU A . n 
A 1 104 SER 104 104 104 SER SER A . n 
A 1 105 TRP 105 105 105 TRP TRP A . n 
A 1 106 GLN 106 106 106 GLN GLN A . n 
A 1 107 ILE 107 107 107 ILE ILE A . n 
A 1 108 GLY 108 108 108 GLY GLY A . n 
A 1 109 LYS 109 109 109 LYS LYS A . n 
A 1 110 ILE 110 110 110 ILE ILE A . n 
A 1 111 GLY 111 111 111 GLY GLY A . n 
A 1 112 THR 112 112 112 THR THR A . n 
A 1 113 VAL 113 113 113 VAL VAL A . n 
A 1 114 MET 114 114 114 MET MET A . n 
A 1 115 THR 115 115 115 THR THR A . n 
A 1 116 PHE 116 116 ?   ?   ?   A . n 
A 1 117 GLY 117 117 ?   ?   ?   A . n 
# 
loop_
_pdbx_nonpoly_scheme.asym_id 
_pdbx_nonpoly_scheme.entity_id 
_pdbx_nonpoly_scheme.mon_id 
_pdbx_nonpoly_scheme.ndb_seq_num 
_pdbx_nonpoly_scheme.pdb_seq_num 
_pdbx_nonpoly_scheme.auth_seq_num 
_pdbx_nonpoly_scheme.pdb_mon_id 
_pdbx_nonpoly_scheme.auth_mon_id 
_pdbx_nonpoly_scheme.pdb_strand_id 
_pdbx_nonpoly_scheme.pdb_ins_code 
B 2 CIT 1   201 201 CIT CIT A . 
C 3 HOH 1   301 301 HOH HOH A . 
C 3 HOH 2   302 302 HOH HOH A . 
C 3 HOH 3   303 303 HOH HOH A . 
C 3 HOH 4   304 304 HOH HOH A . 
C 3 HOH 5   305 305 HOH HOH A . 
C 3 HOH 6   306 306 HOH HOH A . 
C 3 HOH 7   307 307 HOH HOH A . 
C 3 HOH 8   308 308 HOH HOH A . 
C 3 HOH 9   309 309 HOH HOH A . 
C 3 HOH 10  310 310 HOH HOH A . 
C 3 HOH 11  311 311 HOH HOH A . 
C 3 HOH 12  312 312 HOH HOH A . 
C 3 HOH 13  313 313 HOH HOH A . 
C 3 HOH 14  314 314 HOH HOH A . 
C 3 HOH 15  315 315 HOH HOH A . 
C 3 HOH 16  316 316 HOH HOH A . 
C 3 HOH 17  317 317 HOH HOH A . 
C 3 HOH 18  318 318 HOH HOH A . 
C 3 HOH 19  319 319 HOH HOH A . 
C 3 HOH 20  320 320 HOH HOH A . 
C 3 HOH 21  321 321 HOH HOH A . 
C 3 HOH 22  322 322 HOH HOH A . 
C 3 HOH 23  323 323 HOH HOH A . 
C 3 HOH 24  324 324 HOH HOH A . 
C 3 HOH 25  325 325 HOH HOH A . 
C 3 HOH 26  326 326 HOH HOH A . 
C 3 HOH 27  327 327 HOH HOH A . 
C 3 HOH 28  328 328 HOH HOH A . 
C 3 HOH 29  329 329 HOH HOH A . 
C 3 HOH 30  330 330 HOH HOH A . 
C 3 HOH 31  331 331 HOH HOH A . 
C 3 HOH 32  332 332 HOH HOH A . 
C 3 HOH 33  333 333 HOH HOH A . 
C 3 HOH 34  334 334 HOH HOH A . 
C 3 HOH 35  335 335 HOH HOH A . 
C 3 HOH 36  336 336 HOH HOH A . 
C 3 HOH 37  337 337 HOH HOH A . 
C 3 HOH 38  338 338 HOH HOH A . 
C 3 HOH 39  339 339 HOH HOH A . 
C 3 HOH 40  340 340 HOH HOH A . 
C 3 HOH 41  341 341 HOH HOH A . 
C 3 HOH 42  342 342 HOH HOH A . 
C 3 HOH 43  343 343 HOH HOH A . 
C 3 HOH 44  344 344 HOH HOH A . 
C 3 HOH 45  345 345 HOH HOH A . 
C 3 HOH 46  346 346 HOH HOH A . 
C 3 HOH 47  347 347 HOH HOH A . 
C 3 HOH 48  348 348 HOH HOH A . 
C 3 HOH 49  349 349 HOH HOH A . 
C 3 HOH 50  350 350 HOH HOH A . 
C 3 HOH 51  351 351 HOH HOH A . 
C 3 HOH 52  352 352 HOH HOH A . 
C 3 HOH 53  353 353 HOH HOH A . 
C 3 HOH 54  354 354 HOH HOH A . 
C 3 HOH 55  355 355 HOH HOH A . 
C 3 HOH 56  356 356 HOH HOH A . 
C 3 HOH 57  357 357 HOH HOH A . 
C 3 HOH 58  358 358 HOH HOH A . 
C 3 HOH 59  359 359 HOH HOH A . 
C 3 HOH 60  360 360 HOH HOH A . 
C 3 HOH 61  361 361 HOH HOH A . 
C 3 HOH 62  362 362 HOH HOH A . 
C 3 HOH 63  363 363 HOH HOH A . 
C 3 HOH 64  364 364 HOH HOH A . 
C 3 HOH 65  365 365 HOH HOH A . 
C 3 HOH 66  366 366 HOH HOH A . 
C 3 HOH 67  367 367 HOH HOH A . 
C 3 HOH 68  368 368 HOH HOH A . 
C 3 HOH 69  369 369 HOH HOH A . 
C 3 HOH 70  370 370 HOH HOH A . 
C 3 HOH 71  371 371 HOH HOH A . 
C 3 HOH 72  372 372 HOH HOH A . 
C 3 HOH 73  373 373 HOH HOH A . 
C 3 HOH 74  374 374 HOH HOH A . 
C 3 HOH 75  375 375 HOH HOH A . 
C 3 HOH 76  376 376 HOH HOH A . 
C 3 HOH 77  377 377 HOH HOH A . 
C 3 HOH 78  378 378 HOH HOH A . 
C 3 HOH 79  379 379 HOH HOH A . 
C 3 HOH 80  380 380 HOH HOH A . 
C 3 HOH 81  381 381 HOH HOH A . 
C 3 HOH 82  382 382 HOH HOH A . 
C 3 HOH 83  383 383 HOH HOH A . 
C 3 HOH 84  384 384 HOH HOH A . 
C 3 HOH 85  385 385 HOH HOH A . 
C 3 HOH 86  386 386 HOH HOH A . 
C 3 HOH 87  387 387 HOH HOH A . 
C 3 HOH 88  388 388 HOH HOH A . 
C 3 HOH 89  389 389 HOH HOH A . 
C 3 HOH 90  390 390 HOH HOH A . 
C 3 HOH 91  391 391 HOH HOH A . 
C 3 HOH 92  392 392 HOH HOH A . 
C 3 HOH 93  393 393 HOH HOH A . 
C 3 HOH 94  394 394 HOH HOH A . 
C 3 HOH 95  395 395 HOH HOH A . 
C 3 HOH 96  396 396 HOH HOH A . 
C 3 HOH 97  397 397 HOH HOH A . 
C 3 HOH 98  398 398 HOH HOH A . 
C 3 HOH 99  399 399 HOH HOH A . 
C 3 HOH 100 400 400 HOH HOH A . 
C 3 HOH 101 401 401 HOH HOH A . 
C 3 HOH 102 402 402 HOH HOH A . 
C 3 HOH 103 403 403 HOH HOH A . 
C 3 HOH 104 404 404 HOH HOH A . 
C 3 HOH 105 405 405 HOH HOH A . 
C 3 HOH 106 406 406 HOH HOH A . 
C 3 HOH 107 407 407 HOH HOH A . 
C 3 HOH 108 408 408 HOH HOH A . 
C 3 HOH 109 409 409 HOH HOH A . 
C 3 HOH 110 410 410 HOH HOH A . 
C 3 HOH 111 411 411 HOH HOH A . 
C 3 HOH 112 412 412 HOH HOH A . 
C 3 HOH 113 413 413 HOH HOH A . 
C 3 HOH 114 414 414 HOH HOH A . 
C 3 HOH 115 415 415 HOH HOH A . 
C 3 HOH 116 416 416 HOH HOH A . 
C 3 HOH 117 417 417 HOH HOH A . 
C 3 HOH 118 418 418 HOH HOH A . 
C 3 HOH 119 419 419 HOH HOH A . 
C 3 HOH 120 420 420 HOH HOH A . 
C 3 HOH 121 421 421 HOH HOH A . 
C 3 HOH 122 422 422 HOH HOH A . 
C 3 HOH 123 423 423 HOH HOH A . 
C 3 HOH 124 424 424 HOH HOH A . 
C 3 HOH 125 425 425 HOH HOH A . 
C 3 HOH 126 426 426 HOH HOH A . 
C 3 HOH 127 427 427 HOH HOH A . 
C 3 HOH 128 428 428 HOH HOH A . 
C 3 HOH 129 429 429 HOH HOH A . 
C 3 HOH 130 430 430 HOH HOH A . 
C 3 HOH 131 431 431 HOH HOH A . 
C 3 HOH 132 432 432 HOH HOH A . 
C 3 HOH 133 433 433 HOH HOH A . 
C 3 HOH 134 434 434 HOH HOH A . 
C 3 HOH 135 435 435 HOH HOH A . 
C 3 HOH 136 436 436 HOH HOH A . 
C 3 HOH 137 437 437 HOH HOH A . 
C 3 HOH 138 438 438 HOH HOH A . 
C 3 HOH 139 439 439 HOH HOH A . 
C 3 HOH 140 440 440 HOH HOH A . 
C 3 HOH 141 441 441 HOH HOH A . 
C 3 HOH 142 442 442 HOH HOH A . 
C 3 HOH 143 443 443 HOH HOH A . 
C 3 HOH 144 444 445 HOH HOH A . 
C 3 HOH 145 445 444 HOH HOH A . 
C 3 HOH 146 446 446 HOH HOH A . 
C 3 HOH 147 447 447 HOH HOH A . 
C 3 HOH 148 448 448 HOH HOH A . 
C 3 HOH 149 449 449 HOH HOH A . 
C 3 HOH 150 450 450 HOH HOH A . 
C 3 HOH 151 451 451 HOH HOH A . 
C 3 HOH 152 452 452 HOH HOH A . 
C 3 HOH 153 453 453 HOH HOH A . 
C 3 HOH 154 454 454 HOH HOH A . 
C 3 HOH 155 455 455 HOH HOH A . 
C 3 HOH 156 456 456 HOH HOH A . 
C 3 HOH 157 457 457 HOH HOH A . 
C 3 HOH 158 458 458 HOH HOH A . 
C 3 HOH 159 459 459 HOH HOH A . 
C 3 HOH 160 460 460 HOH HOH A . 
C 3 HOH 161 461 461 HOH HOH A . 
C 3 HOH 162 462 462 HOH HOH A . 
C 3 HOH 163 463 463 HOH HOH A . 
C 3 HOH 164 464 464 HOH HOH A . 
C 3 HOH 165 465 465 HOH HOH A . 
C 3 HOH 166 466 466 HOH HOH A . 
C 3 HOH 167 467 467 HOH HOH A . 
C 3 HOH 168 468 468 HOH HOH A . 
C 3 HOH 169 469 469 HOH HOH A . 
C 3 HOH 170 470 470 HOH HOH A . 
C 3 HOH 171 471 471 HOH HOH A . 
# 
loop_
_pdbx_unobs_or_zero_occ_atoms.id 
_pdbx_unobs_or_zero_occ_atoms.PDB_model_num 
_pdbx_unobs_or_zero_occ_atoms.polymer_flag 
_pdbx_unobs_or_zero_occ_atoms.occupancy_flag 
_pdbx_unobs_or_zero_occ_atoms.auth_asym_id 
_pdbx_unobs_or_zero_occ_atoms.auth_comp_id 
_pdbx_unobs_or_zero_occ_atoms.auth_seq_id 
_pdbx_unobs_or_zero_occ_atoms.PDB_ins_code 
_pdbx_unobs_or_zero_occ_atoms.auth_atom_id 
_pdbx_unobs_or_zero_occ_atoms.label_alt_id 
_pdbx_unobs_or_zero_occ_atoms.label_asym_id 
_pdbx_unobs_or_zero_occ_atoms.label_comp_id 
_pdbx_unobs_or_zero_occ_atoms.label_seq_id 
_pdbx_unobs_or_zero_occ_atoms.label_atom_id 
1 1 Y 1 A ARG 36  ? CG  ? A ARG 36  CG  
2 1 Y 1 A ARG 36  ? CD  ? A ARG 36  CD  
3 1 Y 1 A ARG 36  ? NE  ? A ARG 36  NE  
4 1 Y 1 A ARG 36  ? CZ  ? A ARG 36  CZ  
5 1 Y 1 A ARG 36  ? NH1 ? A ARG 36  NH1 
6 1 Y 1 A ARG 36  ? NH2 ? A ARG 36  NH2 
7 1 Y 1 A MET 114 ? CG  ? A MET 114 CG  
8 1 Y 1 A MET 114 ? SD  ? A MET 114 SD  
9 1 Y 1 A MET 114 ? CE  ? A MET 114 CE  
# 
loop_
_software.citation_id 
_software.classification 
_software.compiler_name 
_software.compiler_version 
_software.contact_author 
_software.contact_author_email 
_software.date 
_software.description 
_software.dependencies 
_software.hardware 
_software.language 
_software.location 
_software.mods 
_software.name 
_software.os 
_software.os_version 
_software.type 
_software.version 
_software.pdbx_ordinal 
? refinement       ? ? ? ? ? ? ? ? ? ? ? REFMAC ? ? ? 5.8.0267 1 
? 'data scaling'   ? ? ? ? ? ? ? ? ? ? ? xia2   ? ? ? .        2 
? phasing          ? ? ? ? ? ? ? ? ? ? ? MOLREP ? ? ? .        3 
? 'data reduction' ? ? ? ? ? ? ? ? ? ? ? XDS    ? ? ? .        4 
# 
_cell.angle_alpha                  90.00 
_cell.angle_alpha_esd              ? 
_cell.angle_beta                   90.00 
_cell.angle_beta_esd               ? 
_cell.angle_gamma                  120.00 
_cell.angle_gamma_esd              ? 
_cell.entry_id                     8VFO 
_cell.details                      ? 
_cell.formula_units_Z              ? 
_cell.length_a                     80.588 
_cell.length_a_esd                 ? 
_cell.length_b                     80.588 
_cell.length_b_esd                 ? 
_cell.length_c                     40.123 
_cell.length_c_esd                 ? 
_cell.volume                       ? 
_cell.volume_esd                   ? 
_cell.Z_PDB                        9 
_cell.reciprocal_angle_alpha       ? 
_cell.reciprocal_angle_beta        ? 
_cell.reciprocal_angle_gamma       ? 
_cell.reciprocal_angle_alpha_esd   ? 
_cell.reciprocal_angle_beta_esd    ? 
_cell.reciprocal_angle_gamma_esd   ? 
_cell.reciprocal_length_a          ? 
_cell.reciprocal_length_b          ? 
_cell.reciprocal_length_c          ? 
_cell.reciprocal_length_a_esd      ? 
_cell.reciprocal_length_b_esd      ? 
_cell.reciprocal_length_c_esd      ? 
_cell.pdbx_unique_axis             ? 
_cell.pdbx_esd_method              ? 
# 
_symmetry.entry_id                         8VFO 
_symmetry.cell_setting                     ? 
_symmetry.Int_Tables_number                146 
_symmetry.space_group_name_Hall            ? 
_symmetry.space_group_name_H-M             'H 3' 
_symmetry.pdbx_full_space_group_name_H-M   ? 
# 
_exptl.absorpt_coefficient_mu     ? 
_exptl.absorpt_correction_T_max   ? 
_exptl.absorpt_correction_T_min   ? 
_exptl.absorpt_correction_type    ? 
_exptl.absorpt_process_details    ? 
_exptl.entry_id                   8VFO 
_exptl.crystals_number            1 
_exptl.details                    ? 
_exptl.method                     'X-RAY DIFFRACTION' 
_exptl.method_details             ? 
# 
_exptl_crystal.colour                       ? 
_exptl_crystal.density_diffrn               ? 
_exptl_crystal.density_Matthews             1.99 
_exptl_crystal.density_method               ? 
_exptl_crystal.density_percent_sol          38.22 
_exptl_crystal.description                  ? 
_exptl_crystal.F_000                        ? 
_exptl_crystal.id                           1 
_exptl_crystal.preparation                  ? 
_exptl_crystal.size_max                     ? 
_exptl_crystal.size_mid                     ? 
_exptl_crystal.size_min                     ? 
_exptl_crystal.size_rad                     ? 
_exptl_crystal.colour_lustre                ? 
_exptl_crystal.colour_modifier              ? 
_exptl_crystal.colour_primary               ? 
_exptl_crystal.density_meas                 ? 
_exptl_crystal.density_meas_esd             ? 
_exptl_crystal.density_meas_gt              ? 
_exptl_crystal.density_meas_lt              ? 
_exptl_crystal.density_meas_temp            ? 
_exptl_crystal.density_meas_temp_esd        ? 
_exptl_crystal.density_meas_temp_gt         ? 
_exptl_crystal.density_meas_temp_lt         ? 
_exptl_crystal.pdbx_crystal_image_url       ? 
_exptl_crystal.pdbx_crystal_image_format    ? 
_exptl_crystal.pdbx_mosaicity               ? 
_exptl_crystal.pdbx_mosaicity_esd           ? 
_exptl_crystal.pdbx_mosaic_method           ? 
_exptl_crystal.pdbx_mosaic_block_size       ? 
_exptl_crystal.pdbx_mosaic_block_size_esd   ? 
# 
_exptl_crystal_grow.apparatus       ? 
_exptl_crystal_grow.atmosphere      ? 
_exptl_crystal_grow.crystal_id      1 
_exptl_crystal_grow.details         ? 
_exptl_crystal_grow.method          'VAPOR DIFFUSION, HANGING DROP' 
_exptl_crystal_grow.method_ref      ? 
_exptl_crystal_grow.pH              ? 
_exptl_crystal_grow.pressure        ? 
_exptl_crystal_grow.pressure_esd    ? 
_exptl_crystal_grow.seeding         ? 
_exptl_crystal_grow.seeding_ref     ? 
_exptl_crystal_grow.temp_details    ? 
_exptl_crystal_grow.temp_esd        ? 
_exptl_crystal_grow.time            ? 
_exptl_crystal_grow.pdbx_details    '20-28% PEG 4000, 0.1M Sodium Citrate, 0.2M Ammonium Acetate' 
_exptl_crystal_grow.pdbx_pH_range   '5.8 - 6.2' 
_exptl_crystal_grow.temp            298 
# 
_diffrn.ambient_environment              ? 
_diffrn.ambient_temp                     90 
_diffrn.ambient_temp_details             ? 
_diffrn.ambient_temp_esd                 ? 
_diffrn.crystal_id                       1 
_diffrn.crystal_support                  ? 
_diffrn.crystal_treatment                ? 
_diffrn.details                          ? 
_diffrn.id                               1 
_diffrn.ambient_pressure                 ? 
_diffrn.ambient_pressure_esd             ? 
_diffrn.ambient_pressure_gt              ? 
_diffrn.ambient_pressure_lt              ? 
_diffrn.ambient_temp_gt                  ? 
_diffrn.ambient_temp_lt                  ? 
_diffrn.pdbx_serial_crystal_experiment   N 
# 
_diffrn_detector.details                      ? 
_diffrn_detector.detector                     PIXEL 
_diffrn_detector.diffrn_id                    1 
_diffrn_detector.type                         'DECTRIS PILATUS3 S 6M' 
_diffrn_detector.area_resol_mean              ? 
_diffrn_detector.dtime                        ? 
_diffrn_detector.pdbx_frames_total            ? 
_diffrn_detector.pdbx_collection_time_total   ? 
_diffrn_detector.pdbx_collection_date         2023-06-23 
_diffrn_detector.pdbx_frequency               ? 
_diffrn_detector.id                           ? 
_diffrn_detector.number_of_axes               ? 
# 
_diffrn_radiation.collimation                      ? 
_diffrn_radiation.diffrn_id                        1 
_diffrn_radiation.filter_edge                      ? 
_diffrn_radiation.inhomogeneity                    ? 
_diffrn_radiation.monochromator                    ? 
_diffrn_radiation.polarisn_norm                    ? 
_diffrn_radiation.polarisn_ratio                   ? 
_diffrn_radiation.probe                            ? 
_diffrn_radiation.type                             ? 
_diffrn_radiation.xray_symbol                      ? 
_diffrn_radiation.wavelength_id                    1 
_diffrn_radiation.pdbx_monochromatic_or_laue_m_l   M 
_diffrn_radiation.pdbx_wavelength_list             ? 
_diffrn_radiation.pdbx_wavelength                  ? 
_diffrn_radiation.pdbx_diffrn_protocol             'SINGLE WAVELENGTH' 
_diffrn_radiation.pdbx_analyzer                    ? 
_diffrn_radiation.pdbx_scattering_type             x-ray 
# 
_diffrn_radiation_wavelength.id           1 
_diffrn_radiation_wavelength.wavelength   1.11583 
_diffrn_radiation_wavelength.wt           1.0 
# 
_diffrn_source.current                     ? 
_diffrn_source.details                     ? 
_diffrn_source.diffrn_id                   1 
_diffrn_source.power                       ? 
_diffrn_source.size                        ? 
_diffrn_source.source                      SYNCHROTRON 
_diffrn_source.target                      ? 
_diffrn_source.type                        'ALS BEAMLINE 8.3.1' 
_diffrn_source.voltage                     ? 
_diffrn_source.take-off_angle              ? 
_diffrn_source.pdbx_wavelength_list        1.11583 
_diffrn_source.pdbx_wavelength             ? 
_diffrn_source.pdbx_synchrotron_beamline   8.3.1 
_diffrn_source.pdbx_synchrotron_site       ALS 
# 
_reflns.B_iso_Wilson_estimate                          ? 
_reflns.entry_id                                       8VFO 
_reflns.data_reduction_details                         ? 
_reflns.data_reduction_method                          ? 
_reflns.d_resolution_high                              1.35 
_reflns.d_resolution_low                               40.29 
_reflns.details                                        ? 
_reflns.limit_h_max                                    ? 
_reflns.limit_h_min                                    ? 
_reflns.limit_k_max                                    ? 
_reflns.limit_k_min                                    ? 
_reflns.limit_l_max                                    ? 
_reflns.limit_l_min                                    ? 
_reflns.number_all                                     ? 
_reflns.number_obs                                     21271 
_reflns.observed_criterion                             ? 
_reflns.observed_criterion_F_max                       ? 
_reflns.observed_criterion_F_min                       ? 
_reflns.observed_criterion_I_max                       ? 
_reflns.observed_criterion_I_min                       ? 
_reflns.observed_criterion_sigma_F                     ? 
_reflns.observed_criterion_sigma_I                     ? 
_reflns.percent_possible_obs                           99.6 
_reflns.R_free_details                                 ? 
_reflns.Rmerge_F_all                                   ? 
_reflns.Rmerge_F_obs                                   ? 
_reflns.Friedel_coverage                               ? 
_reflns.number_gt                                      ? 
_reflns.threshold_expression                           ? 
_reflns.pdbx_redundancy                                4.5 
_reflns.pdbx_netI_over_av_sigmaI                       ? 
_reflns.pdbx_netI_over_sigmaI                          20.4 
_reflns.pdbx_res_netI_over_av_sigmaI_2                 ? 
_reflns.pdbx_res_netI_over_sigmaI_2                    ? 
_reflns.pdbx_chi_squared                               ? 
_reflns.pdbx_scaling_rejects                           ? 
_reflns.pdbx_d_res_high_opt                            ? 
_reflns.pdbx_d_res_low_opt                             ? 
_reflns.pdbx_d_res_opt_method                          ? 
_reflns.phase_calculation_details                      ? 
_reflns.pdbx_Rrim_I_all                                0.056 
_reflns.pdbx_Rpim_I_all                                0.025 
_reflns.pdbx_d_opt                                     ? 
_reflns.pdbx_number_measured_all                       96387 
_reflns.pdbx_diffrn_id                                 1 
_reflns.pdbx_ordinal                                   1 
_reflns.pdbx_CC_half                                   0.999 
_reflns.pdbx_CC_star                                   ? 
_reflns.pdbx_R_split                                   ? 
_reflns.pdbx_Rmerge_I_obs                              0.049 
_reflns.pdbx_Rmerge_I_all                              ? 
_reflns.pdbx_Rsym_value                                ? 
_reflns.pdbx_CC_split_method                           ? 
_reflns.pdbx_aniso_diffraction_limit_axis_1_ortho[1]   ? 
_reflns.pdbx_aniso_diffraction_limit_axis_1_ortho[2]   ? 
_reflns.pdbx_aniso_diffraction_limit_axis_1_ortho[3]   ? 
_reflns.pdbx_aniso_diffraction_limit_axis_2_ortho[1]   ? 
_reflns.pdbx_aniso_diffraction_limit_axis_2_ortho[2]   ? 
_reflns.pdbx_aniso_diffraction_limit_axis_2_ortho[3]   ? 
_reflns.pdbx_aniso_diffraction_limit_axis_3_ortho[1]   ? 
_reflns.pdbx_aniso_diffraction_limit_axis_3_ortho[2]   ? 
_reflns.pdbx_aniso_diffraction_limit_axis_3_ortho[3]   ? 
_reflns.pdbx_aniso_diffraction_limit_1                 ? 
_reflns.pdbx_aniso_diffraction_limit_2                 ? 
_reflns.pdbx_aniso_diffraction_limit_3                 ? 
_reflns.pdbx_aniso_B_tensor_eigenvector_1_ortho[1]     ? 
_reflns.pdbx_aniso_B_tensor_eigenvector_1_ortho[2]     ? 
_reflns.pdbx_aniso_B_tensor_eigenvector_1_ortho[3]     ? 
_reflns.pdbx_aniso_B_tensor_eigenvector_2_ortho[1]     ? 
_reflns.pdbx_aniso_B_tensor_eigenvector_2_ortho[2]     ? 
_reflns.pdbx_aniso_B_tensor_eigenvector_2_ortho[3]     ? 
_reflns.pdbx_aniso_B_tensor_eigenvector_3_ortho[1]     ? 
_reflns.pdbx_aniso_B_tensor_eigenvector_3_ortho[2]     ? 
_reflns.pdbx_aniso_B_tensor_eigenvector_3_ortho[3]     ? 
_reflns.pdbx_aniso_B_tensor_eigenvalue_1               ? 
_reflns.pdbx_aniso_B_tensor_eigenvalue_2               ? 
_reflns.pdbx_aniso_B_tensor_eigenvalue_3               ? 
_reflns.pdbx_orthogonalization_convention              ? 
_reflns.pdbx_percent_possible_ellipsoidal              ? 
_reflns.pdbx_percent_possible_spherical                ? 
_reflns.pdbx_percent_possible_ellipsoidal_anomalous    ? 
_reflns.pdbx_percent_possible_spherical_anomalous      ? 
_reflns.pdbx_redundancy_anomalous                      ? 
_reflns.pdbx_CC_half_anomalous                         ? 
_reflns.pdbx_absDiff_over_sigma_anomalous              ? 
_reflns.pdbx_percent_possible_anomalous                ? 
_reflns.pdbx_observed_signal_threshold                 ? 
_reflns.pdbx_signal_type                               ? 
_reflns.pdbx_signal_details                            ? 
_reflns.pdbx_signal_software_id                        ? 
# 
_reflns_shell.d_res_high                                    1.35 
_reflns_shell.d_res_low                                     1.37 
_reflns_shell.meanI_over_sigI_all                           ? 
_reflns_shell.meanI_over_sigI_obs                           ? 
_reflns_shell.number_measured_all                           2853 
_reflns_shell.number_measured_obs                           ? 
_reflns_shell.number_possible                               ? 
_reflns_shell.number_unique_all                             ? 
_reflns_shell.number_unique_obs                             1008 
_reflns_shell.percent_possible_obs                          94.8 
_reflns_shell.Rmerge_F_all                                  ? 
_reflns_shell.Rmerge_F_obs                                  ? 
_reflns_shell.meanI_over_sigI_gt                            ? 
_reflns_shell.meanI_over_uI_all                             ? 
_reflns_shell.meanI_over_uI_gt                              ? 
_reflns_shell.number_measured_gt                            ? 
_reflns_shell.number_unique_gt                              ? 
_reflns_shell.percent_possible_gt                           ? 
_reflns_shell.Rmerge_F_gt                                   ? 
_reflns_shell.Rmerge_I_gt                                   ? 
_reflns_shell.pdbx_redundancy                               2.8 
_reflns_shell.pdbx_chi_squared                              ? 
_reflns_shell.pdbx_netI_over_sigmaI_all                     ? 
_reflns_shell.pdbx_netI_over_sigmaI_obs                     3.0 
_reflns_shell.pdbx_Rrim_I_all                               0.306 
_reflns_shell.pdbx_Rpim_I_all                               0.171 
_reflns_shell.pdbx_rejects                                  ? 
_reflns_shell.pdbx_ordinal                                  1 
_reflns_shell.pdbx_diffrn_id                                1 
_reflns_shell.pdbx_CC_half                                  0.902 
_reflns_shell.pdbx_CC_star                                  ? 
_reflns_shell.pdbx_R_split                                  ? 
_reflns_shell.percent_possible_all                          ? 
_reflns_shell.Rmerge_I_all                                  ? 
_reflns_shell.Rmerge_I_obs                                  0.252 
_reflns_shell.pdbx_Rsym_value                               ? 
_reflns_shell.pdbx_percent_possible_ellipsoidal             ? 
_reflns_shell.pdbx_percent_possible_spherical               ? 
_reflns_shell.pdbx_percent_possible_ellipsoidal_anomalous   ? 
_reflns_shell.pdbx_percent_possible_spherical_anomalous     ? 
_reflns_shell.pdbx_redundancy_anomalous                     ? 
_reflns_shell.pdbx_CC_half_anomalous                        ? 
_reflns_shell.pdbx_absDiff_over_sigma_anomalous             ? 
_reflns_shell.pdbx_percent_possible_anomalous               ? 
# 
_refine.aniso_B[1][1]                            0.00000 
_refine.aniso_B[1][2]                            0.00000 
_refine.aniso_B[1][3]                            0.00000 
_refine.aniso_B[2][2]                            0.00000 
_refine.aniso_B[2][3]                            0.00000 
_refine.aniso_B[3][3]                            -0.01000 
_refine.B_iso_max                                ? 
_refine.B_iso_mean                               9.90 
_refine.B_iso_min                                ? 
_refine.correlation_coeff_Fo_to_Fc               0.964 
_refine.correlation_coeff_Fo_to_Fc_free          0.953 
_refine.details                                  
;HYDROGENS HAVE BEEN ADDED IN THE RIDING
 POSITIONS
;
_refine.diff_density_max                         ? 
_refine.diff_density_max_esd                     ? 
_refine.diff_density_min                         ? 
_refine.diff_density_min_esd                     ? 
_refine.diff_density_rms                         ? 
_refine.diff_density_rms_esd                     ? 
_refine.entry_id                                 8VFO 
_refine.pdbx_refine_id                           'X-RAY DIFFRACTION' 
_refine.ls_abs_structure_details                 ? 
_refine.ls_abs_structure_Flack                   ? 
_refine.ls_abs_structure_Flack_esd               ? 
_refine.ls_abs_structure_Rogers                  ? 
_refine.ls_abs_structure_Rogers_esd              ? 
_refine.ls_d_res_high                            1.35 
_refine.ls_d_res_low                             40.29 
_refine.ls_extinction_coef                       ? 
_refine.ls_extinction_coef_esd                   ? 
_refine.ls_extinction_expression                 ? 
_refine.ls_extinction_method                     ? 
_refine.ls_goodness_of_fit_all                   ? 
_refine.ls_goodness_of_fit_all_esd               ? 
_refine.ls_goodness_of_fit_obs                   ? 
_refine.ls_goodness_of_fit_obs_esd               ? 
_refine.ls_hydrogen_treatment                    ? 
_refine.ls_matrix_type                           ? 
_refine.ls_number_constraints                    ? 
_refine.ls_number_parameters                     ? 
_refine.ls_number_reflns_all                     ? 
_refine.ls_number_reflns_obs                     20211 
_refine.ls_number_reflns_R_free                  1060 
_refine.ls_number_reflns_R_work                  ? 
_refine.ls_number_restraints                     ? 
_refine.ls_percent_reflns_obs                    99.6 
_refine.ls_percent_reflns_R_free                 5.000 
_refine.ls_R_factor_all                          ? 
_refine.ls_R_factor_obs                          0.167 
_refine.ls_R_factor_R_free                       0.193 
_refine.ls_R_factor_R_free_error                 ? 
_refine.ls_R_factor_R_free_error_details         ? 
_refine.ls_R_factor_R_work                       0.166 
_refine.ls_R_Fsqd_factor_obs                     ? 
_refine.ls_R_I_factor_obs                        ? 
_refine.ls_redundancy_reflns_all                 ? 
_refine.ls_redundancy_reflns_obs                 ? 
_refine.ls_restrained_S_all                      ? 
_refine.ls_restrained_S_obs                      ? 
_refine.ls_shift_over_esd_max                    ? 
_refine.ls_shift_over_esd_mean                   ? 
_refine.ls_structure_factor_coef                 ? 
_refine.ls_weighting_details                     ? 
_refine.ls_weighting_scheme                      ? 
_refine.ls_wR_factor_all                         ? 
_refine.ls_wR_factor_obs                         ? 
_refine.ls_wR_factor_R_free                      ? 
_refine.ls_wR_factor_R_work                      ? 
_refine.occupancy_max                            ? 
_refine.occupancy_min                            ? 
_refine.solvent_model_details                    MASK 
_refine.solvent_model_param_bsol                 ? 
_refine.solvent_model_param_ksol                 ? 
_refine.pdbx_R_complete                          ? 
_refine.ls_R_factor_gt                           ? 
_refine.ls_goodness_of_fit_gt                    ? 
_refine.ls_goodness_of_fit_ref                   ? 
_refine.ls_shift_over_su_max                     ? 
_refine.ls_shift_over_su_max_lt                  ? 
_refine.ls_shift_over_su_mean                    ? 
_refine.ls_shift_over_su_mean_lt                 ? 
_refine.pdbx_ls_sigma_I                          ? 
_refine.pdbx_ls_sigma_F                          ? 
_refine.pdbx_ls_sigma_Fsqd                       ? 
_refine.pdbx_data_cutoff_high_absF               ? 
_refine.pdbx_data_cutoff_high_rms_absF           ? 
_refine.pdbx_data_cutoff_low_absF                ? 
_refine.pdbx_isotropic_thermal_model             ? 
_refine.pdbx_ls_cross_valid_method               THROUGHOUT 
_refine.pdbx_method_to_determine_struct          'MOLECULAR REPLACEMENT' 
_refine.pdbx_starting_model                      ? 
_refine.pdbx_stereochemistry_target_values       'MAXIMUM LIKELIHOOD' 
_refine.pdbx_R_Free_selection_details            RANDOM 
_refine.pdbx_stereochem_target_val_spec_case     ? 
_refine.pdbx_overall_ESU_R                       0.058 
_refine.pdbx_overall_ESU_R_Free                  0.060 
_refine.pdbx_solvent_vdw_probe_radii             1.20 
_refine.pdbx_solvent_ion_probe_radii             0.80 
_refine.pdbx_solvent_shrinkage_radii             0.80 
_refine.pdbx_real_space_R                        ? 
_refine.pdbx_density_correlation                 ? 
_refine.pdbx_pd_number_of_powder_patterns        ? 
_refine.pdbx_pd_number_of_points                 ? 
_refine.pdbx_pd_meas_number_of_points            ? 
_refine.pdbx_pd_proc_ls_prof_R_factor            ? 
_refine.pdbx_pd_proc_ls_prof_wR_factor           ? 
_refine.pdbx_pd_Marquardt_correlation_coeff      ? 
_refine.pdbx_pd_Fsqrd_R_factor                   ? 
_refine.pdbx_pd_ls_matrix_band_width             ? 
_refine.pdbx_overall_phase_error                 ? 
_refine.pdbx_overall_SU_R_free_Cruickshank_DPI   ? 
_refine.pdbx_overall_SU_R_free_Blow_DPI          ? 
_refine.pdbx_overall_SU_R_Blow_DPI               ? 
_refine.pdbx_TLS_residual_ADP_flag               ? 
_refine.pdbx_diffrn_id                           1 
_refine.overall_SU_B                             ? 
_refine.overall_SU_ML                            ? 
_refine.overall_SU_R_Cruickshank_DPI             ? 
_refine.overall_SU_R_free                        ? 
_refine.overall_FOM_free_R_set                   ? 
_refine.overall_FOM_work_R_set                   ? 
_refine.pdbx_average_fsc_overall                 ? 
_refine.pdbx_average_fsc_work                    ? 
_refine.pdbx_average_fsc_free                    ? 
# 
_refine_hist.pdbx_refine_id                   'X-RAY DIFFRACTION' 
_refine_hist.cycle_id                         LAST 
_refine_hist.details                          ? 
_refine_hist.d_res_high                       1.35 
_refine_hist.d_res_low                        40.29 
_refine_hist.number_atoms_solvent             171 
_refine_hist.number_atoms_total               1040 
_refine_hist.number_reflns_all                ? 
_refine_hist.number_reflns_obs                ? 
_refine_hist.number_reflns_R_free             ? 
_refine_hist.number_reflns_R_work             ? 
_refine_hist.R_factor_all                     ? 
_refine_hist.R_factor_obs                     ? 
_refine_hist.R_factor_R_free                  ? 
_refine_hist.R_factor_R_work                  ? 
_refine_hist.pdbx_number_residues_total       ? 
_refine_hist.pdbx_B_iso_mean_ligand           ? 
_refine_hist.pdbx_B_iso_mean_solvent          ? 
_refine_hist.pdbx_number_atoms_protein        856 
_refine_hist.pdbx_number_atoms_nucleic_acid   0 
_refine_hist.pdbx_number_atoms_ligand         13 
_refine_hist.pdbx_number_atoms_lipid          ? 
_refine_hist.pdbx_number_atoms_carb           ? 
_refine_hist.pdbx_pseudo_atom_details         ? 
# 
loop_
_refine_ls_restr.pdbx_refine_id 
_refine_ls_restr.criterion 
_refine_ls_restr.dev_ideal 
_refine_ls_restr.dev_ideal_target 
_refine_ls_restr.number 
_refine_ls_restr.rejects 
_refine_ls_restr.type 
_refine_ls_restr.weight 
_refine_ls_restr.pdbx_restraint_function 
'X-RAY DIFFRACTION' ? 0.013  0.013  884  ? r_bond_refined_d             ? ? 
'X-RAY DIFFRACTION' ? 0.035  0.015  853  ? r_bond_other_d               ? ? 
'X-RAY DIFFRACTION' ? 1.801  1.649  1201 ? r_angle_refined_deg          ? ? 
'X-RAY DIFFRACTION' ? 2.480  1.577  1963 ? r_angle_other_deg            ? ? 
'X-RAY DIFFRACTION' ? 6.557  5.000  114  ? r_dihedral_angle_1_deg       ? ? 
'X-RAY DIFFRACTION' ? 28.753 21.538 39   ? r_dihedral_angle_2_deg       ? ? 
'X-RAY DIFFRACTION' ? 10.139 15.000 141  ? r_dihedral_angle_3_deg       ? ? 
'X-RAY DIFFRACTION' ? 21.103 15.000 6    ? r_dihedral_angle_4_deg       ? ? 
'X-RAY DIFFRACTION' ? 0.097  0.200  121  ? r_chiral_restr               ? ? 
'X-RAY DIFFRACTION' ? 0.010  0.020  996  ? r_gen_planes_refined         ? ? 
'X-RAY DIFFRACTION' ? 0.014  0.020  192  ? r_gen_planes_other           ? ? 
'X-RAY DIFFRACTION' ? ?      ?      ?    ? r_nbd_refined                ? ? 
'X-RAY DIFFRACTION' ? ?      ?      ?    ? r_nbd_other                  ? ? 
'X-RAY DIFFRACTION' ? ?      ?      ?    ? r_nbtor_refined              ? ? 
'X-RAY DIFFRACTION' ? ?      ?      ?    ? r_nbtor_other                ? ? 
'X-RAY DIFFRACTION' ? ?      ?      ?    ? r_xyhbond_nbd_refined        ? ? 
'X-RAY DIFFRACTION' ? ?      ?      ?    ? r_xyhbond_nbd_other          ? ? 
'X-RAY DIFFRACTION' ? ?      ?      ?    ? r_metal_ion_refined          ? ? 
'X-RAY DIFFRACTION' ? ?      ?      ?    ? r_metal_ion_other            ? ? 
'X-RAY DIFFRACTION' ? ?      ?      ?    ? r_symmetry_vdw_refined       ? ? 
'X-RAY DIFFRACTION' ? ?      ?      ?    ? r_symmetry_vdw_other         ? ? 
'X-RAY DIFFRACTION' ? ?      ?      ?    ? r_symmetry_hbond_refined     ? ? 
'X-RAY DIFFRACTION' ? ?      ?      ?    ? r_symmetry_hbond_other       ? ? 
'X-RAY DIFFRACTION' ? ?      ?      ?    ? r_symmetry_metal_ion_refined ? ? 
'X-RAY DIFFRACTION' ? ?      ?      ?    ? r_symmetry_metal_ion_other   ? ? 
'X-RAY DIFFRACTION' ? 0.819  0.839  459  ? r_mcbond_it                  ? ? 
'X-RAY DIFFRACTION' ? 0.787  0.837  458  ? r_mcbond_other               ? ? 
'X-RAY DIFFRACTION' ? 1.217  1.261  572  ? r_mcangle_it                 ? ? 
'X-RAY DIFFRACTION' ? 1.226  1.262  573  ? r_mcangle_other              ? ? 
'X-RAY DIFFRACTION' ? 1.691  0.994  425  ? r_scbond_it                  ? ? 
'X-RAY DIFFRACTION' ? 1.685  0.991  423  ? r_scbond_other               ? ? 
'X-RAY DIFFRACTION' ? ?      ?      ?    ? r_scangle_it                 ? ? 
'X-RAY DIFFRACTION' ? 2.442  1.432  629  ? r_scangle_other              ? ? 
'X-RAY DIFFRACTION' ? 3.627  12.322 990  ? r_long_range_B_refined       ? ? 
'X-RAY DIFFRACTION' ? 3.278  10.877 933  ? r_long_range_B_other         ? ? 
'X-RAY DIFFRACTION' ? ?      ?      ?    ? r_rigid_bond_restr           ? ? 
'X-RAY DIFFRACTION' ? ?      ?      ?    ? r_sphericity_free            ? ? 
'X-RAY DIFFRACTION' ? ?      ?      ?    ? r_sphericity_bonded          ? ? 
# 
_refine_ls_shell.pdbx_refine_id                   'X-RAY DIFFRACTION' 
_refine_ls_shell.d_res_high                       1.35 
_refine_ls_shell.d_res_low                        1.39 
_refine_ls_shell.number_reflns_all                ? 
_refine_ls_shell.number_reflns_obs                ? 
_refine_ls_shell.number_reflns_R_free             90 
_refine_ls_shell.number_reflns_R_work             1444 
_refine_ls_shell.percent_reflns_obs               95.40 
_refine_ls_shell.percent_reflns_R_free            ? 
_refine_ls_shell.R_factor_all                     ? 
_refine_ls_shell.R_factor_obs                     ? 
_refine_ls_shell.R_factor_R_free_error            ? 
_refine_ls_shell.R_factor_R_work                  0.2100 
_refine_ls_shell.redundancy_reflns_all            ? 
_refine_ls_shell.redundancy_reflns_obs            ? 
_refine_ls_shell.wR_factor_all                    ? 
_refine_ls_shell.wR_factor_obs                    ? 
_refine_ls_shell.wR_factor_R_free                 ? 
_refine_ls_shell.wR_factor_R_work                 ? 
_refine_ls_shell.pdbx_R_complete                  ? 
_refine_ls_shell.pdbx_total_number_of_bins_used   20 
_refine_ls_shell.pdbx_phase_error                 ? 
_refine_ls_shell.pdbx_fsc_work                    ? 
_refine_ls_shell.pdbx_fsc_free                    ? 
_refine_ls_shell.R_factor_R_free                  0.2270 
# 
_struct.entry_id                     8VFO 
_struct.title                        'Crystal Structure of L117G Variant of D-Dopachrome Tautomerase (D-DT)' 
_struct.pdbx_model_details           ? 
_struct.pdbx_formula_weight          ? 
_struct.pdbx_formula_weight_method   ? 
_struct.pdbx_model_type_details      ? 
_struct.pdbx_CASP_flag               N 
# 
_struct_keywords.entry_id        8VFO 
_struct_keywords.text            'Truncation, Enzyme, Cytokine, ISOMERASE' 
_struct_keywords.pdbx_keywords   ISOMERASE 
# 
loop_
_struct_asym.id 
_struct_asym.pdbx_blank_PDB_chainid_flag 
_struct_asym.pdbx_modified 
_struct_asym.entity_id 
_struct_asym.details 
A N N 1 ? 
B N N 2 ? 
C N N 3 ? 
# 
_struct_ref.id                         1 
_struct_ref.db_name                    UNP 
_struct_ref.db_code                    DOPD_HUMAN 
_struct_ref.pdbx_db_accession          P30046 
_struct_ref.pdbx_db_isoform            ? 
_struct_ref.entity_id                  1 
_struct_ref.pdbx_seq_one_letter_code   
;PFLELDTNLPANRVPAGLEKRLCAAAASILGKPADRVNVTVRPGLAMALSGSTEPCAQLSISSIGVVGTAEDNRSHSAHF
FEFLTKELALGQDRILIRFFPLESWQIGKIGTVMTFL
;
_struct_ref.pdbx_align_begin           2 
# 
_struct_ref_seq.align_id                      1 
_struct_ref_seq.ref_id                        1 
_struct_ref_seq.pdbx_PDB_id_code              8VFO 
_struct_ref_seq.pdbx_strand_id                A 
_struct_ref_seq.seq_align_beg                 1 
_struct_ref_seq.pdbx_seq_align_beg_ins_code   ? 
_struct_ref_seq.seq_align_end                 117 
_struct_ref_seq.pdbx_seq_align_end_ins_code   ? 
_struct_ref_seq.pdbx_db_accession             P30046 
_struct_ref_seq.db_align_beg                  2 
_struct_ref_seq.pdbx_db_align_beg_ins_code    ? 
_struct_ref_seq.db_align_end                  118 
_struct_ref_seq.pdbx_db_align_end_ins_code    ? 
_struct_ref_seq.pdbx_auth_seq_align_beg       1 
_struct_ref_seq.pdbx_auth_seq_align_end       117 
# 
_struct_ref_seq_dif.align_id                     1 
_struct_ref_seq_dif.pdbx_pdb_id_code             8VFO 
_struct_ref_seq_dif.mon_id                       GLY 
_struct_ref_seq_dif.pdbx_pdb_strand_id           A 
_struct_ref_seq_dif.seq_num                      117 
_struct_ref_seq_dif.pdbx_pdb_ins_code            ? 
_struct_ref_seq_dif.pdbx_seq_db_name             UNP 
_struct_ref_seq_dif.pdbx_seq_db_accession_code   P30046 
_struct_ref_seq_dif.db_mon_id                    LEU 
_struct_ref_seq_dif.pdbx_seq_db_seq_num          118 
_struct_ref_seq_dif.details                      'engineered mutation' 
_struct_ref_seq_dif.pdbx_auth_seq_num            117 
_struct_ref_seq_dif.pdbx_ordinal                 1 
# 
_pdbx_struct_assembly.id                   1 
_pdbx_struct_assembly.details              author_and_software_defined_assembly 
_pdbx_struct_assembly.method_details       PISA 
_pdbx_struct_assembly.oligomeric_details   trimeric 
_pdbx_struct_assembly.oligomeric_count     3 
# 
loop_
_pdbx_struct_assembly_prop.biol_id 
_pdbx_struct_assembly_prop.type 
_pdbx_struct_assembly_prop.value 
_pdbx_struct_assembly_prop.details 
1 'ABSA (A^2)' 7730  ? 
1 MORE         -27   ? 
1 'SSA (A^2)'  13020 ? 
# 
_pdbx_struct_assembly_gen.assembly_id       1 
_pdbx_struct_assembly_gen.oper_expression   1,2,3 
_pdbx_struct_assembly_gen.asym_id_list      A,B,C 
# 
loop_
_pdbx_struct_oper_list.id 
_pdbx_struct_oper_list.type 
_pdbx_struct_oper_list.name 
_pdbx_struct_oper_list.symmetry_operation 
_pdbx_struct_oper_list.matrix[1][1] 
_pdbx_struct_oper_list.matrix[1][2] 
_pdbx_struct_oper_list.matrix[1][3] 
_pdbx_struct_oper_list.vector[1] 
_pdbx_struct_oper_list.matrix[2][1] 
_pdbx_struct_oper_list.matrix[2][2] 
_pdbx_struct_oper_list.matrix[2][3] 
_pdbx_struct_oper_list.vector[2] 
_pdbx_struct_oper_list.matrix[3][1] 
_pdbx_struct_oper_list.matrix[3][2] 
_pdbx_struct_oper_list.matrix[3][3] 
_pdbx_struct_oper_list.vector[3] 
1 'identity operation'       1_555 x,y,z 1.0           0.0           0.0         0.0      0.0           1.0           0.0         0.0      0.0         0.0         1.0        0.0      
2 'point symmetry operation' ?     ?     -0.4990430143 0.8054462738  0.31970669  13.67516 -0.7744487294 -0.2489910963 -0.58157768 13.68041 -0.38882546 -0.53782872 0.74803411 6.51390  
3 'point symmetry operation' ?     ?     -0.4990430143 -0.7744487294 -0.38882546 19.95204 0.8054462738  -0.2489910963 -0.53782872 -4.10494 0.31970669  -0.58157768 0.74803411 -1.28844 
# 
loop_
_struct_conf.conf_type_id 
_struct_conf.id 
_struct_conf.pdbx_PDB_helix_id 
_struct_conf.beg_label_comp_id 
_struct_conf.beg_label_asym_id 
_struct_conf.beg_label_seq_id 
_struct_conf.pdbx_beg_PDB_ins_code 
_struct_conf.end_label_comp_id 
_struct_conf.end_label_asym_id 
_struct_conf.end_label_seq_id 
_struct_conf.pdbx_end_PDB_ins_code 
_struct_conf.beg_auth_comp_id 
_struct_conf.beg_auth_asym_id 
_struct_conf.beg_auth_seq_id 
_struct_conf.end_auth_comp_id 
_struct_conf.end_auth_asym_id 
_struct_conf.end_auth_seq_id 
_struct_conf.pdbx_PDB_helix_class 
_struct_conf.details 
_struct_conf.pdbx_PDB_helix_length 
HELX_P HELX_P1 AA1 PRO A 10  ? VAL A 14  ? PRO A 10  VAL A 14  5 ? 5  
HELX_P HELX_P2 AA2 GLY A 17  ? GLY A 31  ? GLY A 17  GLY A 31  1 ? 15 
HELX_P HELX_P3 AA3 PRO A 33  ? VAL A 37  ? PRO A 33  VAL A 37  5 ? 5  
HELX_P HELX_P4 AA4 THR A 69  ? ALA A 89  ? THR A 69  ALA A 89  1 ? 21 
HELX_P HELX_P5 AA5 GLY A 91  ? ASP A 93  ? GLY A 91  ASP A 93  5 ? 3  
HELX_P HELX_P6 AA6 GLU A 103 ? GLN A 106 ? GLU A 103 GLN A 106 5 ? 4  
# 
_struct_conf_type.id          HELX_P 
_struct_conf_type.criteria    ? 
_struct_conf_type.reference   ? 
# 
loop_
_struct_sheet.id 
_struct_sheet.type 
_struct_sheet.number_strands 
_struct_sheet.details 
AA1 ? 4 ? 
AA2 ? 2 ? 
# 
loop_
_struct_sheet_order.sheet_id 
_struct_sheet_order.range_id_1 
_struct_sheet_order.range_id_2 
_struct_sheet_order.offset 
_struct_sheet_order.sense 
AA1 1 2 ? parallel      
AA1 2 3 ? anti-parallel 
AA1 3 4 ? parallel      
AA2 1 2 ? anti-parallel 
# 
loop_
_struct_sheet_range.sheet_id 
_struct_sheet_range.id 
_struct_sheet_range.beg_label_comp_id 
_struct_sheet_range.beg_label_asym_id 
_struct_sheet_range.beg_label_seq_id 
_struct_sheet_range.pdbx_beg_PDB_ins_code 
_struct_sheet_range.end_label_comp_id 
_struct_sheet_range.end_label_asym_id 
_struct_sheet_range.end_label_seq_id 
_struct_sheet_range.pdbx_end_PDB_ins_code 
_struct_sheet_range.beg_auth_comp_id 
_struct_sheet_range.beg_auth_asym_id 
_struct_sheet_range.beg_auth_seq_id 
_struct_sheet_range.end_auth_comp_id 
_struct_sheet_range.end_auth_asym_id 
_struct_sheet_range.end_auth_seq_id 
AA1 1 ASN A 38  ? ARG A 42  ? ASN A 38  ARG A 42  
AA1 2 PHE A 2   ? THR A 7   ? PHE A 2   THR A 7   
AA1 3 ALA A 57  ? SER A 63  ? ALA A 57  SER A 63  
AA1 4 ILE A 95  ? PRO A 101 ? ILE A 95  PRO A 101 
AA2 1 GLY A 108 ? LYS A 109 ? GLY A 108 LYS A 109 
AA2 2 THR A 112 ? VAL A 113 ? THR A 112 VAL A 113 
# 
loop_
_pdbx_struct_sheet_hbond.sheet_id 
_pdbx_struct_sheet_hbond.range_id_1 
_pdbx_struct_sheet_hbond.range_id_2 
_pdbx_struct_sheet_hbond.range_1_label_atom_id 
_pdbx_struct_sheet_hbond.range_1_label_comp_id 
_pdbx_struct_sheet_hbond.range_1_label_asym_id 
_pdbx_struct_sheet_hbond.range_1_label_seq_id 
_pdbx_struct_sheet_hbond.range_1_PDB_ins_code 
_pdbx_struct_sheet_hbond.range_1_auth_atom_id 
_pdbx_struct_sheet_hbond.range_1_auth_comp_id 
_pdbx_struct_sheet_hbond.range_1_auth_asym_id 
_pdbx_struct_sheet_hbond.range_1_auth_seq_id 
_pdbx_struct_sheet_hbond.range_2_label_atom_id 
_pdbx_struct_sheet_hbond.range_2_label_comp_id 
_pdbx_struct_sheet_hbond.range_2_label_asym_id 
_pdbx_struct_sheet_hbond.range_2_label_seq_id 
_pdbx_struct_sheet_hbond.range_2_PDB_ins_code 
_pdbx_struct_sheet_hbond.range_2_auth_atom_id 
_pdbx_struct_sheet_hbond.range_2_auth_comp_id 
_pdbx_struct_sheet_hbond.range_2_auth_asym_id 
_pdbx_struct_sheet_hbond.range_2_auth_seq_id 
AA1 1 2 O ARG A 42  ? O ARG A 42  N LEU A 5   ? N LEU A 5   
AA1 2 3 N PHE A 2   ? N PHE A 2   O SER A 62  ? O SER A 62  
AA1 3 4 N LEU A 59  ? N LEU A 59  O LEU A 96  ? O LEU A 96  
AA2 1 2 N LYS A 109 ? N LYS A 109 O THR A 112 ? O THR A 112 
# 
_pdbx_entry_details.entry_id                   8VFO 
_pdbx_entry_details.nonpolymer_details         ? 
_pdbx_entry_details.sequence_details           ? 
_pdbx_entry_details.compound_details           ? 
_pdbx_entry_details.source_details             ? 
_pdbx_entry_details.has_ligand_of_interest     N 
_pdbx_entry_details.has_protein_modification   ? 
# 
loop_
_pdbx_unobs_or_zero_occ_residues.id 
_pdbx_unobs_or_zero_occ_residues.PDB_model_num 
_pdbx_unobs_or_zero_occ_residues.polymer_flag 
_pdbx_unobs_or_zero_occ_residues.occupancy_flag 
_pdbx_unobs_or_zero_occ_residues.auth_asym_id 
_pdbx_unobs_or_zero_occ_residues.auth_comp_id 
_pdbx_unobs_or_zero_occ_residues.auth_seq_id 
_pdbx_unobs_or_zero_occ_residues.PDB_ins_code 
_pdbx_unobs_or_zero_occ_residues.label_asym_id 
_pdbx_unobs_or_zero_occ_residues.label_comp_id 
_pdbx_unobs_or_zero_occ_residues.label_seq_id 
1 1 Y 1 A PHE 116 ? A PHE 116 
2 1 Y 1 A GLY 117 ? A GLY 117 
# 
loop_
_chem_comp_atom.comp_id 
_chem_comp_atom.atom_id 
_chem_comp_atom.type_symbol 
_chem_comp_atom.pdbx_aromatic_flag 
_chem_comp_atom.pdbx_stereo_config 
_chem_comp_atom.pdbx_ordinal 
ALA N    N N N 1   
ALA CA   C N S 2   
ALA C    C N N 3   
ALA O    O N N 4   
ALA CB   C N N 5   
ALA OXT  O N N 6   
ALA H    H N N 7   
ALA H2   H N N 8   
ALA HA   H N N 9   
ALA HB1  H N N 10  
ALA HB2  H N N 11  
ALA HB3  H N N 12  
ALA HXT  H N N 13  
ARG N    N N N 14  
ARG CA   C N S 15  
ARG C    C N N 16  
ARG O    O N N 17  
ARG CB   C N N 18  
ARG CG   C N N 19  
ARG CD   C N N 20  
ARG NE   N N N 21  
ARG CZ   C N N 22  
ARG NH1  N N N 23  
ARG NH2  N N N 24  
ARG OXT  O N N 25  
ARG H    H N N 26  
ARG H2   H N N 27  
ARG HA   H N N 28  
ARG HB2  H N N 29  
ARG HB3  H N N 30  
ARG HG2  H N N 31  
ARG HG3  H N N 32  
ARG HD2  H N N 33  
ARG HD3  H N N 34  
ARG HE   H N N 35  
ARG HH11 H N N 36  
ARG HH12 H N N 37  
ARG HH21 H N N 38  
ARG HH22 H N N 39  
ARG HXT  H N N 40  
ASN N    N N N 41  
ASN CA   C N S 42  
ASN C    C N N 43  
ASN O    O N N 44  
ASN CB   C N N 45  
ASN CG   C N N 46  
ASN OD1  O N N 47  
ASN ND2  N N N 48  
ASN OXT  O N N 49  
ASN H    H N N 50  
ASN H2   H N N 51  
ASN HA   H N N 52  
ASN HB2  H N N 53  
ASN HB3  H N N 54  
ASN HD21 H N N 55  
ASN HD22 H N N 56  
ASN HXT  H N N 57  
ASP N    N N N 58  
ASP CA   C N S 59  
ASP C    C N N 60  
ASP O    O N N 61  
ASP CB   C N N 62  
ASP CG   C N N 63  
ASP OD1  O N N 64  
ASP OD2  O N N 65  
ASP OXT  O N N 66  
ASP H    H N N 67  
ASP H2   H N N 68  
ASP HA   H N N 69  
ASP HB2  H N N 70  
ASP HB3  H N N 71  
ASP HD2  H N N 72  
ASP HXT  H N N 73  
CIT C1   C N N 74  
CIT O1   O N N 75  
CIT O2   O N N 76  
CIT C2   C N N 77  
CIT C3   C N N 78  
CIT O7   O N N 79  
CIT C4   C N N 80  
CIT C5   C N N 81  
CIT O3   O N N 82  
CIT O4   O N N 83  
CIT C6   C N N 84  
CIT O5   O N N 85  
CIT O6   O N N 86  
CIT HO2  H N N 87  
CIT H21  H N N 88  
CIT H22  H N N 89  
CIT HO7  H N N 90  
CIT H41  H N N 91  
CIT H42  H N N 92  
CIT HO4  H N N 93  
CIT HO6  H N N 94  
CYS N    N N N 95  
CYS CA   C N R 96  
CYS C    C N N 97  
CYS O    O N N 98  
CYS CB   C N N 99  
CYS SG   S N N 100 
CYS OXT  O N N 101 
CYS H    H N N 102 
CYS H2   H N N 103 
CYS HA   H N N 104 
CYS HB2  H N N 105 
CYS HB3  H N N 106 
CYS HG   H N N 107 
CYS HXT  H N N 108 
GLN N    N N N 109 
GLN CA   C N S 110 
GLN C    C N N 111 
GLN O    O N N 112 
GLN CB   C N N 113 
GLN CG   C N N 114 
GLN CD   C N N 115 
GLN OE1  O N N 116 
GLN NE2  N N N 117 
GLN OXT  O N N 118 
GLN H    H N N 119 
GLN H2   H N N 120 
GLN HA   H N N 121 
GLN HB2  H N N 122 
GLN HB3  H N N 123 
GLN HG2  H N N 124 
GLN HG3  H N N 125 
GLN HE21 H N N 126 
GLN HE22 H N N 127 
GLN HXT  H N N 128 
GLU N    N N N 129 
GLU CA   C N S 130 
GLU C    C N N 131 
GLU O    O N N 132 
GLU CB   C N N 133 
GLU CG   C N N 134 
GLU CD   C N N 135 
GLU OE1  O N N 136 
GLU OE2  O N N 137 
GLU OXT  O N N 138 
GLU H    H N N 139 
GLU H2   H N N 140 
GLU HA   H N N 141 
GLU HB2  H N N 142 
GLU HB3  H N N 143 
GLU HG2  H N N 144 
GLU HG3  H N N 145 
GLU HE2  H N N 146 
GLU HXT  H N N 147 
GLY N    N N N 148 
GLY CA   C N N 149 
GLY C    C N N 150 
GLY O    O N N 151 
GLY OXT  O N N 152 
GLY H    H N N 153 
GLY H2   H N N 154 
GLY HA2  H N N 155 
GLY HA3  H N N 156 
GLY HXT  H N N 157 
HIS N    N N N 158 
HIS CA   C N S 159 
HIS C    C N N 160 
HIS O    O N N 161 
HIS CB   C N N 162 
HIS CG   C Y N 163 
HIS ND1  N Y N 164 
HIS CD2  C Y N 165 
HIS CE1  C Y N 166 
HIS NE2  N Y N 167 
HIS OXT  O N N 168 
HIS H    H N N 169 
HIS H2   H N N 170 
HIS HA   H N N 171 
HIS HB2  H N N 172 
HIS HB3  H N N 173 
HIS HD1  H N N 174 
HIS HD2  H N N 175 
HIS HE1  H N N 176 
HIS HE2  H N N 177 
HIS HXT  H N N 178 
HOH O    O N N 179 
HOH H1   H N N 180 
HOH H2   H N N 181 
ILE N    N N N 182 
ILE CA   C N S 183 
ILE C    C N N 184 
ILE O    O N N 185 
ILE CB   C N S 186 
ILE CG1  C N N 187 
ILE CG2  C N N 188 
ILE CD1  C N N 189 
ILE OXT  O N N 190 
ILE H    H N N 191 
ILE H2   H N N 192 
ILE HA   H N N 193 
ILE HB   H N N 194 
ILE HG12 H N N 195 
ILE HG13 H N N 196 
ILE HG21 H N N 197 
ILE HG22 H N N 198 
ILE HG23 H N N 199 
ILE HD11 H N N 200 
ILE HD12 H N N 201 
ILE HD13 H N N 202 
ILE HXT  H N N 203 
LEU N    N N N 204 
LEU CA   C N S 205 
LEU C    C N N 206 
LEU O    O N N 207 
LEU CB   C N N 208 
LEU CG   C N N 209 
LEU CD1  C N N 210 
LEU CD2  C N N 211 
LEU OXT  O N N 212 
LEU H    H N N 213 
LEU H2   H N N 214 
LEU HA   H N N 215 
LEU HB2  H N N 216 
LEU HB3  H N N 217 
LEU HG   H N N 218 
LEU HD11 H N N 219 
LEU HD12 H N N 220 
LEU HD13 H N N 221 
LEU HD21 H N N 222 
LEU HD22 H N N 223 
LEU HD23 H N N 224 
LEU HXT  H N N 225 
LYS N    N N N 226 
LYS CA   C N S 227 
LYS C    C N N 228 
LYS O    O N N 229 
LYS CB   C N N 230 
LYS CG   C N N 231 
LYS CD   C N N 232 
LYS CE   C N N 233 
LYS NZ   N N N 234 
LYS OXT  O N N 235 
LYS H    H N N 236 
LYS H2   H N N 237 
LYS HA   H N N 238 
LYS HB2  H N N 239 
LYS HB3  H N N 240 
LYS HG2  H N N 241 
LYS HG3  H N N 242 
LYS HD2  H N N 243 
LYS HD3  H N N 244 
LYS HE2  H N N 245 
LYS HE3  H N N 246 
LYS HZ1  H N N 247 
LYS HZ2  H N N 248 
LYS HZ3  H N N 249 
LYS HXT  H N N 250 
MET N    N N N 251 
MET CA   C N S 252 
MET C    C N N 253 
MET O    O N N 254 
MET CB   C N N 255 
MET CG   C N N 256 
MET SD   S N N 257 
MET CE   C N N 258 
MET OXT  O N N 259 
MET H    H N N 260 
MET H2   H N N 261 
MET HA   H N N 262 
MET HB2  H N N 263 
MET HB3  H N N 264 
MET HG2  H N N 265 
MET HG3  H N N 266 
MET HE1  H N N 267 
MET HE2  H N N 268 
MET HE3  H N N 269 
MET HXT  H N N 270 
PHE N    N N N 271 
PHE CA   C N S 272 
PHE C    C N N 273 
PHE O    O N N 274 
PHE CB   C N N 275 
PHE CG   C Y N 276 
PHE CD1  C Y N 277 
PHE CD2  C Y N 278 
PHE CE1  C Y N 279 
PHE CE2  C Y N 280 
PHE CZ   C Y N 281 
PHE OXT  O N N 282 
PHE H    H N N 283 
PHE H2   H N N 284 
PHE HA   H N N 285 
PHE HB2  H N N 286 
PHE HB3  H N N 287 
PHE HD1  H N N 288 
PHE HD2  H N N 289 
PHE HE1  H N N 290 
PHE HE2  H N N 291 
PHE HZ   H N N 292 
PHE HXT  H N N 293 
PRO N    N N N 294 
PRO CA   C N S 295 
PRO C    C N N 296 
PRO O    O N N 297 
PRO CB   C N N 298 
PRO CG   C N N 299 
PRO CD   C N N 300 
PRO OXT  O N N 301 
PRO H    H N N 302 
PRO HA   H N N 303 
PRO HB2  H N N 304 
PRO HB3  H N N 305 
PRO HG2  H N N 306 
PRO HG3  H N N 307 
PRO HD2  H N N 308 
PRO HD3  H N N 309 
PRO HXT  H N N 310 
SER N    N N N 311 
SER CA   C N S 312 
SER C    C N N 313 
SER O    O N N 314 
SER CB   C N N 315 
SER OG   O N N 316 
SER OXT  O N N 317 
SER H    H N N 318 
SER H2   H N N 319 
SER HA   H N N 320 
SER HB2  H N N 321 
SER HB3  H N N 322 
SER HG   H N N 323 
SER HXT  H N N 324 
THR N    N N N 325 
THR CA   C N S 326 
THR C    C N N 327 
THR O    O N N 328 
THR CB   C N R 329 
THR OG1  O N N 330 
THR CG2  C N N 331 
THR OXT  O N N 332 
THR H    H N N 333 
THR H2   H N N 334 
THR HA   H N N 335 
THR HB   H N N 336 
THR HG1  H N N 337 
THR HG21 H N N 338 
THR HG22 H N N 339 
THR HG23 H N N 340 
THR HXT  H N N 341 
TRP N    N N N 342 
TRP CA   C N S 343 
TRP C    C N N 344 
TRP O    O N N 345 
TRP CB   C N N 346 
TRP CG   C Y N 347 
TRP CD1  C Y N 348 
TRP CD2  C Y N 349 
TRP NE1  N Y N 350 
TRP CE2  C Y N 351 
TRP CE3  C Y N 352 
TRP CZ2  C Y N 353 
TRP CZ3  C Y N 354 
TRP CH2  C Y N 355 
TRP OXT  O N N 356 
TRP H    H N N 357 
TRP H2   H N N 358 
TRP HA   H N N 359 
TRP HB2  H N N 360 
TRP HB3  H N N 361 
TRP HD1  H N N 362 
TRP HE1  H N N 363 
TRP HE3  H N N 364 
TRP HZ2  H N N 365 
TRP HZ3  H N N 366 
TRP HH2  H N N 367 
TRP HXT  H N N 368 
VAL N    N N N 369 
VAL CA   C N S 370 
VAL C    C N N 371 
VAL O    O N N 372 
VAL CB   C N N 373 
VAL CG1  C N N 374 
VAL CG2  C N N 375 
VAL OXT  O N N 376 
VAL H    H N N 377 
VAL H2   H N N 378 
VAL HA   H N N 379 
VAL HB   H N N 380 
VAL HG11 H N N 381 
VAL HG12 H N N 382 
VAL HG13 H N N 383 
VAL HG21 H N N 384 
VAL HG22 H N N 385 
VAL HG23 H N N 386 
VAL HXT  H N N 387 
# 
loop_
_chem_comp_bond.comp_id 
_chem_comp_bond.atom_id_1 
_chem_comp_bond.atom_id_2 
_chem_comp_bond.value_order 
_chem_comp_bond.pdbx_aromatic_flag 
_chem_comp_bond.pdbx_stereo_config 
_chem_comp_bond.pdbx_ordinal 
ALA N   CA   sing N N 1   
ALA N   H    sing N N 2   
ALA N   H2   sing N N 3   
ALA CA  C    sing N N 4   
ALA CA  CB   sing N N 5   
ALA CA  HA   sing N N 6   
ALA C   O    doub N N 7   
ALA C   OXT  sing N N 8   
ALA CB  HB1  sing N N 9   
ALA CB  HB2  sing N N 10  
ALA CB  HB3  sing N N 11  
ALA OXT HXT  sing N N 12  
ARG N   CA   sing N N 13  
ARG N   H    sing N N 14  
ARG N   H2   sing N N 15  
ARG CA  C    sing N N 16  
ARG CA  CB   sing N N 17  
ARG CA  HA   sing N N 18  
ARG C   O    doub N N 19  
ARG C   OXT  sing N N 20  
ARG CB  CG   sing N N 21  
ARG CB  HB2  sing N N 22  
ARG CB  HB3  sing N N 23  
ARG CG  CD   sing N N 24  
ARG CG  HG2  sing N N 25  
ARG CG  HG3  sing N N 26  
ARG CD  NE   sing N N 27  
ARG CD  HD2  sing N N 28  
ARG CD  HD3  sing N N 29  
ARG NE  CZ   sing N N 30  
ARG NE  HE   sing N N 31  
ARG CZ  NH1  sing N N 32  
ARG CZ  NH2  doub N N 33  
ARG NH1 HH11 sing N N 34  
ARG NH1 HH12 sing N N 35  
ARG NH2 HH21 sing N N 36  
ARG NH2 HH22 sing N N 37  
ARG OXT HXT  sing N N 38  
ASN N   CA   sing N N 39  
ASN N   H    sing N N 40  
ASN N   H2   sing N N 41  
ASN CA  C    sing N N 42  
ASN CA  CB   sing N N 43  
ASN CA  HA   sing N N 44  
ASN C   O    doub N N 45  
ASN C   OXT  sing N N 46  
ASN CB  CG   sing N N 47  
ASN CB  HB2  sing N N 48  
ASN CB  HB3  sing N N 49  
ASN CG  OD1  doub N N 50  
ASN CG  ND2  sing N N 51  
ASN ND2 HD21 sing N N 52  
ASN ND2 HD22 sing N N 53  
ASN OXT HXT  sing N N 54  
ASP N   CA   sing N N 55  
ASP N   H    sing N N 56  
ASP N   H2   sing N N 57  
ASP CA  C    sing N N 58  
ASP CA  CB   sing N N 59  
ASP CA  HA   sing N N 60  
ASP C   O    doub N N 61  
ASP C   OXT  sing N N 62  
ASP CB  CG   sing N N 63  
ASP CB  HB2  sing N N 64  
ASP CB  HB3  sing N N 65  
ASP CG  OD1  doub N N 66  
ASP CG  OD2  sing N N 67  
ASP OD2 HD2  sing N N 68  
ASP OXT HXT  sing N N 69  
CIT C1  O1   doub N N 70  
CIT C1  O2   sing N N 71  
CIT C1  C2   sing N N 72  
CIT O2  HO2  sing N N 73  
CIT C2  C3   sing N N 74  
CIT C2  H21  sing N N 75  
CIT C2  H22  sing N N 76  
CIT C3  O7   sing N N 77  
CIT C3  C4   sing N N 78  
CIT C3  C6   sing N N 79  
CIT O7  HO7  sing N N 80  
CIT C4  C5   sing N N 81  
CIT C4  H41  sing N N 82  
CIT C4  H42  sing N N 83  
CIT C5  O3   doub N N 84  
CIT C5  O4   sing N N 85  
CIT O4  HO4  sing N N 86  
CIT C6  O5   doub N N 87  
CIT C6  O6   sing N N 88  
CIT O6  HO6  sing N N 89  
CYS N   CA   sing N N 90  
CYS N   H    sing N N 91  
CYS N   H2   sing N N 92  
CYS CA  C    sing N N 93  
CYS CA  CB   sing N N 94  
CYS CA  HA   sing N N 95  
CYS C   O    doub N N 96  
CYS C   OXT  sing N N 97  
CYS CB  SG   sing N N 98  
CYS CB  HB2  sing N N 99  
CYS CB  HB3  sing N N 100 
CYS SG  HG   sing N N 101 
CYS OXT HXT  sing N N 102 
GLN N   CA   sing N N 103 
GLN N   H    sing N N 104 
GLN N   H2   sing N N 105 
GLN CA  C    sing N N 106 
GLN CA  CB   sing N N 107 
GLN CA  HA   sing N N 108 
GLN C   O    doub N N 109 
GLN C   OXT  sing N N 110 
GLN CB  CG   sing N N 111 
GLN CB  HB2  sing N N 112 
GLN CB  HB3  sing N N 113 
GLN CG  CD   sing N N 114 
GLN CG  HG2  sing N N 115 
GLN CG  HG3  sing N N 116 
GLN CD  OE1  doub N N 117 
GLN CD  NE2  sing N N 118 
GLN NE2 HE21 sing N N 119 
GLN NE2 HE22 sing N N 120 
GLN OXT HXT  sing N N 121 
GLU N   CA   sing N N 122 
GLU N   H    sing N N 123 
GLU N   H2   sing N N 124 
GLU CA  C    sing N N 125 
GLU CA  CB   sing N N 126 
GLU CA  HA   sing N N 127 
GLU C   O    doub N N 128 
GLU C   OXT  sing N N 129 
GLU CB  CG   sing N N 130 
GLU CB  HB2  sing N N 131 
GLU CB  HB3  sing N N 132 
GLU CG  CD   sing N N 133 
GLU CG  HG2  sing N N 134 
GLU CG  HG3  sing N N 135 
GLU CD  OE1  doub N N 136 
GLU CD  OE2  sing N N 137 
GLU OE2 HE2  sing N N 138 
GLU OXT HXT  sing N N 139 
GLY N   CA   sing N N 140 
GLY N   H    sing N N 141 
GLY N   H2   sing N N 142 
GLY CA  C    sing N N 143 
GLY CA  HA2  sing N N 144 
GLY CA  HA3  sing N N 145 
GLY C   O    doub N N 146 
GLY C   OXT  sing N N 147 
GLY OXT HXT  sing N N 148 
HIS N   CA   sing N N 149 
HIS N   H    sing N N 150 
HIS N   H2   sing N N 151 
HIS CA  C    sing N N 152 
HIS CA  CB   sing N N 153 
HIS CA  HA   sing N N 154 
HIS C   O    doub N N 155 
HIS C   OXT  sing N N 156 
HIS CB  CG   sing N N 157 
HIS CB  HB2  sing N N 158 
HIS CB  HB3  sing N N 159 
HIS CG  ND1  sing Y N 160 
HIS CG  CD2  doub Y N 161 
HIS ND1 CE1  doub Y N 162 
HIS ND1 HD1  sing N N 163 
HIS CD2 NE2  sing Y N 164 
HIS CD2 HD2  sing N N 165 
HIS CE1 NE2  sing Y N 166 
HIS CE1 HE1  sing N N 167 
HIS NE2 HE2  sing N N 168 
HIS OXT HXT  sing N N 169 
HOH O   H1   sing N N 170 
HOH O   H2   sing N N 171 
ILE N   CA   sing N N 172 
ILE N   H    sing N N 173 
ILE N   H2   sing N N 174 
ILE CA  C    sing N N 175 
ILE CA  CB   sing N N 176 
ILE CA  HA   sing N N 177 
ILE C   O    doub N N 178 
ILE C   OXT  sing N N 179 
ILE CB  CG1  sing N N 180 
ILE CB  CG2  sing N N 181 
ILE CB  HB   sing N N 182 
ILE CG1 CD1  sing N N 183 
ILE CG1 HG12 sing N N 184 
ILE CG1 HG13 sing N N 185 
ILE CG2 HG21 sing N N 186 
ILE CG2 HG22 sing N N 187 
ILE CG2 HG23 sing N N 188 
ILE CD1 HD11 sing N N 189 
ILE CD1 HD12 sing N N 190 
ILE CD1 HD13 sing N N 191 
ILE OXT HXT  sing N N 192 
LEU N   CA   sing N N 193 
LEU N   H    sing N N 194 
LEU N   H2   sing N N 195 
LEU CA  C    sing N N 196 
LEU CA  CB   sing N N 197 
LEU CA  HA   sing N N 198 
LEU C   O    doub N N 199 
LEU C   OXT  sing N N 200 
LEU CB  CG   sing N N 201 
LEU CB  HB2  sing N N 202 
LEU CB  HB3  sing N N 203 
LEU CG  CD1  sing N N 204 
LEU CG  CD2  sing N N 205 
LEU CG  HG   sing N N 206 
LEU CD1 HD11 sing N N 207 
LEU CD1 HD12 sing N N 208 
LEU CD1 HD13 sing N N 209 
LEU CD2 HD21 sing N N 210 
LEU CD2 HD22 sing N N 211 
LEU CD2 HD23 sing N N 212 
LEU OXT HXT  sing N N 213 
LYS N   CA   sing N N 214 
LYS N   H    sing N N 215 
LYS N   H2   sing N N 216 
LYS CA  C    sing N N 217 
LYS CA  CB   sing N N 218 
LYS CA  HA   sing N N 219 
LYS C   O    doub N N 220 
LYS C   OXT  sing N N 221 
LYS CB  CG   sing N N 222 
LYS CB  HB2  sing N N 223 
LYS CB  HB3  sing N N 224 
LYS CG  CD   sing N N 225 
LYS CG  HG2  sing N N 226 
LYS CG  HG3  sing N N 227 
LYS CD  CE   sing N N 228 
LYS CD  HD2  sing N N 229 
LYS CD  HD3  sing N N 230 
LYS CE  NZ   sing N N 231 
LYS CE  HE2  sing N N 232 
LYS CE  HE3  sing N N 233 
LYS NZ  HZ1  sing N N 234 
LYS NZ  HZ2  sing N N 235 
LYS NZ  HZ3  sing N N 236 
LYS OXT HXT  sing N N 237 
MET N   CA   sing N N 238 
MET N   H    sing N N 239 
MET N   H2   sing N N 240 
MET CA  C    sing N N 241 
MET CA  CB   sing N N 242 
MET CA  HA   sing N N 243 
MET C   O    doub N N 244 
MET C   OXT  sing N N 245 
MET CB  CG   sing N N 246 
MET CB  HB2  sing N N 247 
MET CB  HB3  sing N N 248 
MET CG  SD   sing N N 249 
MET CG  HG2  sing N N 250 
MET CG  HG3  sing N N 251 
MET SD  CE   sing N N 252 
MET CE  HE1  sing N N 253 
MET CE  HE2  sing N N 254 
MET CE  HE3  sing N N 255 
MET OXT HXT  sing N N 256 
PHE N   CA   sing N N 257 
PHE N   H    sing N N 258 
PHE N   H2   sing N N 259 
PHE CA  C    sing N N 260 
PHE CA  CB   sing N N 261 
PHE CA  HA   sing N N 262 
PHE C   O    doub N N 263 
PHE C   OXT  sing N N 264 
PHE CB  CG   sing N N 265 
PHE CB  HB2  sing N N 266 
PHE CB  HB3  sing N N 267 
PHE CG  CD1  doub Y N 268 
PHE CG  CD2  sing Y N 269 
PHE CD1 CE1  sing Y N 270 
PHE CD1 HD1  sing N N 271 
PHE CD2 CE2  doub Y N 272 
PHE CD2 HD2  sing N N 273 
PHE CE1 CZ   doub Y N 274 
PHE CE1 HE1  sing N N 275 
PHE CE2 CZ   sing Y N 276 
PHE CE2 HE2  sing N N 277 
PHE CZ  HZ   sing N N 278 
PHE OXT HXT  sing N N 279 
PRO N   CA   sing N N 280 
PRO N   CD   sing N N 281 
PRO N   H    sing N N 282 
PRO CA  C    sing N N 283 
PRO CA  CB   sing N N 284 
PRO CA  HA   sing N N 285 
PRO C   O    doub N N 286 
PRO C   OXT  sing N N 287 
PRO CB  CG   sing N N 288 
PRO CB  HB2  sing N N 289 
PRO CB  HB3  sing N N 290 
PRO CG  CD   sing N N 291 
PRO CG  HG2  sing N N 292 
PRO CG  HG3  sing N N 293 
PRO CD  HD2  sing N N 294 
PRO CD  HD3  sing N N 295 
PRO OXT HXT  sing N N 296 
SER N   CA   sing N N 297 
SER N   H    sing N N 298 
SER N   H2   sing N N 299 
SER CA  C    sing N N 300 
SER CA  CB   sing N N 301 
SER CA  HA   sing N N 302 
SER C   O    doub N N 303 
SER C   OXT  sing N N 304 
SER CB  OG   sing N N 305 
SER CB  HB2  sing N N 306 
SER CB  HB3  sing N N 307 
SER OG  HG   sing N N 308 
SER OXT HXT  sing N N 309 
THR N   CA   sing N N 310 
THR N   H    sing N N 311 
THR N   H2   sing N N 312 
THR CA  C    sing N N 313 
THR CA  CB   sing N N 314 
THR CA  HA   sing N N 315 
THR C   O    doub N N 316 
THR C   OXT  sing N N 317 
THR CB  OG1  sing N N 318 
THR CB  CG2  sing N N 319 
THR CB  HB   sing N N 320 
THR OG1 HG1  sing N N 321 
THR CG2 HG21 sing N N 322 
THR CG2 HG22 sing N N 323 
THR CG2 HG23 sing N N 324 
THR OXT HXT  sing N N 325 
TRP N   CA   sing N N 326 
TRP N   H    sing N N 327 
TRP N   H2   sing N N 328 
TRP CA  C    sing N N 329 
TRP CA  CB   sing N N 330 
TRP CA  HA   sing N N 331 
TRP C   O    doub N N 332 
TRP C   OXT  sing N N 333 
TRP CB  CG   sing N N 334 
TRP CB  HB2  sing N N 335 
TRP CB  HB3  sing N N 336 
TRP CG  CD1  doub Y N 337 
TRP CG  CD2  sing Y N 338 
TRP CD1 NE1  sing Y N 339 
TRP CD1 HD1  sing N N 340 
TRP CD2 CE2  doub Y N 341 
TRP CD2 CE3  sing Y N 342 
TRP NE1 CE2  sing Y N 343 
TRP NE1 HE1  sing N N 344 
TRP CE2 CZ2  sing Y N 345 
TRP CE3 CZ3  doub Y N 346 
TRP CE3 HE3  sing N N 347 
TRP CZ2 CH2  doub Y N 348 
TRP CZ2 HZ2  sing N N 349 
TRP CZ3 CH2  sing Y N 350 
TRP CZ3 HZ3  sing N N 351 
TRP CH2 HH2  sing N N 352 
TRP OXT HXT  sing N N 353 
VAL N   CA   sing N N 354 
VAL N   H    sing N N 355 
VAL N   H2   sing N N 356 
VAL CA  C    sing N N 357 
VAL CA  CB   sing N N 358 
VAL CA  HA   sing N N 359 
VAL C   O    doub N N 360 
VAL C   OXT  sing N N 361 
VAL CB  CG1  sing N N 362 
VAL CB  CG2  sing N N 363 
VAL CB  HB   sing N N 364 
VAL CG1 HG11 sing N N 365 
VAL CG1 HG12 sing N N 366 
VAL CG1 HG13 sing N N 367 
VAL CG2 HG21 sing N N 368 
VAL CG2 HG22 sing N N 369 
VAL CG2 HG23 sing N N 370 
VAL OXT HXT  sing N N 371 
# 
_pdbx_audit_support.funding_organization   'Not funded' 
_pdbx_audit_support.country                ? 
_pdbx_audit_support.grant_number           ? 
_pdbx_audit_support.ordinal                1 
# 
_pdbx_initial_refinement_model.id               1 
_pdbx_initial_refinement_model.entity_id_list   ? 
_pdbx_initial_refinement_model.type             'experimental model' 
_pdbx_initial_refinement_model.source_name      PDB 
_pdbx_initial_refinement_model.accession_code   1DPT 
_pdbx_initial_refinement_model.details          ? 
# 
_atom_sites.entry_id                    8VFO 
_atom_sites.Cartn_transf_matrix[1][1]   ? 
_atom_sites.Cartn_transf_matrix[1][2]   ? 
_atom_sites.Cartn_transf_matrix[1][3]   ? 
_atom_sites.Cartn_transf_matrix[2][1]   ? 
_atom_sites.Cartn_transf_matrix[2][2]   ? 
_atom_sites.Cartn_transf_matrix[2][3]   ? 
_atom_sites.Cartn_transf_matrix[3][1]   ? 
_atom_sites.Cartn_transf_matrix[3][2]   ? 
_atom_sites.Cartn_transf_matrix[3][3]   ? 
_atom_sites.Cartn_transf_vector[1]      ? 
_atom_sites.Cartn_transf_vector[2]      ? 
_atom_sites.Cartn_transf_vector[3]      ? 
_atom_sites.Cartn_transform_axes        ? 
_atom_sites.fract_transf_matrix[1][1]   0.01318443 
_atom_sites.fract_transf_matrix[1][2]   0.00497386 
_atom_sites.fract_transf_matrix[1][3]   0.00259571 
_atom_sites.fract_transf_matrix[2][1]   0.01144029 
_atom_sites.fract_transf_matrix[2][2]   -0.00798479 
_atom_sites.fract_transf_matrix[2][3]   -0.00326413 
_atom_sites.fract_transf_matrix[3][1]   0.00062952 
_atom_sites.fract_transf_matrix[3][2]   0.01019528 
_atom_sites.fract_transf_matrix[3][3]   -0.02273358 
_atom_sites.fract_transf_vector[1]      -0.168182 
_atom_sites.fract_transf_vector[2]      -0.097063 
_atom_sites.fract_transf_vector[3]      -0.335362 
_atom_sites.solution_primary            ? 
_atom_sites.solution_secondary          ? 
_atom_sites.solution_hydrogens          ? 
_atom_sites.special_details             ? 
# 
loop_
_atom_type.symbol 
C 
N 
O 
S 
# 
loop_
_atom_site.group_PDB 
_atom_site.id 
_atom_site.type_symbol 
_atom_site.label_atom_id 
_atom_site.label_alt_id 
_atom_site.label_comp_id 
_atom_site.label_asym_id 
_atom_site.label_entity_id 
_atom_site.label_seq_id 
_atom_site.pdbx_PDB_ins_code 
_atom_site.Cartn_x 
_atom_site.Cartn_y 
_atom_site.Cartn_z 
_atom_site.occupancy 
_atom_site.B_iso_or_equiv 
_atom_site.pdbx_formal_charge 
_atom_site.auth_seq_id 
_atom_site.auth_comp_id 
_atom_site.auth_asym_id 
_atom_site.auth_atom_id 
_atom_site.pdbx_PDB_model_num 
ATOM   1    N N   . PRO A 1 1   ? 2.851   -5.926  -8.132  1.00 8.43  ? 1   PRO A N   1 
ATOM   2    C CA  . PRO A 1 1   ? 2.858   -4.619  -7.437  1.00 8.35  ? 1   PRO A CA  1 
ATOM   3    C C   . PRO A 1 1   ? 3.646   -4.720  -6.136  1.00 7.68  ? 1   PRO A C   1 
ATOM   4    O O   . PRO A 1 1   ? 3.673   -5.803  -5.565  1.00 7.38  ? 1   PRO A O   1 
ATOM   5    C CB  . PRO A 1 1   ? 1.367   -4.331  -7.104  1.00 9.72  ? 1   PRO A CB  1 
ATOM   6    C CG  . PRO A 1 1   ? 0.630   -4.955  -8.239  1.00 9.45  ? 1   PRO A CG  1 
ATOM   7    C CD  . PRO A 1 1   ? 1.460   -6.206  -8.528  1.00 8.64  ? 1   PRO A CD  1 
ATOM   8    N N   . PHE A 1 2   ? 4.141   -3.570  -5.644  1.00 7.63  ? 2   PHE A N   1 
ATOM   9    C CA  . PHE A 1 2   ? 4.885   -3.478  -4.377  1.00 6.88  ? 2   PHE A CA  1 
ATOM   10   C C   . PHE A 1 2   ? 4.178   -2.484  -3.480  1.00 7.33  ? 2   PHE A C   1 
ATOM   11   O O   . PHE A 1 2   ? 4.165   -1.306  -3.809  1.00 8.19  ? 2   PHE A O   1 
ATOM   12   C CB  . PHE A 1 2   ? 6.333   -3.025  -4.590  1.00 7.31  ? 2   PHE A CB  1 
ATOM   13   C CG  . PHE A 1 2   ? 7.188   -3.939  -5.426  1.00 7.28  ? 2   PHE A CG  1 
ATOM   14   C CD1 . PHE A 1 2   ? 7.019   -3.966  -6.794  1.00 7.91  ? 2   PHE A CD1 1 
ATOM   15   C CD2 . PHE A 1 2   ? 8.200   -4.716  -4.866  1.00 7.13  ? 2   PHE A CD2 1 
ATOM   16   C CE1 . PHE A 1 2   ? 7.798   -4.786  -7.598  1.00 8.63  ? 2   PHE A CE1 1 
ATOM   17   C CE2 . PHE A 1 2   ? 8.992   -5.526  -5.671  1.00 7.89  ? 2   PHE A CE2 1 
ATOM   18   C CZ  . PHE A 1 2   ? 8.810   -5.508  -7.039  1.00 7.55  ? 2   PHE A CZ  1 
ATOM   19   N N   . LEU A 1 3   ? 3.583   -2.971  -2.428  1.00 7.15  ? 3   LEU A N   1 
ATOM   20   C CA  . LEU A 1 3   ? 2.898   -2.122  -1.437  1.00 6.71  ? 3   LEU A CA  1 
ATOM   21   C C   . LEU A 1 3   ? 3.736   -2.086  -0.188  1.00 7.13  ? 3   LEU A C   1 
ATOM   22   O O   . LEU A 1 3   ? 4.168   -3.120  0.331   1.00 7.21  ? 3   LEU A O   1 
ATOM   23   C CB  . LEU A 1 3   ? 1.515   -2.683  -1.140  1.00 7.27  ? 3   LEU A CB  1 
ATOM   24   C CG  . LEU A 1 3   ? 0.480   -2.414  -2.208  1.00 7.93  ? 3   LEU A CG  1 
ATOM   25   C CD1 . LEU A 1 3   ? 0.593   -3.328  -3.380  1.00 9.38  ? 3   LEU A CD1 1 
ATOM   26   C CD2 . LEU A 1 3   ? -0.917  -2.512  -1.650  1.00 8.89  ? 3   LEU A CD2 1 
ATOM   27   N N   . GLU A 1 4   ? 3.902   -0.900  0.359   1.00 6.42  ? 4   GLU A N   1 
ATOM   28   C CA  . GLU A 1 4   ? 4.608   -0.724  1.636   1.00 6.87  ? 4   GLU A CA  1 
ATOM   29   C C   . GLU A 1 4   ? 3.788   0.182   2.537   1.00 6.44  ? 4   GLU A C   1 
ATOM   30   O O   . GLU A 1 4   ? 3.326   1.264   2.091   1.00 7.17  ? 4   GLU A O   1 
ATOM   31   C CB  . GLU A 1 4   ? 5.998   -0.116  1.430   1.00 7.05  ? 4   GLU A CB  1 
ATOM   32   C CG  . GLU A 1 4   ? 6.865   -0.995  0.538   1.00 8.35  ? 4   GLU A CG  1 
ATOM   33   C CD  . GLU A 1 4   ? 8.167   -0.385  0.120   1.00 10.79 ? 4   GLU A CD  1 
ATOM   34   O OE1 . GLU A 1 4   ? 8.529   0.707   0.622   1.00 10.91 ? 4   GLU A OE1 1 
ATOM   35   O OE2 . GLU A 1 4   ? 8.806   -0.992  -0.751  1.00 13.94 ? 4   GLU A OE2 1 
ATOM   36   N N   . LEU A 1 5   ? 3.573   -0.232  3.771   1.00 5.75  ? 5   LEU A N   1 
ATOM   37   C CA  . LEU A 1 5   ? 2.676   0.470   4.711   1.00 6.21  ? 5   LEU A CA  1 
ATOM   38   C C   . LEU A 1 5   ? 3.443   0.735   6.003   1.00 6.29  ? 5   LEU A C   1 
ATOM   39   O O   . LEU A 1 5   ? 3.786   -0.213  6.710   1.00 6.92  ? 5   LEU A O   1 
ATOM   40   C CB  . LEU A 1 5   ? 1.452   -0.406  4.943   1.00 6.75  ? 5   LEU A CB  1 
ATOM   41   C CG  . LEU A 1 5   ? 0.385   0.205   5.846   1.00 6.97  ? 5   LEU A CG  1 
ATOM   42   C CD1 . LEU A 1 5   ? -0.262  1.402   5.191   1.00 7.75  ? 5   LEU A CD1 1 
ATOM   43   C CD2 . LEU A 1 5   ? -0.658  -0.831  6.216   1.00 7.70  ? 5   LEU A CD2 1 
ATOM   44   N N   . ASP A 1 6   ? 3.742   1.990   6.276   1.00 5.61  ? 6   ASP A N   1 
ATOM   45   C CA  . ASP A 1 6   ? 4.299   2.453   7.563   1.00 5.63  ? 6   ASP A CA  1 
ATOM   46   C C   . ASP A 1 6   ? 3.166   2.883   8.485   1.00 5.69  ? 6   ASP A C   1 
ATOM   47   O O   . ASP A 1 6   ? 2.283   3.637   8.031   1.00 5.54  ? 6   ASP A O   1 
ATOM   48   C CB  . ASP A 1 6   ? 5.216   3.664   7.306   1.00 5.91  ? 6   ASP A CB  1 
ATOM   49   C CG  . ASP A 1 6   ? 6.563   3.348   6.665   1.00 6.27  ? 6   ASP A CG  1 
ATOM   50   O OD1 . ASP A 1 6   ? 7.202   2.312   7.017   1.00 6.72  ? 6   ASP A OD1 1 
ATOM   51   O OD2 . ASP A 1 6   ? 6.963   4.185   5.818   1.00 7.96  ? 6   ASP A OD2 1 
ATOM   52   N N   . THR A 1 7   ? 3.239   2.525   9.762   1.00 5.36  ? 7   THR A N   1 
ATOM   53   C CA  . THR A 1 7   ? 2.228   3.021   10.706  1.00 5.70  ? 7   THR A CA  1 
ATOM   54   C C   . THR A 1 7   ? 2.835   3.206   12.082  1.00 5.71  ? 7   THR A C   1 
ATOM   55   O O   . THR A 1 7   ? 3.744   2.472   12.485  1.00 6.32  ? 7   THR A O   1 
ATOM   56   C CB  . THR A 1 7   ? 0.974   2.131   10.726  1.00 5.99  ? 7   THR A CB  1 
ATOM   57   O OG1 . THR A 1 7   ? 0.007   2.714   11.604  1.00 6.32  ? 7   THR A OG1 1 
ATOM   58   C CG2 . THR A 1 7   ? 1.233   0.717   11.172  1.00 6.17  ? 7   THR A CG2 1 
ATOM   59   N N   . ASN A 1 8   ? 2.297   4.190   12.804  1.00 6.12  ? 8   ASN A N   1 
ATOM   60   C CA  . ASN A 1 8   ? 2.626   4.392   14.243  1.00 6.16  ? 8   ASN A CA  1 
ATOM   61   C C   . ASN A 1 8   ? 1.643   3.644   15.146  1.00 6.79  ? 8   ASN A C   1 
ATOM   62   O O   . ASN A 1 8   ? 1.790   3.710   16.386  1.00 7.78  ? 8   ASN A O   1 
ATOM   63   C CB  . ASN A 1 8   ? 2.732   5.862   14.592  1.00 6.62  ? 8   ASN A CB  1 
ATOM   64   C CG  . ASN A 1 8   ? 1.439   6.617   14.394  1.00 6.88  ? 8   ASN A CG  1 
ATOM   65   O OD1 . ASN A 1 8   ? 0.494   6.068   13.803  1.00 7.91  ? 8   ASN A OD1 1 
ATOM   66   N ND2 . ASN A 1 8   ? 1.415   7.862   14.849  1.00 7.75  ? 8   ASN A ND2 1 
ATOM   67   N N   . LEU A 1 9   ? 0.732   2.881   14.579  1.00 6.30  ? 9   LEU A N   1 
ATOM   68   C CA  . LEU A 1 9   ? -0.034  1.908   15.373  1.00 7.03  ? 9   LEU A CA  1 
ATOM   69   C C   . LEU A 1 9   ? 0.985   0.887   15.831  1.00 7.09  ? 9   LEU A C   1 
ATOM   70   O O   . LEU A 1 9   ? 1.783   0.402   15.056  1.00 7.58  ? 9   LEU A O   1 
ATOM   71   C CB  . LEU A 1 9   ? -1.149  1.262   14.569  1.00 7.33  ? 9   LEU A CB  1 
ATOM   72   C CG  . LEU A 1 9   ? -2.321  2.178   14.231  1.00 7.81  ? 9   LEU A CG  1 
ATOM   73   C CD1 . LEU A 1 9   ? -3.166  1.592   13.119  1.00 7.94  ? 9   LEU A CD1 1 
ATOM   74   C CD2 . LEU A 1 9   ? -3.125  2.480   15.489  1.00 8.63  ? 9   LEU A CD2 1 
ATOM   75   N N   . PRO A 1 10  ? 0.950   0.518   17.120  1.00 7.88  ? 10  PRO A N   1 
ATOM   76   C CA  . PRO A 1 10  ? 1.717   -0.642  17.580  1.00 8.43  ? 10  PRO A CA  1 
ATOM   77   C C   . PRO A 1 10  ? 1.307   -1.858  16.756  1.00 8.96  ? 10  PRO A C   1 
ATOM   78   O O   . PRO A 1 10  ? 0.155   -1.976  16.318  1.00 8.82  ? 10  PRO A O   1 
ATOM   79   C CB  . PRO A 1 10  ? 1.362   -0.739  19.058  1.00 10.19 ? 10  PRO A CB  1 
ATOM   80   C CG  . PRO A 1 10  ? 0.901   0.635   19.441  1.00 10.90 ? 10  PRO A CG  1 
ATOM   81   C CD  . PRO A 1 10  ? 0.228   1.175   18.215  1.00 9.10  ? 10  PRO A CD  1 
ATOM   82   N N   . ALA A 1 11  ? 2.202   -2.831  16.664  1.00 8.78  ? 11  ALA A N   1 
ATOM   83   C CA  . ALA A 1 11  ? 1.901   -4.104  15.971  1.00 8.80  ? 11  ALA A CA  1 
ATOM   84   C C   . ALA A 1 11  ? 0.580   -4.680  16.466  1.00 9.29  ? 11  ALA A C   1 
ATOM   85   O O   . ALA A 1 11  ? -0.201  -5.209  15.658  1.00 9.46  ? 11  ALA A O   1 
ATOM   86   C CB  . ALA A 1 11  ? 3.042   -5.114  16.084  1.00 9.63  ? 11  ALA A CB  1 
ATOM   87   N N   . ASN A 1 12  ? 0.336   -4.627  17.757  1.00 8.51  ? 12  ASN A N   1 
ATOM   88   C CA  . ASN A 1 12  ? -0.859  -5.318  18.300  1.00 8.83  ? 12  ASN A CA  1 
ATOM   89   C C   . ASN A 1 12  ? -2.128  -4.482  18.116  1.00 8.94  ? 12  ASN A C   1 
ATOM   90   O O   . ASN A 1 12  ? -3.151  -4.941  18.593  1.00 9.54  ? 12  ASN A O   1 
ATOM   91   C CB  . ASN A 1 12  ? -0.662  -5.788  19.729  1.00 10.20 ? 12  ASN A CB  1 
ATOM   92   C CG  . ASN A 1 12  ? -0.590  -4.660  20.708  1.00 10.19 ? 12  ASN A CG  1 
ATOM   93   O OD1 . ASN A 1 12  ? -0.673  -3.475  20.333  1.00 11.63 ? 12  ASN A OD1 1 
ATOM   94   N ND2 . ASN A 1 12  ? -0.584  -5.029  21.974  1.00 9.97  ? 12  ASN A ND2 1 
ATOM   95   N N   . ARG A 1 13  ? -2.091  -3.358  17.402  1.00 8.67  ? 13  ARG A N   1 
ATOM   96   C CA  . ARG A 1 13  ? -3.273  -2.575  16.976  1.00 8.99  ? 13  ARG A CA  1 
ATOM   97   C C   . ARG A 1 13  ? -3.367  -2.641  15.460  1.00 8.69  ? 13  ARG A C   1 
ATOM   98   O O   . ARG A 1 13  ? -4.162  -1.914  14.874  1.00 9.55  ? 13  ARG A O   1 
ATOM   99   C CB  . ARG A 1 13  ? -3.224  -1.141  17.490  1.00 9.54  ? 13  ARG A CB  1 
ATOM   100  C CG  . ARG A 1 13  ? -3.293  -1.049  19.006  1.00 10.51 ? 13  ARG A CG  1 
ATOM   101  C CD  . ARG A 1 13  ? -3.474  0.372   19.514  1.00 12.09 ? 13  ARG A CD  1 
ATOM   102  N NE  . ARG A 1 13  ? -3.077  0.533   20.915  1.00 14.80 ? 13  ARG A NE  1 
ATOM   103  C CZ  . ARG A 1 13  ? -3.459  1.504   21.740  1.00 16.14 ? 13  ARG A CZ  1 
ATOM   104  N NH1 . ARG A 1 13  ? -4.244  2.485   21.331  1.00 16.77 ? 13  ARG A NH1 1 
ATOM   105  N NH2 . ARG A 1 13  ? -3.071  1.449   23.006  1.00 16.68 ? 13  ARG A NH2 1 
ATOM   106  N N   . VAL A 1 14  ? -2.574  -3.458  14.814  1.00 8.10  ? 14  VAL A N   1 
ATOM   107  C CA  . VAL A 1 14  ? -2.685  -3.768  13.374  1.00 7.90  ? 14  VAL A CA  1 
ATOM   108  C C   . VAL A 1 14  ? -3.241  -5.182  13.316  1.00 8.71  ? 14  VAL A C   1 
ATOM   109  O O   . VAL A 1 14  ? -2.619  -6.141  13.770  1.00 8.75  ? 14  VAL A O   1 
ATOM   110  C CB  . VAL A 1 14  ? -1.342  -3.624  12.638  1.00 8.61  ? 14  VAL A CB  1 
ATOM   111  C CG1 . VAL A 1 14  ? -1.493  -3.914  11.145  1.00 9.07  ? 14  VAL A CG1 1 
ATOM   112  C CG2 . VAL A 1 14  ? -0.720  -2.233  12.831  1.00 8.33  ? 14  VAL A CG2 1 
ATOM   113  N N   . PRO A 1 15  ? -4.446  -5.381  12.781  1.00 8.68  ? 15  PRO A N   1 
ATOM   114  C CA  . PRO A 1 15  ? -5.138  -6.661  12.932  1.00 9.23  ? 15  PRO A CA  1 
ATOM   115  C C   . PRO A 1 15  ? -4.312  -7.778  12.287  1.00 9.22  ? 15  PRO A C   1 
ATOM   116  O O   . PRO A 1 15  ? -3.753  -7.626  11.195  1.00 9.58  ? 15  PRO A O   1 
ATOM   117  C CB  . PRO A 1 15  ? -6.486  -6.433  12.212  1.00 9.84  ? 15  PRO A CB  1 
ATOM   118  C CG  . PRO A 1 15  ? -6.190  -5.316  11.263  1.00 11.86 ? 15  PRO A CG  1 
ATOM   119  C CD  . PRO A 1 15  ? -5.209  -4.408  11.993  1.00 9.72  ? 15  PRO A CD  1 
ATOM   120  N N   . ALA A 1 16  ? -4.255  -8.916  12.967  1.00 9.93  ? 16  ALA A N   1 
ATOM   121  C CA  . ALA A 1 16  ? -3.541  -10.115 12.489  1.00 10.21 ? 16  ALA A CA  1 
ATOM   122  C C   . ALA A 1 16  ? -3.941  -10.433 11.045  1.00 9.61  ? 16  ALA A C   1 
ATOM   123  O O   . ALA A 1 16  ? -5.138  -10.371 10.739  1.00 9.81  ? 16  ALA A O   1 
ATOM   124  C CB  . ALA A 1 16  ? -3.781  -11.298 13.381  1.00 11.20 ? 16  ALA A CB  1 
ATOM   125  N N   . GLY A 1 17  ? -2.961  -10.726 10.201  1.00 9.53  ? 17  GLY A N   1 
ATOM   126  C CA  . GLY A 1 17  ? -3.252  -11.093 8.816   1.00 9.16  ? 17  GLY A CA  1 
ATOM   127  C C   . GLY A 1 17  ? -3.487  -9.904  7.884   1.00 8.54  ? 17  GLY A C   1 
ATOM   128  O O   . GLY A 1 17  ? -3.809  -10.117 6.721   1.00 8.69  ? 17  GLY A O   1 
ATOM   129  N N   . LEU A 1 18  ? -3.283  -8.672  8.341   1.00 8.22  ? 18  LEU A N   1 
ATOM   130  C CA  . LEU A 1 18  ? -3.531  -7.532  7.438   1.00 8.79  ? 18  LEU A CA  1 
ATOM   131  C C   . LEU A 1 18  ? -2.739  -7.683  6.145   1.00 9.09  ? 18  LEU A C   1 
ATOM   132  O O   . LEU A 1 18  ? -3.271  -7.345  5.075   1.00 8.40  ? 18  LEU A O   1 
ATOM   133  C CB  . LEU A 1 18  ? -3.157  -6.240  8.159   1.00 8.79  ? 18  LEU A CB  1 
ATOM   134  C CG  . LEU A 1 18  ? -3.353  -4.991  7.287   1.00 10.80 ? 18  LEU A CG  1 
ATOM   135  C CD1 . LEU A 1 18  ? -4.798  -4.791  6.857   1.00 10.92 ? 18  LEU A CD1 1 
ATOM   136  C CD2 . LEU A 1 18  ? -2.834  -3.729  7.963   1.00 13.47 ? 18  LEU A CD2 1 
ATOM   137  N N   . GLU A 1 19  ? -1.495  -8.136  6.217   1.00 8.15  ? 19  GLU A N   1 
ATOM   138  C CA  . GLU A 1 19  ? -0.656  -8.212  5.003   1.00 8.71  ? 19  GLU A CA  1 
ATOM   139  C C   . GLU A 1 19  ? -1.299  -9.149  3.992   1.00 8.43  ? 19  GLU A C   1 
ATOM   140  O O   . GLU A 1 19  ? -1.197  -8.909  2.760   1.00 8.60  ? 19  GLU A O   1 
ATOM   141  C CB  . GLU A 1 19  ? 0.799   -8.577  5.315   1.00 8.78  ? 19  GLU A CB  1 
ATOM   142  C CG  . GLU A 1 19  ? 1.082   -9.979  5.878   1.00 10.21 ? 19  GLU A CG  1 
ATOM   143  C CD  . GLU A 1 19  ? 0.515   -10.288 7.258   1.00 11.54 ? 19  GLU A CD  1 
ATOM   144  O OE1 . GLU A 1 19  ? 0.274   -9.358  8.008   1.00 10.52 ? 19  GLU A OE1 1 
ATOM   145  O OE2 . GLU A 1 19  ? 0.407   -11.510 7.623   1.00 14.95 ? 19  GLU A OE2 1 
ATOM   146  N N   . LYS A 1 20  ? -1.935  -10.220 4.469   1.00 8.88  ? 20  LYS A N   1 
ATOM   147  C CA  . LYS A 1 20  ? -2.606  -11.171 3.549   1.00 9.08  ? 20  LYS A CA  1 
ATOM   148  C C   . LYS A 1 20  ? -3.855  -10.533 2.924   1.00 8.16  ? 20  LYS A C   1 
ATOM   149  O O   . LYS A 1 20  ? -4.090  -10.659 1.735   1.00 8.09  ? 20  LYS A O   1 
ATOM   150  C CB  . LYS A 1 20  ? -3.085  -12.412 4.310   1.00 11.15 ? 20  LYS A CB  1 
ATOM   151  C CG  . LYS A 1 20  ? -2.011  -13.248 4.962   1.00 14.71 ? 20  LYS A CG  1 
ATOM   152  C CD  . LYS A 1 20  ? -2.625  -14.259 5.908   1.00 16.95 ? 20  LYS A CD  1 
ATOM   153  C CE  . LYS A 1 20  ? -1.526  -14.991 6.644   1.00 20.05 ? 20  LYS A CE  1 
ATOM   154  N NZ  . LYS A 1 20  ? -0.838  -15.891 5.687   1.00 24.47 ? 20  LYS A NZ  1 
ATOM   155  N N   . ARG A 1 21  ? -4.675  -9.864  3.735   1.00 8.50  ? 21  ARG A N   1 
ATOM   156  C CA  . ARG A 1 21  ? -5.916  -9.249  3.208   1.00 7.90  ? 21  ARG A CA  1 
ATOM   157  C C   . ARG A 1 21  ? -5.556  -8.083  2.294   1.00 8.11  ? 21  ARG A C   1 
ATOM   158  O O   . ARG A 1 21  ? -6.235  -7.853  1.270   1.00 9.45  ? 21  ARG A O   1 
ATOM   159  C CB  . ARG A 1 21  ? -6.830  -8.852  4.363   1.00 8.09  ? 21  ARG A CB  1 
ATOM   160  C CG  . ARG A 1 21  ? -7.353  -10.045 5.151   1.00 8.44  ? 21  ARG A CG  1 
ATOM   161  C CD  . ARG A 1 21  ? -8.395  -9.619  6.159   1.00 8.54  ? 21  ARG A CD  1 
ATOM   162  N NE  . ARG A 1 21  ? -7.922  -8.698  7.169   1.00 8.42  ? 21  ARG A NE  1 
ATOM   163  C CZ  . ARG A 1 21  ? -7.123  -9.009  8.187   1.00 8.86  ? 21  ARG A CZ  1 
ATOM   164  N NH1 . ARG A 1 21  ? -6.741  -10.262 8.394   1.00 10.43 ? 21  ARG A NH1 1 
ATOM   165  N NH2 . ARG A 1 21  ? -6.719  -8.056  8.984   1.00 9.52  ? 21  ARG A NH2 1 
ATOM   166  N N   . LEU A 1 22  ? -4.513  -7.334  2.595   1.00 7.41  ? 22  LEU A N   1 
ATOM   167  C CA  . LEU A 1 22  ? -4.093  -6.230  1.718   1.00 7.56  ? 22  LEU A CA  1 
ATOM   168  C C   . LEU A 1 22  ? -3.510  -6.763  0.414   1.00 7.48  ? 22  LEU A C   1 
ATOM   169  O O   . LEU A 1 22  ? -3.734  -6.130  -0.615  1.00 7.77  ? 22  LEU A O   1 
ATOM   170  C CB  . LEU A 1 22  ? -3.100  -5.350  2.474   1.00 7.69  ? 22  LEU A CB  1 
ATOM   171  C CG  . LEU A 1 22  ? -2.536  -4.138  1.725   1.00 7.41  ? 22  LEU A CG  1 
ATOM   172  C CD1 . LEU A 1 22  ? -3.619  -3.260  1.111   1.00 8.28  ? 22  LEU A CD1 1 
ATOM   173  C CD2 . LEU A 1 22  ? -1.652  -3.344  2.672   1.00 7.70  ? 22  LEU A CD2 1 
ATOM   174  N N   . CYS A 1 23  ? -2.817  -7.881  0.456   1.00 7.61  ? 23  CYS A N   1 
ATOM   175  C CA  . CYS A 1 23  ? -2.356  -8.536  -0.771  1.00 7.95  ? 23  CYS A CA  1 
ATOM   176  C C   . CYS A 1 23  ? -3.541  -8.872  -1.683  1.00 8.11  ? 23  CYS A C   1 
ATOM   177  O O   . CYS A 1 23  ? -3.543  -8.483  -2.856  1.00 8.02  ? 23  CYS A O   1 
ATOM   178  C CB  . CYS A 1 23  ? -1.614  -9.809  -0.415  1.00 8.52  ? 23  CYS A CB  1 
ATOM   179  S SG  . CYS A 1 23  ? -0.936  -10.685 -1.836  1.00 10.09 ? 23  CYS A SG  1 
ATOM   180  N N   . ALA A 1 24  ? -4.546  -9.529  -1.132  1.00 9.05  ? 24  ALA A N   1 
ATOM   181  C CA  . ALA A 1 24  ? -5.722  -9.930  -1.938  1.00 9.05  ? 24  ALA A CA  1 
ATOM   182  C C   . ALA A 1 24  ? -6.452  -8.680  -2.426  1.00 8.87  ? 24  ALA A C   1 
ATOM   183  O O   . ALA A 1 24  ? -6.905  -8.635  -3.596  1.00 10.55 ? 24  ALA A O   1 
ATOM   184  C CB  . ALA A 1 24  ? -6.598  -10.855 -1.146  1.00 9.49  ? 24  ALA A CB  1 
ATOM   185  N N   . ALA A 1 25  ? -6.637  -7.698  -1.552  1.00 8.91  ? 25  ALA A N   1 
ATOM   186  C CA  . ALA A 1 25  ? -7.312  -6.444  -1.956  1.00 9.56  ? 25  ALA A CA  1 
ATOM   187  C C   . ALA A 1 25  ? -6.575  -5.798  -3.119  1.00 9.16  ? 25  ALA A C   1 
ATOM   188  O O   . ALA A 1 25  ? -7.188  -5.353  -4.109  1.00 9.88  ? 25  ALA A O   1 
ATOM   189  C CB  . ALA A 1 25  ? -7.416  -5.511  -0.796  1.00 9.67  ? 25  ALA A CB  1 
ATOM   190  N N   . ALA A 1 26  ? -5.260  -5.702  -3.016  1.00 9.00  ? 26  ALA A N   1 
ATOM   191  C CA  . ALA A 1 26  ? -4.453  -4.985  -4.028  1.00 8.25  ? 26  ALA A CA  1 
ATOM   192  C C   . ALA A 1 26  ? -4.501  -5.719  -5.373  1.00 8.72  ? 26  ALA A C   1 
ATOM   193  O O   . ALA A 1 26  ? -4.536  -5.057  -6.428  1.00 8.70  ? 26  ALA A O   1 
ATOM   194  C CB  . ALA A 1 26  ? -3.038  -4.825  -3.509  1.00 8.51  ? 26  ALA A CB  1 
ATOM   195  N N   . ALA A 1 27  ? -4.539  -7.047  -5.353  1.00 9.41  ? 27  ALA A N   1 
ATOM   196  C CA  . ALA A 1 27  ? -4.674  -7.824  -6.597  1.00 9.84  ? 27  ALA A CA  1 
ATOM   197  C C   . ALA A 1 27  ? -5.967  -7.403  -7.309  1.00 10.30 ? 27  ALA A C   1 
ATOM   198  O O   . ALA A 1 27  ? -5.931  -7.088  -8.519  1.00 11.12 ? 27  ALA A O   1 
ATOM   199  C CB  . ALA A 1 27  ? -4.684  -9.294  -6.265  1.00 10.15 ? 27  ALA A CB  1 
ATOM   200  N N   . SER A 1 28  ? -7.064  -7.387  -6.567  1.00 10.98 ? 28  SER A N   1 
ATOM   201  C CA  . SER A 1 28  ? -8.389  -7.046  -7.138  1.00 12.08 ? 28  SER A CA  1 
ATOM   202  C C   . SER A 1 28  ? -8.374  -5.587  -7.590  1.00 12.48 ? 28  SER A C   1 
ATOM   203  O O   . SER A 1 28  ? -8.849  -5.296  -8.699  1.00 14.02 ? 28  SER A O   1 
ATOM   204  C CB  . SER A 1 28  ? -9.445  -7.264  -6.147  1.00 14.39 ? 28  SER A CB  1 
ATOM   205  O OG  . SER A 1 28  ? -9.526  -8.642  -5.763  1.00 17.45 ? 28  SER A OG  1 
ATOM   206  N N   . ILE A 1 29  ? -7.900  -4.671  -6.759  1.00 10.27 ? 29  ILE A N   1 
ATOM   207  C CA  . ILE A 1 29  ? -7.965  -3.209  -7.056  1.00 10.16 ? 29  ILE A CA  1 
ATOM   208  C C   . ILE A 1 29  ? -7.114  -2.898  -8.296  1.00 10.19 ? 29  ILE A C   1 
ATOM   209  O O   . ILE A 1 29  ? -7.574  -2.149  -9.152  1.00 10.86 ? 29  ILE A O   1 
ATOM   210  C CB  . ILE A 1 29  ? -7.561  -2.365  -5.831  1.00 9.96  ? 29  ILE A CB  1 
ATOM   211  C CG1 . ILE A 1 29  ? -8.535  -2.567  -4.658  1.00 10.68 ? 29  ILE A CG1 1 
ATOM   212  C CG2 . ILE A 1 29  ? -7.392  -0.907  -6.210  1.00 9.45  ? 29  ILE A CG2 1 
ATOM   213  C CD1 . ILE A 1 29  ? -8.020  -2.102  -3.302  1.00 11.17 ? 29  ILE A CD1 1 
ATOM   214  N N   . LEU A 1 30  ? -5.873  -3.374  -8.325  1.00 10.20 ? 30  LEU A N   1 
ATOM   215  C CA  . LEU A 1 30  ? -4.901  -2.994  -9.379  1.00 10.86 ? 30  LEU A CA  1 
ATOM   216  C C   . LEU A 1 30  ? -5.070  -3.865  -10.621 1.00 12.20 ? 30  LEU A C   1 
ATOM   217  O O   . LEU A 1 30  ? -4.352  -3.568  -11.592 1.00 13.10 ? 30  LEU A O   1 
ATOM   218  C CB  . LEU A 1 30  ? -3.486  -3.109  -8.793  1.00 9.89  ? 30  LEU A CB  1 
ATOM   219  C CG  . LEU A 1 30  ? -3.207  -2.185  -7.610  1.00 9.29  ? 30  LEU A CG  1 
ATOM   220  C CD1 . LEU A 1 30  ? -1.869  -2.531  -6.980  1.00 10.29 ? 30  LEU A CD1 1 
ATOM   221  C CD2 . LEU A 1 30  ? -3.267  -0.719  -8.054  1.00 10.95 ? 30  LEU A CD2 1 
ATOM   222  N N   . GLY A 1 31  ? -5.892  -4.904  -10.562 1.00 13.77 ? 31  GLY A N   1 
ATOM   223  C CA  . GLY A 1 31  ? -6.087  -5.789  -11.727 1.00 14.96 ? 31  GLY A CA  1 
ATOM   224  C C   . GLY A 1 31  ? -4.789  -6.498  -12.056 1.00 16.62 ? 31  GLY A C   1 
ATOM   225  O O   . GLY A 1 31  ? -4.339  -6.532  -13.244 1.00 21.19 ? 31  GLY A O   1 
ATOM   226  N N   . LYS A 1 32  ? -4.165  -7.069  -11.029 1.00 15.02 ? 32  LYS A N   1 
ATOM   227  C CA  . LYS A 1 32  ? -2.880  -7.813  -11.159 1.00 16.07 ? 32  LYS A CA  1 
ATOM   228  C C   . LYS A 1 32  ? -3.110  -9.144  -10.459 1.00 16.49 ? 32  LYS A C   1 
ATOM   229  O O   . LYS A 1 32  ? -3.882  -9.229  -9.513  1.00 15.54 ? 32  LYS A O   1 
ATOM   230  C CB  . LYS A 1 32  ? -1.687  -7.037  -10.569 1.00 18.42 ? 32  LYS A CB  1 
ATOM   231  C CG  . LYS A 1 32  ? -1.381  -5.678  -11.207 1.00 19.13 ? 32  LYS A CG  1 
ATOM   232  C CD  . LYS A 1 32  ? -0.562  -5.724  -12.513 1.00 19.87 ? 32  LYS A CD  1 
ATOM   233  C CE  . LYS A 1 32  ? -0.004  -4.376  -12.936 1.00 20.49 ? 32  LYS A CE  1 
ATOM   234  N NZ  . LYS A 1 32  ? 1.011   -4.477  -14.017 1.00 19.86 ? 32  LYS A NZ  1 
ATOM   235  N N   . PRO A 1 33  ? -2.487  -10.256 -10.907 1.00 18.95 ? 33  PRO A N   1 
ATOM   236  C CA  . PRO A 1 33  ? -2.679  -11.528 -10.219 1.00 17.85 ? 33  PRO A CA  1 
ATOM   237  C C   . PRO A 1 33  ? -2.008  -11.473 -8.835  1.00 14.52 ? 33  PRO A C   1 
ATOM   238  O O   . PRO A 1 33  ? -0.984  -10.826 -8.672  1.00 14.35 ? 33  PRO A O   1 
ATOM   239  C CB  . PRO A 1 33  ? -2.009  -12.554 -11.137 1.00 20.24 ? 33  PRO A CB  1 
ATOM   240  C CG  . PRO A 1 33  ? -1.809  -11.803 -12.434 1.00 23.69 ? 33  PRO A CG  1 
ATOM   241  C CD  . PRO A 1 33  ? -1.556  -10.365 -12.038 1.00 22.13 ? 33  PRO A CD  1 
ATOM   242  N N   . ALA A 1 34  ? -2.684  -12.085 -7.868  1.00 13.27 ? 34  ALA A N   1 
ATOM   243  C CA  . ALA A 1 34  ? -2.235  -12.115 -6.462  1.00 12.83 ? 34  ALA A CA  1 
ATOM   244  C C   . ALA A 1 34  ? -0.819  -12.674 -6.394  1.00 12.44 ? 34  ALA A C   1 
ATOM   245  O O   . ALA A 1 34  ? -0.050  -12.251 -5.492  1.00 11.79 ? 34  ALA A O   1 
ATOM   246  C CB  . ALA A 1 34  ? -3.184  -12.919 -5.628  1.00 13.65 ? 34  ALA A CB  1 
ATOM   247  N N   . ASP A 1 35  ? -0.423  -13.586 -7.261  1.00 11.91 ? 35  ASP A N   1 
ATOM   248  C CA  . ASP A 1 35  ? 0.940   -14.163 -7.178  1.00 12.64 ? 35  ASP A CA  1 
ATOM   249  C C   . ASP A 1 35  ? 2.014   -13.193 -7.696  1.00 11.04 ? 35  ASP A C   1 
ATOM   250  O O   . ASP A 1 35  ? 3.169   -13.537 -7.660  1.00 11.28 ? 35  ASP A O   1 
ATOM   251  C CB  . ASP A 1 35  ? 0.990   -15.529 -7.844  1.00 13.64 ? 35  ASP A CB  1 
ATOM   252  C CG  . ASP A 1 35  ? 0.660   -15.517 -9.313  1.00 16.01 ? 35  ASP A CG  1 
ATOM   253  O OD1 . ASP A 1 35  ? 0.730   -14.446 -9.956  1.00 15.55 ? 35  ASP A OD1 1 
ATOM   254  O OD2 . ASP A 1 35  ? 0.398   -16.651 -9.830  1.00 19.47 ? 35  ASP A OD2 1 
ATOM   255  N N   . ARG A 1 36  ? 1.625   -11.972 -8.071  1.00 10.31 ? 36  ARG A N   1 
ATOM   256  C CA  . ARG A 1 36  ? 2.561   -10.880 -8.415  1.00 10.67 ? 36  ARG A CA  1 
ATOM   257  C C   . ARG A 1 36  ? 2.485   -9.762  -7.379  1.00 8.92  ? 36  ARG A C   1 
ATOM   258  O O   . ARG A 1 36  ? 3.079   -8.718  -7.662  1.00 9.46  ? 36  ARG A O   1 
ATOM   259  C CB  . ARG A 1 36  ? 2.233   -10.253 -9.774  1.00 11.17 ? 36  ARG A CB  1 
ATOM   260  N N   . VAL A 1 37  ? 1.695   -9.910  -6.337  1.00 8.25  ? 37  VAL A N   1 
ATOM   261  C CA  . VAL A 1 37  ? 1.504   -8.824  -5.353  1.00 7.63  ? 37  VAL A CA  1 
ATOM   262  C C   . VAL A 1 37  ? 2.402   -9.056  -4.151  1.00 7.67  ? 37  VAL A C   1 
ATOM   263  O O   . VAL A 1 37  ? 2.450   -10.187 -3.598  1.00 7.83  ? 37  VAL A O   1 
ATOM   264  C CB  . VAL A 1 37  ? 0.024   -8.666  -4.976  1.00 7.80  ? 37  VAL A CB  1 
ATOM   265  C CG1 . VAL A 1 37  ? -0.194  -7.656  -3.854  1.00 7.17  ? 37  VAL A CG1 1 
ATOM   266  C CG2 . VAL A 1 37  ? -0.814  -8.290  -6.201  1.00 8.11  ? 37  VAL A CG2 1 
ATOM   267  N N   . ASN A 1 38  ? 3.033   -7.953  -3.726  1.00 7.25  ? 38  ASN A N   1 
ATOM   268  C CA  . ASN A 1 38  ? 3.956   -7.896  -2.586  1.00 7.00  ? 38  ASN A CA  1 
ATOM   269  C C   . ASN A 1 38  ? 3.463   -6.816  -1.629  1.00 6.20  ? 38  ASN A C   1 
ATOM   270  O O   . ASN A 1 38  ? 3.041   -5.748  -2.077  1.00 6.72  ? 38  ASN A O   1 
ATOM   271  C CB  . ASN A 1 38  ? 5.374   -7.573  -3.024  1.00 6.74  ? 38  ASN A CB  1 
ATOM   272  C CG  . ASN A 1 38  ? 5.770   -8.275  -4.314  1.00 6.91  ? 38  ASN A CG  1 
ATOM   273  O OD1 . ASN A 1 38  ? 6.190   -7.632  -5.288  1.00 10.24 ? 38  ASN A OD1 1 
ATOM   274  N ND2 . ASN A 1 38  ? 5.703   -9.556  -4.353  1.00 6.27  ? 38  ASN A ND2 1 
ATOM   275  N N   . VAL A 1 39  ? 3.492   -7.118  -0.345  1.00 6.00  ? 39  VAL A N   1 
ATOM   276  C CA  . VAL A 1 39  ? 3.039   -6.210  0.725   1.00 6.30  ? 39  VAL A CA  1 
ATOM   277  C C   . VAL A 1 39  ? 4.067   -6.254  1.839   1.00 6.29  ? 39  VAL A C   1 
ATOM   278  O O   . VAL A 1 39  ? 4.517   -7.308  2.269   1.00 6.80  ? 39  VAL A O   1 
ATOM   279  C CB  . VAL A 1 39  ? 1.667   -6.623  1.279   1.00 6.66  ? 39  VAL A CB  1 
ATOM   280  C CG1 . VAL A 1 39  ? 1.267   -5.694  2.399   1.00 7.14  ? 39  VAL A CG1 1 
ATOM   281  C CG2 . VAL A 1 39  ? 0.615   -6.640  0.173   1.00 7.15  ? 39  VAL A CG2 1 
ATOM   282  N N   . THR A 1 40  ? 4.421   -5.070  2.345   1.00 6.00  ? 40  THR A N   1 
ATOM   283  C CA  . THR A 1 40  ? 5.299   -4.941  3.517   1.00 6.31  ? 40  THR A CA  1 
ATOM   284  C C   . THR A 1 40  ? 4.659   -3.984  4.524   1.00 6.02  ? 40  THR A C   1 
ATOM   285  O O   . THR A 1 40  ? 4.265   -2.892  4.125   1.00 6.58  ? 40  THR A O   1 
ATOM   286  C CB  . THR A 1 40  ? 6.643   -4.341  3.142   1.00 6.42  ? 40  THR A CB  1 
ATOM   287  O OG1 . THR A 1 40  ? 7.226   -5.234  2.194   1.00 7.48  ? 40  THR A OG1 1 
ATOM   288  C CG2 . THR A 1 40  ? 7.570   -4.099  4.325   1.00 6.63  ? 40  THR A CG2 1 
ATOM   289  N N   . VAL A 1 41  ? 4.459   -4.426  5.744   1.00 5.93  ? 41  VAL A N   1 
ATOM   290  C CA  . VAL A 1 41  ? 3.891   -3.594  6.838   1.00 5.88  ? 41  VAL A CA  1 
ATOM   291  C C   . VAL A 1 41  ? 4.964   -3.383  7.898   1.00 5.91  ? 41  VAL A C   1 
ATOM   292  O O   . VAL A 1 41  ? 5.555   -4.363  8.384   1.00 5.53  ? 41  VAL A O   1 
ATOM   293  C CB  . VAL A 1 41  ? 2.618   -4.224  7.433   1.00 6.56  ? 41  VAL A CB  1 
ATOM   294  C CG1 . VAL A 1 41  ? 2.019   -3.300  8.467   1.00 6.44  ? 41  VAL A CG1 1 
ATOM   295  C CG2 . VAL A 1 41  ? 1.603   -4.562  6.351   1.00 6.82  ? 41  VAL A CG2 1 
ATOM   296  N N   . ARG A 1 42  ? 5.153   -2.116  8.244   1.00 6.09  ? 42  ARG A N   1 
ATOM   297  C CA  . ARG A 1 42  ? 6.159   -1.677  9.234   1.00 5.83  ? 42  ARG A CA  1 
ATOM   298  C C   . ARG A 1 42  ? 5.428   -0.914  10.342  1.00 5.79  ? 42  ARG A C   1 
ATOM   299  O O   . ARG A 1 42  ? 5.131   0.287   10.184  1.00 6.40  ? 42  ARG A O   1 
ATOM   300  C CB  . ARG A 1 42  ? 7.227   -0.779  8.594   1.00 5.57  ? 42  ARG A CB  1 
ATOM   301  C CG  . ARG A 1 42  ? 7.784   -1.293  7.275   1.00 6.02  ? 42  ARG A CG  1 
ATOM   302  C CD  . ARG A 1 42  ? 9.097   -0.598  6.934   1.00 5.94  ? 42  ARG A CD  1 
ATOM   303  N NE  . ARG A 1 42  ? 9.523   -0.777  5.554   1.00 5.81  ? 42  ARG A NE  1 
ATOM   304  C CZ  . ARG A 1 42  ? 9.134   -0.054  4.538   1.00 5.86  ? 42  ARG A CZ  1 
ATOM   305  N NH1 . ARG A 1 42  ? 8.314   0.961   4.728   1.00 6.37  ? 42  ARG A NH1 1 
ATOM   306  N NH2 . ARG A 1 42  ? 9.553   -0.318  3.308   1.00 5.93  ? 42  ARG A NH2 1 
ATOM   307  N N   . PRO A 1 43  ? 5.035   -1.606  11.441  1.00 6.03  ? 43  PRO A N   1 
ATOM   308  C CA  . PRO A 1 43  ? 4.267   -0.983  12.513  1.00 5.78  ? 43  PRO A CA  1 
ATOM   309  C C   . PRO A 1 43  ? 5.173   -0.433  13.614  1.00 5.77  ? 43  PRO A C   1 
ATOM   310  O O   . PRO A 1 43  ? 6.393   -0.650  13.586  1.00 6.68  ? 43  PRO A O   1 
ATOM   311  C CB  . PRO A 1 43  ? 3.418   -2.156  12.998  1.00 6.28  ? 43  PRO A CB  1 
ATOM   312  C CG  . PRO A 1 43  ? 4.380   -3.312  12.935  1.00 6.35  ? 43  PRO A CG  1 
ATOM   313  C CD  . PRO A 1 43  ? 5.109   -3.076  11.622  1.00 6.41  ? 43  PRO A CD  1 
ATOM   314  N N   . GLY A 1 44  ? 4.585   0.204   14.608  1.00 6.01  ? 44  GLY A N   1 
ATOM   315  C CA  . GLY A 1 44  ? 5.302   0.623   15.814  1.00 6.70  ? 44  GLY A CA  1 
ATOM   316  C C   . GLY A 1 44  ? 6.264   1.772   15.570  1.00 6.98  ? 44  GLY A C   1 
ATOM   317  O O   . GLY A 1 44  ? 7.140   1.999   16.433  1.00 8.35  ? 44  GLY A O   1 
ATOM   318  N N   . LEU A 1 45  ? 6.125   2.500   14.474  1.00 6.32  ? 45  LEU A N   1 
ATOM   319  C CA  . LEU A 1 45  ? 7.058   3.597   14.126  1.00 6.68  ? 45  LEU A CA  1 
ATOM   320  C C   . LEU A 1 45  ? 6.619   4.868   14.841  1.00 6.48  ? 45  LEU A C   1 
ATOM   321  O O   . LEU A 1 45  ? 5.537   4.912   15.439  1.00 7.36  ? 45  LEU A O   1 
ATOM   322  C CB  . LEU A 1 45  ? 7.045   3.798   12.600  1.00 6.22  ? 45  LEU A CB  1 
ATOM   323  C CG  . LEU A 1 45  ? 7.311   2.540   11.763  1.00 6.13  ? 45  LEU A CG  1 
ATOM   324  C CD1 . LEU A 1 45  ? 7.228   2.887   10.294  1.00 6.52  ? 45  LEU A CD1 1 
ATOM   325  C CD2 . LEU A 1 45  ? 8.645   1.893   12.128  1.00 6.59  ? 45  LEU A CD2 1 
ATOM   326  N N   . ALA A 1 46  ? 7.432   5.906   14.777  1.00 6.73  ? 46  ALA A N   1 
ATOM   327  C CA  . ALA A 1 46  ? 7.063   7.223   15.310  1.00 6.36  ? 46  ALA A CA  1 
ATOM   328  C C   . ALA A 1 46  ? 6.684   8.066   14.097  1.00 6.26  ? 46  ALA A C   1 
ATOM   329  O O   . ALA A 1 46  ? 7.545   8.243   13.190  1.00 6.54  ? 46  ALA A O   1 
ATOM   330  C CB  . ALA A 1 46  ? 8.225   7.832   16.059  1.00 6.37  ? 46  ALA A CB  1 
ATOM   331  N N   . MET A 1 47  ? 5.478   8.606   14.027  1.00 6.00  ? 47  MET A N   1 
ATOM   332  C CA  . MET A 1 47  ? 4.983   9.313   12.819  1.00 6.59  ? 47  MET A CA  1 
ATOM   333  C C   . MET A 1 47  ? 4.176   10.565  13.166  1.00 6.78  ? 47  MET A C   1 
ATOM   334  O O   . MET A 1 47  ? 3.449   10.603  14.187  1.00 8.62  ? 47  MET A O   1 
ATOM   335  C CB  . MET A 1 47  ? 4.136   8.390   11.936  1.00 6.54  ? 47  MET A CB  1 
ATOM   336  C CG  . MET A 1 47  ? 4.926   7.241   11.336  1.00 6.43  ? 47  MET A CG  1 
ATOM   337  S SD  . MET A 1 47  ? 3.907   6.023   10.499  1.00 7.18  ? 47  MET A SD  1 
ATOM   338  C CE  . MET A 1 47  ? 3.398   6.903   9.041   1.00 6.98  ? 47  MET A CE  1 
ATOM   339  N N   . ALA A 1 48  ? 4.294   11.510  12.252  1.00 6.62  ? 48  ALA A N   1 
ATOM   340  C CA  . ALA A 1 48  ? 3.410   12.672  12.095  1.00 7.27  ? 48  ALA A CA  1 
ATOM   341  C C   . ALA A 1 48  ? 2.825   12.559  10.705  1.00 7.10  ? 48  ALA A C   1 
ATOM   342  O O   . ALA A 1 48  ? 3.509   12.167  9.741   1.00 7.03  ? 48  ALA A O   1 
ATOM   343  C CB  . ALA A 1 48  ? 4.131   13.985  12.230  1.00 7.71  ? 48  ALA A CB  1 
ATOM   344  N N   . LEU A 1 49  ? 1.554   12.904  10.568  1.00 7.03  ? 49  LEU A N   1 
ATOM   345  C CA  . LEU A 1 49  ? 0.894   12.980  9.245   1.00 7.33  ? 49  LEU A CA  1 
ATOM   346  C C   . LEU A 1 49  ? 0.022   14.213  9.300   1.00 7.86  ? 49  LEU A C   1 
ATOM   347  O O   . LEU A 1 49  ? -0.708  14.406  10.298  1.00 8.53  ? 49  LEU A O   1 
ATOM   348  C CB  . LEU A 1 49  ? 0.111   11.701  8.968   1.00 7.41  ? 49  LEU A CB  1 
ATOM   349  C CG  . LEU A 1 49  ? -0.453  11.587  7.559   1.00 7.24  ? 49  LEU A CG  1 
ATOM   350  C CD1 . LEU A 1 49  ? -0.530  10.138  7.084   1.00 6.97  ? 49  LEU A CD1 1 
ATOM   351  C CD2 . LEU A 1 49  ? -1.824  12.250  7.450   1.00 8.17  ? 49  LEU A CD2 1 
ATOM   352  N N   . SER A 1 50  ? 0.144   15.093  8.334   1.00 8.17  ? 50  SER A N   1 
ATOM   353  C CA  . SER A 1 50  ? -0.594  16.376  8.301   1.00 8.47  ? 50  SER A CA  1 
ATOM   354  C C   . SER A 1 50  ? -0.370  17.114  9.611   1.00 8.79  ? 50  SER A C   1 
ATOM   355  O O   . SER A 1 50  ? -1.323  17.724  10.209  1.00 9.69  ? 50  SER A O   1 
ATOM   356  C CB  . SER A 1 50  ? -2.057  16.170  7.976   1.00 8.94  ? 50  SER A CB  1 
ATOM   357  O OG  . SER A 1 50  ? -2.201  15.620  6.697   1.00 9.93  ? 50  SER A OG  1 
ATOM   358  N N   . GLY A 1 51  ? 0.875   17.139  10.073  1.00 8.42  ? 51  GLY A N   1 
ATOM   359  C CA  . GLY A 1 51  ? 1.249   17.921  11.258  1.00 8.52  ? 51  GLY A CA  1 
ATOM   360  C C   . GLY A 1 51  ? 0.859   17.263  12.577  1.00 8.98  ? 51  GLY A C   1 
ATOM   361  O O   . GLY A 1 51  ? 1.205   17.858  13.625  1.00 11.04 ? 51  GLY A O   1 
ATOM   362  N N   . SER A 1 52  ? 0.242   16.088  12.581  1.00 9.15  ? 52  SER A N   1 
ATOM   363  C CA  . SER A 1 52  ? -0.309  15.487  13.821  1.00 9.24  ? 52  SER A CA  1 
ATOM   364  C C   . SER A 1 52  ? 0.341   14.129  14.077  1.00 8.69  ? 52  SER A C   1 
ATOM   365  O O   . SER A 1 52  ? 0.447   13.338  13.166  1.00 8.18  ? 52  SER A O   1 
ATOM   366  C CB  . SER A 1 52  ? -1.800  15.339  13.694  1.00 9.21  ? 52  SER A CB  1 
ATOM   367  O OG  . SER A 1 52  ? -2.335  14.435  14.643  1.00 10.86 ? 52  SER A OG  1 
ATOM   368  N N   . THR A 1 53  ? 0.636   13.832  15.325  1.00 8.62  ? 53  THR A N   1 
ATOM   369  C CA  . THR A 1 53  ? 1.190   12.508  15.713  1.00 9.27  ? 53  THR A CA  1 
ATOM   370  C C   . THR A 1 53  ? 0.127   11.526  16.175  1.00 8.87  ? 53  THR A C   1 
ATOM   371  O O   . THR A 1 53  ? 0.485   10.430  16.656  1.00 9.80  ? 53  THR A O   1 
ATOM   372  C CB  . THR A 1 53  ? 2.279   12.625  16.789  1.00 9.87  ? 53  THR A CB  1 
ATOM   373  O OG1 . THR A 1 53  ? 1.684   13.274  17.918  1.00 12.23 ? 53  THR A OG1 1 
ATOM   374  C CG2 . THR A 1 53  ? 3.441   13.465  16.310  1.00 10.59 ? 53  THR A CG2 1 
ATOM   375  N N   . GLU A 1 54  ? -1.146  11.828  15.976  1.00 8.64  ? 54  GLU A N   1 
ATOM   376  C CA  . GLU A 1 54  ? -2.218  10.833  16.174  1.00 9.08  ? 54  GLU A CA  1 
ATOM   377  C C   . GLU A 1 54  ? -1.983  9.604   15.294  1.00 8.24  ? 54  GLU A C   1 
ATOM   378  O O   . GLU A 1 54  ? -1.280  9.662   14.253  1.00 7.90  ? 54  GLU A O   1 
ATOM   379  C CB  . GLU A 1 54  ? -3.555  11.511  15.854  1.00 10.47 ? 54  GLU A CB  1 
ATOM   380  C CG  . GLU A 1 54  ? -3.990  12.559  16.885  1.00 13.03 ? 54  GLU A CG  1 
ATOM   381  C CD  . GLU A 1 54  ? -4.302  11.951  18.224  1.00 18.23 ? 54  GLU A CD  1 
ATOM   382  O OE1 . GLU A 1 54  ? -5.166  11.033  18.264  1.00 21.17 ? 54  GLU A OE1 1 
ATOM   383  O OE2 . GLU A 1 54  ? -3.623  12.314  19.186  1.00 25.86 ? 54  GLU A OE2 1 
ATOM   384  N N   . PRO A 1 55  ? -2.575  8.452   15.615  1.00 7.87  ? 55  PRO A N   1 
ATOM   385  C CA  . PRO A 1 55  ? -2.418  7.266   14.777  1.00 7.52  ? 55  PRO A CA  1 
ATOM   386  C C   . PRO A 1 55  ? -2.665  7.600   13.308  1.00 7.04  ? 55  PRO A C   1 
ATOM   387  O O   . PRO A 1 55  ? -3.595  8.314   12.972  1.00 7.04  ? 55  PRO A O   1 
ATOM   388  C CB  . PRO A 1 55  ? -3.390  6.255   15.388  1.00 8.08  ? 55  PRO A CB  1 
ATOM   389  C CG  . PRO A 1 55  ? -3.468  6.662   16.849  1.00 7.92  ? 55  PRO A CG  1 
ATOM   390  C CD  . PRO A 1 55  ? -3.381  8.173   16.825  1.00 7.75  ? 55  PRO A CD  1 
ATOM   391  N N   . CYS A 1 56  ? -1.839  7.046   12.440  1.00 6.75  ? 56  CYS A N   1 
ATOM   392  C CA  . CYS A 1 56  ? -1.819  7.311   10.987  1.00 6.40  ? 56  CYS A CA  1 
ATOM   393  C C   . CYS A 1 56  ? -1.084  6.204   10.243  1.00 6.34  ? 56  CYS A C   1 
ATOM   394  O O   . CYS A 1 56  ? -0.469  5.329   10.885  1.00 6.46  ? 56  CYS A O   1 
ATOM   395  C CB  . CYS A 1 56  ? -1.183  8.681   10.760  1.00 6.29  ? 56  CYS A CB  1 
ATOM   396  S SG  . CYS A 1 56  ? 0.582   8.759   11.186  1.00 7.81  ? 56  CYS A SG  1 
ATOM   397  N N   . ALA A 1 57  ? -1.164  6.217   8.935   1.00 5.65  ? 57  ALA A N   1 
ATOM   398  C CA  . ALA A 1 57  ? -0.428  5.257   8.110   1.00 5.79  ? 57  ALA A CA  1 
ATOM   399  C C   . ALA A 1 57  ? -0.094  5.907   6.785   1.00 5.55  ? 57  ALA A C   1 
ATOM   400  O O   . ALA A 1 57  ? -0.882  6.702   6.230   1.00 6.63  ? 57  ALA A O   1 
ATOM   401  C CB  . ALA A 1 57  ? -1.254  3.994   7.980   1.00 6.22  ? 57  ALA A CB  1 
ATOM   402  N N   . GLN A 1 58  ? 0.975   5.417   6.197   1.00 5.90  ? 58  GLN A N   1 
ATOM   403  C CA  . GLN A 1 58  ? 1.482   5.843   4.889   1.00 5.79  ? 58  GLN A CA  1 
ATOM   404  C C   . GLN A 1 58  ? 1.601   4.628   3.977   1.00 5.61  ? 58  GLN A C   1 
ATOM   405  O O   . GLN A 1 58  ? 2.366   3.707   4.319   1.00 6.06  ? 58  GLN A O   1 
ATOM   406  C CB  . GLN A 1 58  ? 2.857   6.484   4.966   1.00 6.17  ? 58  GLN A CB  1 
ATOM   407  C CG  . GLN A 1 58  ? 2.880   7.827   5.676   1.00 6.64  ? 58  GLN A CG  1 
ATOM   408  C CD  . GLN A 1 58  ? 2.456   8.968   4.820   1.00 7.54  ? 58  GLN A CD  1 
ATOM   409  O OE1 . GLN A 1 58  ? 2.041   8.821   3.683   1.00 7.32  ? 58  GLN A OE1 1 
ATOM   410  N NE2 . GLN A 1 58  ? 2.688   10.161  5.356   1.00 8.33  ? 58  GLN A NE2 1 
ATOM   411  N N   . LEU A 1 59  ? 0.893   4.617   2.869   1.00 5.81  ? 59  LEU A N   1 
ATOM   412  C CA  . LEU A 1 59  ? 0.967   3.518   1.893   1.00 6.21  ? 59  LEU A CA  1 
ATOM   413  C C   . LEU A 1 59  ? 1.745   4.006   0.686   1.00 5.61  ? 59  LEU A C   1 
ATOM   414  O O   . LEU A 1 59  ? 1.445   5.075   0.186   1.00 6.26  ? 59  LEU A O   1 
ATOM   415  C CB  . LEU A 1 59  ? -0.448  3.082   1.522   1.00 6.41  ? 59  LEU A CB  1 
ATOM   416  C CG  . LEU A 1 59  ? -0.526  1.943   0.517   1.00 6.52  ? 59  LEU A CG  1 
ATOM   417  C CD1 . LEU A 1 59  ? -0.001  0.649   1.099   1.00 6.94  ? 59  LEU A CD1 1 
ATOM   418  C CD2 . LEU A 1 59  ? -1.950  1.794   0.031   1.00 7.35  ? 59  LEU A CD2 1 
ATOM   419  N N   . SER A 1 60  ? 2.630   3.167   0.178   1.00 6.09  ? 60  SER A N   1 
ATOM   420  C CA  . SER A 1 60  ? 3.298   3.402   -1.111  1.00 6.41  ? 60  SER A CA  1 
ATOM   421  C C   . SER A 1 60  ? 2.942   2.243   -2.035  1.00 6.38  ? 60  SER A C   1 
ATOM   422  O O   . SER A 1 60  ? 2.960   1.076   -1.551  1.00 7.19  ? 60  SER A O   1 
ATOM   423  C CB  . SER A 1 60  ? 4.773   3.516   -0.988  1.00 7.05  ? 60  SER A CB  1 
ATOM   424  O OG  . SER A 1 60  ? 5.096   4.697   -0.252  1.00 8.57  ? 60  SER A OG  1 
ATOM   425  N N   . ILE A 1 61  ? 2.608   2.545   -3.276  1.00 6.85  ? 61  ILE A N   1 
ATOM   426  C CA  . ILE A 1 61  ? 2.224   1.523   -4.281  1.00 7.29  ? 61  ILE A CA  1 
ATOM   427  C C   . ILE A 1 61  ? 3.079   1.697   -5.522  1.00 7.71  ? 61  ILE A C   1 
ATOM   428  O O   . ILE A 1 61  ? 3.001   2.747   -6.119  1.00 7.73  ? 61  ILE A O   1 
ATOM   429  C CB  . ILE A 1 61  ? 0.727   1.559   -4.643  1.00 7.60  ? 61  ILE A CB  1 
ATOM   430  C CG1 . ILE A 1 61  ? -0.161  1.541   -3.402  1.00 7.94  ? 61  ILE A CG1 1 
ATOM   431  C CG2 . ILE A 1 61  ? 0.404   0.405   -5.593  1.00 8.02  ? 61  ILE A CG2 1 
ATOM   432  C CD1 . ILE A 1 61  ? -1.619  1.571   -3.737  1.00 8.83  ? 61  ILE A CD1 1 
ATOM   433  N N   . SER A 1 62  ? 3.851   0.685   -5.885  1.00 7.54  ? 62  SER A N   1 
ATOM   434  C CA  . SER A 1 62  ? 4.734   0.701   -7.071  1.00 7.80  ? 62  SER A CA  1 
ATOM   435  C C   . SER A 1 62  ? 4.322   -0.409  -8.010  1.00 7.67  ? 62  SER A C   1 
ATOM   436  O O   . SER A 1 62  ? 4.185   -1.593  -7.569  1.00 7.98  ? 62  SER A O   1 
ATOM   437  C CB  . SER A 1 62  ? 6.160   0.560   -6.691  1.00 7.81  ? 62  SER A CB  1 
ATOM   438  O OG  . SER A 1 62  ? 6.559   1.557   -5.756  1.00 9.64  ? 62  SER A OG  1 
ATOM   439  N N   . SER A 1 63  ? 4.117   -0.092  -9.287  1.00 7.65  ? 63  SER A N   1 
ATOM   440  C CA  . SER A 1 63  ? 3.660   -1.126  -10.251 1.00 8.45  ? 63  SER A CA  1 
ATOM   441  C C   . SER A 1 63  ? 3.962   -0.704  -11.671 1.00 8.28  ? 63  SER A C   1 
ATOM   442  O O   . SER A 1 63  ? 4.087   0.522   -11.923 1.00 8.03  ? 63  SER A O   1 
ATOM   443  C CB  . SER A 1 63  ? 2.185   -1.433  -10.018 1.00 8.65  ? 63  SER A CB  1 
ATOM   444  O OG  . SER A 1 63  ? 1.825   -2.641  -10.677 1.00 10.15 ? 63  SER A OG  1 
ATOM   445  N N   . ILE A 1 64  ? 3.990   -1.645  -12.615 1.00 8.57  ? 64  ILE A N   1 
ATOM   446  C CA  . ILE A 1 64  ? 4.192   -1.315  -14.043 1.00 9.16  ? 64  ILE A CA  1 
ATOM   447  C C   . ILE A 1 64  ? 2.831   -1.003  -14.628 1.00 9.35  ? 64  ILE A C   1 
ATOM   448  O O   . ILE A 1 64  ? 1.886   -1.830  -14.466 1.00 11.80 ? 64  ILE A O   1 
ATOM   449  C CB  . ILE A 1 64  ? 4.864   -2.480  -14.782 1.00 9.60  ? 64  ILE A CB  1 
ATOM   450  C CG1 . ILE A 1 64  ? 6.232   -2.813  -14.188 1.00 9.91  ? 64  ILE A CG1 1 
ATOM   451  C CG2 . ILE A 1 64  ? 5.010   -2.169  -16.266 1.00 10.38 ? 64  ILE A CG2 1 
ATOM   452  C CD1 . ILE A 1 64  ? 6.850   -4.043  -14.804 1.00 10.78 ? 64  ILE A CD1 1 
ATOM   453  N N   . GLY A 1 65  ? 2.706   0.140   -15.296 1.00 10.37 ? 65  GLY A N   1 
ATOM   454  C CA  . GLY A 1 65  ? 1.594   0.463   -16.202 1.00 11.85 ? 65  GLY A CA  1 
ATOM   455  C C   . GLY A 1 65  ? 0.322   0.972   -15.539 1.00 11.15 ? 65  GLY A C   1 
ATOM   456  O O   . GLY A 1 65  ? -0.352  1.790   -16.194 1.00 15.59 ? 65  GLY A O   1 
ATOM   457  N N   . VAL A 1 66  ? -0.020  0.588   -14.315 1.00 9.44  ? 66  VAL A N   1 
ATOM   458  C CA  . VAL A 1 66  ? -1.390  0.807   -13.754 1.00 8.90  ? 66  VAL A CA  1 
ATOM   459  C C   . VAL A 1 66  ? -1.446  1.899   -12.687 1.00 8.42  ? 66  VAL A C   1 
ATOM   460  O O   . VAL A 1 66  ? -2.552  2.148   -12.244 1.00 8.94  ? 66  VAL A O   1 
ATOM   461  C CB  . VAL A 1 66  ? -1.954  -0.521  -13.217 1.00 10.07 ? 66  VAL A CB  1 
ATOM   462  C CG1 . VAL A 1 66  ? -2.075  -1.516  -14.377 1.00 10.87 ? 66  VAL A CG1 1 
ATOM   463  C CG2 . VAL A 1 66  ? -1.163  -1.115  -12.069 1.00 10.59 ? 66  VAL A CG2 1 
ATOM   464  N N   . VAL A 1 67  ? -0.330  2.543   -12.329 1.00 8.09  ? 67  VAL A N   1 
ATOM   465  C CA  . VAL A 1 67  ? -0.383  3.613   -11.279 1.00 8.21  ? 67  VAL A CA  1 
ATOM   466  C C   . VAL A 1 67  ? 0.209   4.920   -11.836 1.00 8.29  ? 67  VAL A C   1 
ATOM   467  O O   . VAL A 1 67  ? 0.732   5.726   -11.065 1.00 8.94  ? 67  VAL A O   1 
ATOM   468  C CB  . VAL A 1 67  ? 0.262   3.174   -9.942  1.00 8.59  ? 67  VAL A CB  1 
ATOM   469  C CG1 . VAL A 1 67  ? -0.493  1.998   -9.325  1.00 9.22  ? 67  VAL A CG1 1 
ATOM   470  C CG2 . VAL A 1 67  ? 1.758   2.851   -10.073 1.00 9.05  ? 67  VAL A CG2 1 
ATOM   471  N N   . GLY A 1 68  ? 0.047   5.162   -13.133 1.00 8.65  ? 68  GLY A N   1 
ATOM   472  C CA  . GLY A 1 68  ? 0.767   6.274   -13.790 1.00 8.50  ? 68  GLY A CA  1 
ATOM   473  C C   . GLY A 1 68  ? -0.128  7.415   -14.184 1.00 9.20  ? 68  GLY A C   1 
ATOM   474  O O   . GLY A 1 68  ? 0.443   8.417   -14.654 1.00 10.00 ? 68  GLY A O   1 
ATOM   475  N N   . THR A 1 69  ? -1.446  7.370   -13.967 1.00 8.44  ? 69  THR A N   1 
ATOM   476  C CA  . THR A 1 69  ? -2.333  8.511   -14.311 1.00 9.16  ? 69  THR A CA  1 
ATOM   477  C C   . THR A 1 69  ? -3.152  8.929   -13.103 1.00 8.60  ? 69  THR A C   1 
ATOM   478  O O   . THR A 1 69  ? -3.446  8.108   -12.188 1.00 8.78  ? 69  THR A O   1 
ATOM   479  C CB  . THR A 1 69  ? -3.307  8.202   -15.446 1.00 9.49  ? 69  THR A CB  1 
ATOM   480  O OG1 . THR A 1 69  ? -4.251  7.224   -15.049 1.00 10.48 ? 69  THR A OG1 1 
ATOM   481  C CG2 . THR A 1 69  ? -2.575  7.699   -16.671 1.00 9.45  ? 69  THR A CG2 1 
ATOM   482  N N   . ALA A 1 70  ? -3.555  10.195  -13.056 1.00 9.47  ? 70  ALA A N   1 
ATOM   483  C CA  . ALA A 1 70  ? -4.484  10.642  -12.010 1.00 9.38  ? 70  ALA A CA  1 
ATOM   484  C C   . ALA A 1 70  ? -5.788  9.831   -12.063 1.00 9.46  ? 70  ALA A C   1 
ATOM   485  O O   . ALA A 1 70  ? -6.312  9.496   -10.975 1.00 9.78  ? 70  ALA A O   1 
ATOM   486  C CB  . ALA A 1 70  ? -4.771  12.081  -12.187 1.00 9.49  ? 70  ALA A CB  1 
ATOM   487  N N   . GLU A 1 71  ? -6.352  9.566   -13.235 1.00 10.84 ? 71  GLU A N   1 
ATOM   488  C CA  . GLU A 1 71  ? -7.625  8.811   -13.325 1.00 12.64 ? 71  GLU A CA  1 
ATOM   489  C C   . GLU A 1 71  ? -7.457  7.412   -12.709 1.00 10.76 ? 71  GLU A C   1 
ATOM   490  O O   . GLU A 1 71  ? -8.362  6.956   -11.942 1.00 11.41 ? 71  GLU A O   1 
ATOM   491  C CB  . GLU A 1 71  ? -8.059  8.652   -14.789 1.00 15.58 ? 71  GLU A CB  1 
ATOM   492  C CG  . GLU A 1 71  ? -9.212  7.654   -14.983 1.00 22.61 ? 71  GLU A CG  1 
ATOM   493  C CD  . GLU A 1 71  ? -9.475  7.138   -16.407 1.00 28.07 ? 71  GLU A CD  1 
ATOM   494  O OE1 . GLU A 1 71  ? -10.075 7.880   -17.248 1.00 30.65 ? 71  GLU A OE1 1 
ATOM   495  O OE2 . GLU A 1 71  ? -9.054  5.988   -16.683 1.00 35.27 ? 71  GLU A OE2 1 
ATOM   496  N N   . ASP A 1 72  ? -6.398  6.699   -13.049 1.00 10.61 ? 72  ASP A N   1 
ATOM   497  C CA  . ASP A 1 72  ? -6.189  5.332   -12.495 1.00 10.51 ? 72  ASP A CA  1 
ATOM   498  C C   . ASP A 1 72  ? -6.023  5.445   -10.965 1.00 9.67  ? 72  ASP A C   1 
ATOM   499  O O   . ASP A 1 72  ? -6.661  4.707   -10.197 1.00 9.88  ? 72  ASP A O   1 
ATOM   500  C CB  . ASP A 1 72  ? -4.974  4.621   -13.113 1.00 11.66 ? 72  ASP A CB  1 
ATOM   501  C CG  . ASP A 1 72  ? -5.197  4.124   -14.536 1.00 14.91 ? 72  ASP A CG  1 
ATOM   502  O OD1 . ASP A 1 72  ? -6.386  4.091   -14.988 1.00 17.29 ? 72  ASP A OD1 1 
ATOM   503  O OD2 . ASP A 1 72  ? -4.191  3.877   -15.216 1.00 16.48 ? 72  ASP A OD2 1 
ATOM   504  N N   . ASN A 1 73  ? -5.186  6.368   -10.519 1.00 8.61  ? 73  ASN A N   1 
ATOM   505  C CA  . ASN A 1 73  ? -4.821  6.482   -9.092  1.00 7.96  ? 73  ASN A CA  1 
ATOM   506  C C   . ASN A 1 73  ? -6.045  6.920   -8.261  1.00 7.96  ? 73  ASN A C   1 
ATOM   507  O O   . ASN A 1 73  ? -6.179  6.521   -7.094  1.00 7.64  ? 73  ASN A O   1 
ATOM   508  C CB  . ASN A 1 73  ? -3.583  7.353   -8.975  1.00 7.72  ? 73  ASN A CB  1 
ATOM   509  C CG  . ASN A 1 73  ? -2.357  6.689   -9.526  1.00 7.78  ? 73  ASN A CG  1 
ATOM   510  O OD1 . ASN A 1 73  ? -2.357  5.501   -9.815  1.00 8.11  ? 73  ASN A OD1 1 
ATOM   511  N ND2 . ASN A 1 73  ? -1.295  7.476   -9.647  1.00 7.77  ? 73  ASN A ND2 1 
ATOM   512  N N   . ARG A 1 74  ? -6.932  7.747   -8.800  1.00 8.70  ? 74  ARG A N   1 
ATOM   513  C CA  . ARG A 1 74  ? -8.162  8.163   -8.098  1.00 9.31  ? 74  ARG A CA  1 
ATOM   514  C C   . ARG A 1 74  ? -9.057  6.957   -7.842  1.00 9.66  ? 74  ARG A C   1 
ATOM   515  O O   . ARG A 1 74  ? -9.578  6.834   -6.746  1.00 10.82 ? 74  ARG A O   1 
ATOM   516  C CB  . ARG A 1 74  ? -8.854  9.117   -9.037  1.00 12.01 ? 74  ARG A CB  1 
ATOM   517  C CG  . ARG A 1 74  ? -10.199 9.510   -8.514  1.00 14.72 ? 74  ARG A CG  1 
ATOM   518  C CD  . ARG A 1 74  ? -10.743 10.670  -9.318  1.00 16.78 ? 74  ARG A CD  1 
ATOM   519  N NE  . ARG A 1 74  ? -9.754  11.712  -9.373  1.00 15.67 ? 74  ARG A NE  1 
ATOM   520  C CZ  . ARG A 1 74  ? -9.181  12.239  -10.454 1.00 21.53 ? 74  ARG A CZ  1 
ATOM   521  N NH1 . ARG A 1 74  ? -9.515  11.871  -11.679 1.00 22.71 ? 74  ARG A NH1 1 
ATOM   522  N NH2 . ARG A 1 74  ? -8.293  13.203  -10.323 1.00 17.93 ? 74  ARG A NH2 1 
ATOM   523  N N   . SER A 1 75  ? -9.168  6.058   -8.822  1.00 10.42 ? 75  SER A N   1 
ATOM   524  C CA  . SER A 1 75  ? -9.978  4.816   -8.661  1.00 11.33 ? 75  SER A CA  1 
ATOM   525  C C   . SER A 1 75  ? -9.317  3.942   -7.589  1.00 10.99 ? 75  SER A C   1 
ATOM   526  O O   . SER A 1 75  ? -9.956  3.418   -6.661  1.00 10.23 ? 75  SER A O   1 
ATOM   527  C CB  . SER A 1 75  ? -10.002 4.065   -9.992  1.00 12.90 ? 75  SER A CB  1 
ATOM   528  O OG  . SER A 1 75  ? -10.683 2.842   -9.875  1.00 18.35 ? 75  SER A OG  1 
ATOM   529  N N   . HIS A 1 76  ? -8.012  3.792   -7.672  1.00 8.19  ? 76  HIS A N   1 
ATOM   530  C CA  . HIS A 1 76  ? -7.282  2.934   -6.702  1.00 8.33  ? 76  HIS A CA  1 
ATOM   531  C C   . HIS A 1 76  ? -7.444  3.519   -5.299  1.00 8.56  ? 76  HIS A C   1 
ATOM   532  O O   . HIS A 1 76  ? -7.662  2.799   -4.306  1.00 8.28  ? 76  HIS A O   1 
ATOM   533  C CB  . HIS A 1 76  ? -5.798  2.863   -7.059  1.00 9.01  ? 76  HIS A CB  1 
ATOM   534  C CG  . HIS A 1 76  ? -5.530  2.275   -8.395  1.00 8.48  ? 76  HIS A CG  1 
ATOM   535  N ND1 . HIS A 1 76  ? -4.471  2.605   -9.192  1.00 10.53 ? 76  HIS A ND1 1 
ATOM   536  C CD2 . HIS A 1 76  ? -6.261  1.343   -9.031  1.00 8.10  ? 76  HIS A CD2 1 
ATOM   537  C CE1 . HIS A 1 76  ? -4.549  1.848   -10.287 1.00 8.39  ? 76  HIS A CE1 1 
ATOM   538  N NE2 . HIS A 1 76  ? -5.666  1.121   -10.231 1.00 12.32 ? 76  HIS A NE2 1 
ATOM   539  N N   . SER A 1 77  ? -7.280  4.824   -5.189  1.00 7.75  ? 77  SER A N   1 
ATOM   540  C CA  . SER A 1 77  ? -7.279  5.551   -3.898  1.00 7.91  ? 77  SER A CA  1 
ATOM   541  C C   . SER A 1 77  ? -8.591  5.268   -3.167  1.00 7.37  ? 77  SER A C   1 
ATOM   542  O O   . SER A 1 77  ? -8.592  4.944   -1.961  1.00 6.97  ? 77  SER A O   1 
ATOM   543  C CB  . SER A 1 77  ? -7.056  7.018   -4.080  1.00 8.38  ? 77  SER A CB  1 
ATOM   544  O OG  . SER A 1 77  ? -6.911  7.724   -2.856  1.00 11.69 ? 77  SER A OG  1 
ATOM   545  N N   . ALA A 1 78  ? -9.720  5.361   -3.835  1.00 7.73  ? 78  ALA A N   1 
ATOM   546  C CA  . ALA A 1 78  ? -11.029 5.142   -3.179  1.00 7.81  ? 78  ALA A CA  1 
ATOM   547  C C   . ALA A 1 78  ? -11.038 3.762   -2.528  1.00 8.27  ? 78  ALA A C   1 
ATOM   548  O O   . ALA A 1 78  ? -11.426 3.678   -1.320  1.00 8.58  ? 78  ALA A O   1 
ATOM   549  C CB  . ALA A 1 78  ? -12.160 5.305   -4.169  1.00 9.16  ? 78  ALA A CB  1 
ATOM   550  N N   . HIS A 1 79  ? -10.605 2.748   -3.261  1.00 8.61  ? 79  HIS A N   1 
ATOM   551  C CA  . HIS A 1 79  ? -10.648 1.351   -2.755  1.00 8.77  ? 79  HIS A CA  1 
ATOM   552  C C   . HIS A 1 79  ? -9.678  1.168   -1.587  1.00 8.04  ? 79  HIS A C   1 
ATOM   553  O O   . HIS A 1 79  ? -10.015 0.518   -0.599  1.00 7.83  ? 79  HIS A O   1 
ATOM   554  C CB  . HIS A 1 79  ? -10.350 0.349   -3.851  1.00 10.15 ? 79  HIS A CB  1 
ATOM   555  C CG  . HIS A 1 79  ? -11.380 0.301   -4.934  1.00 13.20 ? 79  HIS A CG  1 
ATOM   556  N ND1 . HIS A 1 79  ? -12.673 -0.074  -4.695  1.00 16.87 ? 79  HIS A ND1 1 
ATOM   557  C CD2 . HIS A 1 79  ? -11.261 0.423   -6.270  1.00 14.07 ? 79  HIS A CD2 1 
ATOM   558  C CE1 . HIS A 1 79  ? -13.337 -0.099  -5.851  1.00 18.91 ? 79  HIS A CE1 1 
ATOM   559  N NE2 . HIS A 1 79  ? -12.500 0.249   -6.818  1.00 17.98 ? 79  HIS A NE2 1 
ATOM   560  N N   . PHE A 1 80  ? -8.444  1.653   -1.737  1.00 7.12  ? 80  PHE A N   1 
ATOM   561  C CA  . PHE A 1 80  ? -7.432  1.411   -0.675  1.00 6.90  ? 80  PHE A CA  1 
ATOM   562  C C   . PHE A 1 80  ? -7.816  2.189   0.592   1.00 6.76  ? 80  PHE A C   1 
ATOM   563  O O   . PHE A 1 80  ? -7.568  1.690   1.701   1.00 7.03  ? 80  PHE A O   1 
ATOM   564  C CB  . PHE A 1 80  ? -6.028  1.751   -1.173  1.00 6.91  ? 80  PHE A CB  1 
ATOM   565  C CG  . PHE A 1 80  ? -5.409  0.697   -2.026  1.00 6.73  ? 80  PHE A CG  1 
ATOM   566  C CD1 . PHE A 1 80  ? -5.047  -0.540  -1.501  1.00 6.72  ? 80  PHE A CD1 1 
ATOM   567  C CD2 . PHE A 1 80  ? -5.154  0.923   -3.365  1.00 7.02  ? 80  PHE A CD2 1 
ATOM   568  C CE1 . PHE A 1 80  ? -4.493  -1.532  -2.292  1.00 7.14  ? 80  PHE A CE1 1 
ATOM   569  C CE2 . PHE A 1 80  ? -4.608  -0.063  -4.158  1.00 7.49  ? 80  PHE A CE2 1 
ATOM   570  C CZ  . PHE A 1 80  ? -4.235  -1.282  -3.607  1.00 6.89  ? 80  PHE A CZ  1 
ATOM   571  N N   . PHE A 1 81  ? -8.440  3.352   0.460   1.00 7.02  ? 81  PHE A N   1 
ATOM   572  C CA  . PHE A 1 81  ? -8.932  4.080   1.644   1.00 7.37  ? 81  PHE A CA  1 
ATOM   573  C C   . PHE A 1 81  ? -10.101 3.332   2.311   1.00 7.78  ? 81  PHE A C   1 
ATOM   574  O O   . PHE A 1 81  ? -10.106 3.253   3.542   1.00 7.68  ? 81  PHE A O   1 
ATOM   575  C CB  . PHE A 1 81  ? -9.320  5.521   1.325   1.00 7.03  ? 81  PHE A CB  1 
ATOM   576  C CG  . PHE A 1 81  ? -8.197  6.503   1.386   1.00 6.67  ? 81  PHE A CG  1 
ATOM   577  C CD1 . PHE A 1 81  ? -7.284  6.654   0.352   1.00 6.34  ? 81  PHE A CD1 1 
ATOM   578  C CD2 . PHE A 1 81  ? -8.012  7.235   2.562   1.00 6.52  ? 81  PHE A CD2 1 
ATOM   579  C CE1 . PHE A 1 81  ? -6.264  7.598   0.459   1.00 6.70  ? 81  PHE A CE1 1 
ATOM   580  C CE2 . PHE A 1 81  ? -6.987  8.165   2.655   1.00 7.35  ? 81  PHE A CE2 1 
ATOM   581  C CZ  . PHE A 1 81  ? -6.097  8.299   1.627   1.00 6.70  ? 81  PHE A CZ  1 
ATOM   582  N N   . GLU A 1 82  ? -11.027 2.789   1.532   1.00 8.83  ? 82  GLU A N   1 
ATOM   583  C CA  . GLU A 1 82  ? -12.146 2.030   2.126   1.00 9.86  ? 82  GLU A CA  1 
ATOM   584  C C   . GLU A 1 82  ? -11.585 0.859   2.942   1.00 9.12  ? 82  GLU A C   1 
ATOM   585  O O   . GLU A 1 82  ? -12.028 0.655   4.069   1.00 11.03 ? 82  GLU A O   1 
ATOM   586  C CB  . GLU A 1 82  ? -13.063 1.515   1.001   1.00 11.97 ? 82  GLU A CB  1 
ATOM   587  C CG  . GLU A 1 82  ? -14.022 2.561   0.446   1.00 16.29 ? 82  GLU A CG  1 
ATOM   588  C CD  . GLU A 1 82  ? -14.330 2.503   -1.044  1.00 19.39 ? 82  GLU A CD  1 
ATOM   589  O OE1 . GLU A 1 82  ? -14.919 3.473   -1.561  1.00 21.95 ? 82  GLU A OE1 1 
ATOM   590  O OE2 . GLU A 1 82  ? -13.990 1.494   -1.684  1.00 24.84 ? 82  GLU A OE2 1 
ATOM   591  N N   . PHE A 1 83  ? -10.558 0.196   2.423   1.00 8.63  ? 83  PHE A N   1 
ATOM   592  C CA  . PHE A 1 83  ? -9.991  -0.989  3.081   1.00 8.03  ? 83  PHE A CA  1 
ATOM   593  C C   . PHE A 1 83  ? -9.192  -0.540  4.313   1.00 8.04  ? 83  PHE A C   1 
ATOM   594  O O   . PHE A 1 83  ? -9.383  -1.064  5.402   1.00 9.73  ? 83  PHE A O   1 
ATOM   595  C CB  . PHE A 1 83  ? -9.099  -1.713  2.057   1.00 8.69  ? 83  PHE A CB  1 
ATOM   596  C CG  . PHE A 1 83  ? -8.373  -2.910  2.595   1.00 9.30  ? 83  PHE A CG  1 
ATOM   597  C CD1 . PHE A 1 83  ? -9.002  -4.145  2.719   1.00 10.60 ? 83  PHE A CD1 1 
ATOM   598  C CD2 . PHE A 1 83  ? -7.065  -2.771  3.013   1.00 9.08  ? 83  PHE A CD2 1 
ATOM   599  C CE1 . PHE A 1 83  ? -8.294  -5.219  3.236   1.00 11.13 ? 83  PHE A CE1 1 
ATOM   600  C CE2 . PHE A 1 83  ? -6.378  -3.842  3.552   1.00 10.14 ? 83  PHE A CE2 1 
ATOM   601  C CZ  . PHE A 1 83  ? -6.982  -5.077  3.640   1.00 9.98  ? 83  PHE A CZ  1 
ATOM   602  N N   . LEU A 1 84  ? -8.286  0.437   4.144   1.00 7.27  ? 84  LEU A N   1 
ATOM   603  C CA  . LEU A 1 84  ? -7.333  0.700   5.243   1.00 7.51  ? 84  LEU A CA  1 
ATOM   604  C C   . LEU A 1 84  ? -7.979  1.506   6.362   1.00 7.04  ? 84  LEU A C   1 
ATOM   605  O O   . LEU A 1 84  ? -7.647  1.285   7.522   1.00 6.38  ? 84  LEU A O   1 
ATOM   606  C CB  . LEU A 1 84  ? -6.102  1.431   4.733   1.00 8.13  ? 84  LEU A CB  1 
ATOM   607  C CG  . LEU A 1 84  ? -5.135  0.622   3.882   1.00 9.64  ? 84  LEU A CG  1 
ATOM   608  C CD1 . LEU A 1 84  ? -4.083  1.547   3.284   1.00 10.33 ? 84  LEU A CD1 1 
ATOM   609  C CD2 . LEU A 1 84  ? -4.470  -0.486  4.707   1.00 10.09 ? 84  LEU A CD2 1 
ATOM   610  N N   . THR A 1 85  ? -8.908  2.400   6.085   1.00 6.24  ? 85  THR A N   1 
ATOM   611  C CA  . THR A 1 85  ? -9.573  3.126   7.186   1.00 7.32  ? 85  THR A CA  1 
ATOM   612  C C   . THR A 1 85  ? -10.203 2.099   8.133   1.00 6.92  ? 85  THR A C   1 
ATOM   613  O O   . THR A 1 85  ? -10.116 2.240   9.358   1.00 7.87  ? 85  THR A O   1 
ATOM   614  C CB  . THR A 1 85  ? -10.644 4.091   6.683   1.00 7.42  ? 85  THR A CB  1 
ATOM   615  O OG1 . THR A 1 85  ? -11.576 3.417   5.839   1.00 8.38  ? 85  THR A OG1 1 
ATOM   616  C CG2 . THR A 1 85  ? -10.031 5.294   6.006   1.00 7.65  ? 85  THR A CG2 1 
ATOM   617  N N   . LYS A 1 86  ? -10.891 1.104   7.592   1.00 7.13  ? 86  LYS A N   1 
ATOM   618  C CA  . LYS A 1 86  ? -11.644 0.157   8.456   1.00 7.57  ? 86  LYS A CA  1 
ATOM   619  C C   . LYS A 1 86  ? -10.715 -0.889  9.059   1.00 7.74  ? 86  LYS A C   1 
ATOM   620  O O   . LYS A 1 86  ? -10.847 -1.190  10.252  1.00 8.06  ? 86  LYS A O   1 
ATOM   621  C CB  . LYS A 1 86  ? -12.782 -0.457  7.646   1.00 8.42  ? 86  LYS A CB  1 
ATOM   622  C CG  . LYS A 1 86  ? -13.795 0.557   7.182   1.00 9.88  ? 86  LYS A CG  1 
ATOM   623  C CD  . LYS A 1 86  ? -14.373 1.341   8.295   1.00 11.54 ? 86  LYS A CD  1 
ATOM   624  C CE  . LYS A 1 86  ? -15.519 2.194   7.811   1.00 15.11 ? 86  LYS A CE  1 
ATOM   625  N NZ  . LYS A 1 86  ? -16.361 2.692   8.923   1.00 22.14 ? 86  LYS A NZ  1 
ATOM   626  N N   . GLU A 1 87  ? -9.715  -1.394  8.307   1.00 7.07  ? 87  GLU A N   1 
ATOM   627  C CA  . GLU A 1 87  ? -8.778  -2.353  8.922   1.00 7.25  ? 87  GLU A CA  1 
ATOM   628  C C   . GLU A 1 87  ? -8.043  -1.697  10.085  1.00 8.33  ? 87  GLU A C   1 
ATOM   629  O O   . GLU A 1 87  ? -7.772  -2.358  11.085  1.00 8.75  ? 87  GLU A O   1 
ATOM   630  C CB  . GLU A 1 87  ? -7.764  -2.825  7.878   1.00 7.14  ? 87  GLU A CB  1 
ATOM   631  C CG  . GLU A 1 87  ? -8.281  -3.844  6.882   1.00 7.33  ? 87  GLU A CG  1 
ATOM   632  C CD  . GLU A 1 87  ? -8.378  -5.262  7.391   1.00 7.82  ? 87  GLU A CD  1 
ATOM   633  O OE1 . GLU A 1 87  ? -8.015  -5.495  8.594   1.00 9.47  ? 87  GLU A OE1 1 
ATOM   634  O OE2 . GLU A 1 87  ? -8.813  -6.121  6.617   1.00 9.62  ? 87  GLU A OE2 1 
ATOM   635  N N   . LEU A 1 88  ? -7.590  -0.456  9.910   1.00 7.70  ? 88  LEU A N   1 
ATOM   636  C CA  . LEU A 1 88  ? -6.674  0.162   10.904  1.00 7.93  ? 88  LEU A CA  1 
ATOM   637  C C   . LEU A 1 88  ? -7.434  1.035   11.897  1.00 7.88  ? 88  LEU A C   1 
ATOM   638  O O   . LEU A 1 88  ? -6.784  1.565   12.818  1.00 8.59  ? 88  LEU A O   1 
ATOM   639  C CB  . LEU A 1 88  ? -5.614  1.012   10.207  1.00 8.17  ? 88  LEU A CB  1 
ATOM   640  C CG  . LEU A 1 88  ? -4.744  0.261   9.191   1.00 8.66  ? 88  LEU A CG  1 
ATOM   641  C CD1 . LEU A 1 88  ? -3.783  1.215   8.489   1.00 9.15  ? 88  LEU A CD1 1 
ATOM   642  C CD2 . LEU A 1 88  ? -3.977  -0.857  9.868   1.00 10.00 ? 88  LEU A CD2 1 
ATOM   643  N N   . ALA A 1 89  ? -8.751  1.182   11.750  1.00 7.55  ? 89  ALA A N   1 
ATOM   644  C CA  . ALA A 1 89  ? -9.587  2.032   12.618  1.00 8.27  ? 89  ALA A CA  1 
ATOM   645  C C   . ALA A 1 89  ? -9.045  3.462   12.603  1.00 8.84  ? 89  ALA A C   1 
ATOM   646  O O   . ALA A 1 89  ? -8.880  4.076   13.656  1.00 9.82  ? 89  ALA A O   1 
ATOM   647  C CB  . ALA A 1 89  ? -9.720  1.445   13.979  1.00 9.75  ? 89  ALA A CB  1 
ATOM   648  N N   . LEU A 1 90  ? -8.737  3.927   11.407  1.00 8.21  ? 90  LEU A N   1 
ATOM   649  C CA  . LEU A 1 90  ? -8.225  5.291   11.139  1.00 8.16  ? 90  LEU A CA  1 
ATOM   650  C C   . LEU A 1 90  ? -9.245  6.068   10.320  1.00 8.04  ? 90  LEU A C   1 
ATOM   651  O O   . LEU A 1 90  ? -9.823  5.521   9.352   1.00 9.51  ? 90  LEU A O   1 
ATOM   652  C CB  . LEU A 1 90  ? -6.896  5.222   10.382  1.00 8.38  ? 90  LEU A CB  1 
ATOM   653  C CG  . LEU A 1 90  ? -5.741  4.622   11.177  1.00 8.87  ? 90  LEU A CG  1 
ATOM   654  C CD1 . LEU A 1 90  ? -4.480  4.578   10.327  1.00 9.20  ? 90  LEU A CD1 1 
ATOM   655  C CD2 . LEU A 1 90  ? -5.488  5.425   12.458  1.00 8.96  ? 90  LEU A CD2 1 
ATOM   656  N N   . GLY A 1 91  ? -9.371  7.347   10.621  1.00 7.66  ? 91  GLY A N   1 
ATOM   657  C CA  . GLY A 1 91  ? -10.103 8.293   9.768   1.00 8.22  ? 91  GLY A CA  1 
ATOM   658  C C   . GLY A 1 91  ? -9.437  8.461   8.427   1.00 8.49  ? 91  GLY A C   1 
ATOM   659  O O   . GLY A 1 91  ? -8.209  8.282   8.292   1.00 8.24  ? 91  GLY A O   1 
ATOM   660  N N   . GLN A 1 92  ? -10.175 8.874   7.413   1.00 8.92  ? 92  GLN A N   1 
ATOM   661  C CA  . GLN A 1 92  ? -9.573  9.049   6.072   1.00 9.14  ? 92  GLN A CA  1 
ATOM   662  C C   . GLN A 1 92  ? -8.521  10.164  6.101   1.00 9.45  ? 92  GLN A C   1 
ATOM   663  O O   . GLN A 1 92  ? -7.671  10.222  5.170   1.00 9.25  ? 92  GLN A O   1 
ATOM   664  C CB  . GLN A 1 92  ? -10.624 9.312   5.014   1.00 10.01 ? 92  GLN A CB  1 
ATOM   665  C CG  . GLN A 1 92  ? -11.416 10.544  5.318   1.00 10.81 ? 92  GLN A CG  1 
ATOM   666  C CD  . GLN A 1 92  ? -12.304 10.970  4.176   1.00 11.91 ? 92  GLN A CD  1 
ATOM   667  O OE1 . GLN A 1 92  ? -12.511 10.215  3.203   1.00 13.18 ? 92  GLN A OE1 1 
ATOM   668  N NE2 . GLN A 1 92  ? -12.727 12.226  4.217   1.00 11.46 ? 92  GLN A NE2 1 
ATOM   669  N N   . ASP A 1 93  ? -8.559  11.088  7.069   1.00 8.50  ? 93  ASP A N   1 
ATOM   670  C CA  . ASP A 1 93  ? -7.562  12.169  7.218   1.00 8.09  ? 93  ASP A CA  1 
ATOM   671  C C   . ASP A 1 93  ? -6.215  11.640  7.743   1.00 7.74  ? 93  ASP A C   1 
ATOM   672  O O   . ASP A 1 93  ? -5.260  12.383  7.782   1.00 7.96  ? 93  ASP A O   1 
ATOM   673  C CB  . ASP A 1 93  ? -8.072  13.274  8.143   1.00 9.05  ? 93  ASP A CB  1 
ATOM   674  C CG  . ASP A 1 93  ? -8.389  12.765  9.537   1.00 9.63  ? 93  ASP A CG  1 
ATOM   675  O OD1 . ASP A 1 93  ? -9.222  11.843  9.659   1.00 10.52 ? 93  ASP A OD1 1 
ATOM   676  O OD2 . ASP A 1 93  ? -7.863  13.318  10.496  1.00 14.07 ? 93  ASP A OD2 1 
ATOM   677  N N   . ARG A 1 94  ? -6.131  10.368  8.130   1.00 6.54  ? 94  ARG A N   1 
ATOM   678  C CA  . ARG A 1 94  ? -4.948  9.822   8.805   1.00 6.63  ? 94  ARG A CA  1 
ATOM   679  C C   . ARG A 1 94  ? -4.230  8.813   7.921   1.00 6.47  ? 94  ARG A C   1 
ATOM   680  O O   . ARG A 1 94  ? -3.303  8.140   8.419   1.00 6.27  ? 94  ARG A O   1 
ATOM   681  C CB  . ARG A 1 94  ? -5.350  9.197   10.143  1.00 6.74  ? 94  ARG A CB  1 
ATOM   682  C CG  . ARG A 1 94  ? -6.096  10.080  11.150  1.00 6.65  ? 94  ARG A CG  1 
ATOM   683  C CD  . ARG A 1 94  ? -5.358  11.380  11.386  1.00 6.67  ? 94  ARG A CD  1 
ATOM   684  N NE  . ARG A 1 94  ? -4.022  11.178  11.936  1.00 6.85  ? 94  ARG A NE  1 
ATOM   685  C CZ  . ARG A 1 94  ? -3.002  11.999  11.769  1.00 7.11  ? 94  ARG A CZ  1 
ATOM   686  N NH1 . ARG A 1 94  ? -3.141  13.114  11.065  1.00 8.20  ? 94  ARG A NH1 1 
ATOM   687  N NH2 . ARG A 1 94  ? -1.810  11.712  12.303  1.00 7.76  ? 94  ARG A NH2 1 
ATOM   688  N N   . ILE A 1 95  ? -4.532  8.780   6.646   1.00 6.03  ? 95  ILE A N   1 
ATOM   689  C CA  . ILE A 1 95  ? -3.844  7.887   5.696   1.00 6.36  ? 95  ILE A CA  1 
ATOM   690  C C   . ILE A 1 95  ? -3.450  8.705   4.494   1.00 6.45  ? 95  ILE A C   1 
ATOM   691  O O   . ILE A 1 95  ? -4.289  9.529   4.033   1.00 6.48  ? 95  ILE A O   1 
ATOM   692  C CB  . ILE A 1 95  ? -4.753  6.699   5.313   1.00 7.42  ? 95  ILE A CB  1 
ATOM   693  C CG1 . ILE A 1 95  ? -5.038  5.787   6.509   1.00 8.08  ? 95  ILE A CG1 1 
ATOM   694  C CG2 . ILE A 1 95  ? -4.184  5.903   4.162   1.00 7.96  ? 95  ILE A CG2 1 
ATOM   695  C CD1 . ILE A 1 95  ? -6.220  4.872   6.315   1.00 8.74  ? 95  ILE A CD1 1 
ATOM   696  N N   . LEU A 1 96  ? -2.253  8.505   3.939   1.00 6.25  ? 96  LEU A N   1 
ATOM   697  C CA  . LEU A 1 96  ? -1.899  9.043   2.596   1.00 6.59  ? 96  LEU A CA  1 
ATOM   698  C C   . LEU A 1 96  ? -1.337  7.890   1.779   1.00 6.55  ? 96  LEU A C   1 
ATOM   699  O O   . LEU A 1 96  ? -0.710  6.964   2.352   1.00 6.93  ? 96  LEU A O   1 
ATOM   700  C CB  . LEU A 1 96  ? -0.905  10.205  2.699   1.00 6.42  ? 96  LEU A CB  1 
ATOM   701  C CG  . LEU A 1 96  ? -1.498  11.471  3.295   1.00 6.43  ? 96  LEU A CG  1 
ATOM   702  C CD1 . LEU A 1 96  ? -0.409  12.444  3.702   1.00 7.51  ? 96  LEU A CD1 1 
ATOM   703  C CD2 . LEU A 1 96  ? -2.491  12.145  2.343   1.00 6.64  ? 96  LEU A CD2 1 
ATOM   704  N N   . ILE A 1 97  ? -1.488  7.993   0.478   1.00 6.11  ? 97  ILE A N   1 
ATOM   705  C CA  . ILE A 1 97  ? -0.919  7.023   -0.495  1.00 6.59  ? 97  ILE A CA  1 
ATOM   706  C C   . ILE A 1 97  ? 0.023   7.766   -1.443  1.00 6.83  ? 97  ILE A C   1 
ATOM   707  O O   . ILE A 1 97  ? -0.307  8.866   -1.871  1.00 6.48  ? 97  ILE A O   1 
ATOM   708  C CB  . ILE A 1 97  ? -1.999  6.297   -1.310  1.00 6.67  ? 97  ILE A CB  1 
ATOM   709  C CG1 . ILE A 1 97  ? -3.071  5.694   -0.408  1.00 7.05  ? 97  ILE A CG1 1 
ATOM   710  C CG2 . ILE A 1 97  ? -1.349  5.221   -2.200  1.00 7.32  ? 97  ILE A CG2 1 
ATOM   711  C CD1 . ILE A 1 97  ? -4.239  5.066   -1.154  1.00 7.74  ? 97  ILE A CD1 1 
ATOM   712  N N   . ARG A 1 98  ? 1.154   7.137   -1.782  1.00 6.63  ? 98  ARG A N   1 
ATOM   713  C CA  . ARG A 1 98  ? 2.016   7.613   -2.886  1.00 6.29  ? 98  ARG A CA  1 
ATOM   714  C C   . ARG A 1 98  ? 2.070   6.488   -3.916  1.00 5.93  ? 98  ARG A C   1 
ATOM   715  O O   . ARG A 1 98  ? 2.239   5.314   -3.549  1.00 6.37  ? 98  ARG A O   1 
ATOM   716  C CB  . ARG A 1 98  ? 3.411   8.048   -2.423  1.00 6.76  ? 98  ARG A CB  1 
ATOM   717  C CG  . ARG A 1 98  ? 3.373   9.353   -1.617  1.00 7.63  ? 98  ARG A CG  1 
ATOM   718  C CD  . ARG A 1 98  ? 4.726   9.523   -0.941  1.00 9.69  ? 98  ARG A CD  1 
ATOM   719  N NE  . ARG A 1 98  ? 4.875   8.551   0.104   1.00 9.91  ? 98  ARG A NE  1 
ATOM   720  C CZ  . ARG A 1 98  ? 5.990   8.191   0.722   1.00 11.69 ? 98  ARG A CZ  1 
ATOM   721  N NH1 . ARG A 1 98  ? 7.137   8.764   0.393   1.00 13.46 ? 98  ARG A NH1 1 
ATOM   722  N NH2 . ARG A 1 98  ? 5.935   7.273   1.668   1.00 12.75 ? 98  ARG A NH2 1 
ATOM   723  N N   . PHE A 1 99  ? 1.967   6.881   -5.189  1.00 5.94  ? 99  PHE A N   1 
ATOM   724  C CA  . PHE A 1 99  ? 1.967   5.976   -6.347  1.00 6.33  ? 99  PHE A CA  1 
ATOM   725  C C   . PHE A 1 99  ? 3.242   6.227   -7.132  1.00 6.29  ? 99  PHE A C   1 
ATOM   726  O O   . PHE A 1 99  ? 3.559   7.322   -7.490  1.00 6.08  ? 99  PHE A O   1 
ATOM   727  C CB  . PHE A 1 99  ? 0.742   6.232   -7.226  1.00 5.90  ? 99  PHE A CB  1 
ATOM   728  C CG  . PHE A 1 99  ? -0.589  5.927   -6.586  1.00 6.42  ? 99  PHE A CG  1 
ATOM   729  C CD1 . PHE A 1 99  ? -1.120  4.654   -6.650  1.00 6.51  ? 99  PHE A CD1 1 
ATOM   730  C CD2 . PHE A 1 99  ? -1.323  6.904   -5.928  1.00 6.71  ? 99  PHE A CD2 1 
ATOM   731  C CE1 . PHE A 1 99  ? -2.368  4.395   -6.113  1.00 6.83  ? 99  PHE A CE1 1 
ATOM   732  C CE2 . PHE A 1 99  ? -2.562  6.631   -5.359  1.00 7.52  ? 99  PHE A CE2 1 
ATOM   733  C CZ  . PHE A 1 99  ? -3.076  5.373   -5.477  1.00 7.20  ? 99  PHE A CZ  1 
ATOM   734  N N   . PHE A 1 100 ? 3.917   5.098   -7.462  1.00 6.52  ? 100 PHE A N   1 
ATOM   735  C CA  . PHE A 1 100 ? 5.227   5.096   -8.158  1.00 6.69  ? 100 PHE A CA  1 
ATOM   736  C C   . PHE A 1 100 ? 5.241   4.121   -9.329  1.00 7.03  ? 100 PHE A C   1 
ATOM   737  O O   . PHE A 1 100 ? 5.363   2.898   -9.133  1.00 7.81  ? 100 PHE A O   1 
ATOM   738  C CB  . PHE A 1 100 ? 6.323   4.659   -7.173  1.00 7.15  ? 100 PHE A CB  1 
ATOM   739  C CG  . PHE A 1 100 ? 6.450   5.584   -5.993  1.00 7.46  ? 100 PHE A CG  1 
ATOM   740  C CD1 . PHE A 1 100 ? 7.054   6.829   -6.126  1.00 8.17  ? 100 PHE A CD1 1 
ATOM   741  C CD2 . PHE A 1 100 ? 5.964   5.219   -4.745  1.00 7.39  ? 100 PHE A CD2 1 
ATOM   742  C CE1 . PHE A 1 100 ? 7.116   7.707   -5.057  1.00 7.55  ? 100 PHE A CE1 1 
ATOM   743  C CE2 . PHE A 1 100 ? 6.027   6.094   -3.681  1.00 7.81  ? 100 PHE A CE2 1 
ATOM   744  C CZ  . PHE A 1 100 ? 6.648   7.303   -3.823  1.00 8.36  ? 100 PHE A CZ  1 
ATOM   745  N N   . PRO A 1 101 ? 5.114   4.605   -10.567 1.00 7.18  ? 101 PRO A N   1 
ATOM   746  C CA  . PRO A 1 101 ? 5.330   3.734   -11.731 1.00 7.71  ? 101 PRO A CA  1 
ATOM   747  C C   . PRO A 1 101 ? 6.735   3.132   -11.707 1.00 8.56  ? 101 PRO A C   1 
ATOM   748  O O   . PRO A 1 101 ? 7.722   3.797   -11.387 1.00 9.82  ? 101 PRO A O   1 
ATOM   749  C CB  . PRO A 1 101 ? 5.147   4.657   -12.949 1.00 8.27  ? 101 PRO A CB  1 
ATOM   750  C CG  . PRO A 1 101 ? 4.227   5.727   -12.365 1.00 8.45  ? 101 PRO A CG  1 
ATOM   751  C CD  . PRO A 1 101 ? 4.728   5.982   -10.949 1.00 8.11  ? 101 PRO A CD  1 
ATOM   752  N N   . LEU A 1 102 ? 6.784   1.868   -12.052 1.00 8.75  ? 102 LEU A N   1 
ATOM   753  C CA  . LEU A 1 102 ? 8.029   1.106   -12.282 1.00 8.86  ? 102 LEU A CA  1 
ATOM   754  C C   . LEU A 1 102 ? 8.106   0.665   -13.728 1.00 8.62  ? 102 LEU A C   1 
ATOM   755  O O   . LEU A 1 102 ? 7.065   0.568   -14.408 1.00 9.10  ? 102 LEU A O   1 
ATOM   756  C CB  . LEU A 1 102 ? 8.097   -0.139  -11.413 1.00 10.07 ? 102 LEU A CB  1 
ATOM   757  C CG  . LEU A 1 102 ? 8.178   0.093   -9.915  1.00 10.66 ? 102 LEU A CG  1 
ATOM   758  C CD1 . LEU A 1 102 ? 8.081   -1.265  -9.268  1.00 12.11 ? 102 LEU A CD1 1 
ATOM   759  C CD2 . LEU A 1 102 ? 9.432   0.854   -9.460  1.00 12.00 ? 102 LEU A CD2 1 
ATOM   760  N N   . GLU A 1 103 ? 9.299   0.350   -14.202 1.00 8.34  ? 103 GLU A N   1 
ATOM   761  C CA  . GLU A 1 103 ? 9.505   -0.339  -15.480 1.00 9.15  ? 103 GLU A CA  1 
ATOM   762  C C   . GLU A 1 103 ? 10.247  -1.643  -15.218 1.00 8.70  ? 103 GLU A C   1 
ATOM   763  O O   . GLU A 1 103 ? 10.923  -1.824  -14.210 1.00 8.69  ? 103 GLU A O   1 
ATOM   764  C CB  . GLU A 1 103 ? 10.336  0.530   -16.414 1.00 10.87 ? 103 GLU A CB  1 
ATOM   765  C CG  . GLU A 1 103 ? 9.642   1.838   -16.773 1.00 14.21 ? 103 GLU A CG  1 
ATOM   766  C CD  . GLU A 1 103 ? 8.349   1.746   -17.540 1.00 20.77 ? 103 GLU A CD  1 
ATOM   767  O OE1 . GLU A 1 103 ? 7.634   2.748   -17.555 1.00 24.52 ? 103 GLU A OE1 1 
ATOM   768  O OE2 . GLU A 1 103 ? 8.055   0.676   -18.136 1.00 24.98 ? 103 GLU A OE2 1 
ATOM   769  N N   . SER A 1 104 ? 10.095  -2.615  -16.121 1.00 9.21  ? 104 SER A N   1 
ATOM   770  C CA  . SER A 1 104 ? 10.580  -3.989  -15.878 1.00 9.36  ? 104 SER A CA  1 
ATOM   771  C C   . SER A 1 104 ? 12.096  -4.058  -15.717 1.00 7.96  ? 104 SER A C   1 
ATOM   772  O O   . SER A 1 104 ? 12.568  -4.949  -15.013 1.00 8.62  ? 104 SER A O   1 
ATOM   773  C CB  . SER A 1 104 ? 10.084  -4.935  -16.925 1.00 10.66 ? 104 SER A CB  1 
ATOM   774  O OG  . SER A 1 104 ? 10.484  -4.494  -18.208 1.00 12.96 ? 104 SER A OG  1 
ATOM   775  N N   . TRP A 1 105 ? 12.842  -3.128  -16.301 1.00 7.16  ? 105 TRP A N   1 
ATOM   776  C CA  . TRP A 1 105 ? 14.325  -3.161  -16.197 1.00 7.18  ? 105 TRP A CA  1 
ATOM   777  C C   . TRP A 1 105 ? 14.759  -2.867  -14.757 1.00 7.28  ? 105 TRP A C   1 
ATOM   778  O O   . TRP A 1 105 ? 15.917  -3.076  -14.446 1.00 7.58  ? 105 TRP A O   1 
ATOM   779  C CB  . TRP A 1 105 ? 15.008  -2.180  -17.162 1.00 7.91  ? 105 TRP A CB  1 
ATOM   780  C CG  . TRP A 1 105 ? 14.591  -0.756  -16.987 1.00 7.69  ? 105 TRP A CG  1 
ATOM   781  C CD1 . TRP A 1 105 ? 13.612  -0.100  -17.690 1.00 7.80  ? 105 TRP A CD1 1 
ATOM   782  C CD2 . TRP A 1 105 ? 15.150  0.220   -16.083 1.00 7.74  ? 105 TRP A CD2 1 
ATOM   783  N NE1 . TRP A 1 105 ? 13.538  1.205   -17.276 1.00 8.11  ? 105 TRP A NE1 1 
ATOM   784  C CE2 . TRP A 1 105 ? 14.435  1.426   -16.273 1.00 7.90  ? 105 TRP A CE2 1 
ATOM   785  C CE3 . TRP A 1 105 ? 16.190  0.216   -15.141 1.00 8.28  ? 105 TRP A CE3 1 
ATOM   786  C CZ2 . TRP A 1 105 ? 14.683  2.566   -15.511 1.00 7.75  ? 105 TRP A CZ2 1 
ATOM   787  C CZ3 . TRP A 1 105 ? 16.436  1.346   -14.391 1.00 9.17  ? 105 TRP A CZ3 1 
ATOM   788  C CH2 . TRP A 1 105 ? 15.729  2.517   -14.614 1.00 8.77  ? 105 TRP A CH2 1 
ATOM   789  N N   . GLN A 1 106 ? 13.850  -2.344  -13.936 1.00 7.53  ? 106 GLN A N   1 
ATOM   790  C CA  . GLN A 1 106 ? 14.152  -1.992  -12.537 1.00 7.51  ? 106 GLN A CA  1 
ATOM   791  C C   . GLN A 1 106 ? 13.984  -3.197  -11.622 1.00 7.32  ? 106 GLN A C   1 
ATOM   792  O O   . GLN A 1 106 ? 14.223  -3.019  -10.418 1.00 7.83  ? 106 GLN A O   1 
ATOM   793  C CB  . GLN A 1 106 ? 13.209  -0.887  -12.053 1.00 8.28  ? 106 GLN A CB  1 
ATOM   794  C CG  . GLN A 1 106 ? 13.421  0.427   -12.747 1.00 8.45  ? 106 GLN A CG  1 
ATOM   795  C CD  . GLN A 1 106 ? 12.491  1.474   -12.208 1.00 8.50  ? 106 GLN A CD  1 
ATOM   796  O OE1 . GLN A 1 106 ? 11.405  1.699   -12.752 1.00 9.00  ? 106 GLN A OE1 1 
ATOM   797  N NE2 . GLN A 1 106 ? 12.901  2.101   -11.129 1.00 8.34  ? 106 GLN A NE2 1 
ATOM   798  N N   . ILE A 1 107 ? 13.495  -4.334  -12.085 1.00 6.91  ? 107 ILE A N   1 
ATOM   799  C CA  . ILE A 1 107 ? 13.066  -5.412  -11.149 1.00 7.93  ? 107 ILE A CA  1 
ATOM   800  C C   . ILE A 1 107 ? 13.996  -6.599  -11.287 1.00 7.56  ? 107 ILE A C   1 
ATOM   801  O O   . ILE A 1 107 ? 13.993  -7.244  -12.339 1.00 8.20  ? 107 ILE A O   1 
ATOM   802  C CB  . ILE A 1 107 ? 11.593  -5.815  -11.355 1.00 9.04  ? 107 ILE A CB  1 
ATOM   803  C CG1 . ILE A 1 107 ? 10.664  -4.605  -11.204 1.00 9.60  ? 107 ILE A CG1 1 
ATOM   804  C CG2 . ILE A 1 107 ? 11.198  -6.926  -10.413 1.00 8.65  ? 107 ILE A CG2 1 
ATOM   805  C CD1 . ILE A 1 107 ? 9.259   -4.858  -11.607 1.00 11.32 ? 107 ILE A CD1 1 
ATOM   806  N N   . GLY A 1 108 ? 14.731  -6.918  -10.253 1.00 7.49  ? 108 GLY A N   1 
ATOM   807  C CA  . GLY A 1 108 ? 15.582  -8.112  -10.163 1.00 7.19  ? 108 GLY A CA  1 
ATOM   808  C C   . GLY A 1 108 ? 14.762  -9.258  -9.596  1.00 7.33  ? 108 GLY A C   1 
ATOM   809  O O   . GLY A 1 108 ? 14.144  -9.124  -8.524  1.00 6.99  ? 108 GLY A O   1 
ATOM   810  N N   . LYS A 1 109 ? 14.619  -10.305 -10.402 1.00 8.06  ? 109 LYS A N   1 
ATOM   811  C CA  . LYS A 1 109 ? 13.805  -11.479 -10.009 1.00 9.10  ? 109 LYS A CA  1 
ATOM   812  C C   . LYS A 1 109 ? 14.574  -12.726 -10.418 1.00 7.82  ? 109 LYS A C   1 
ATOM   813  O O   . LYS A 1 109 ? 15.163  -12.740 -11.489 1.00 8.32  ? 109 LYS A O   1 
ATOM   814  C CB  . LYS A 1 109 ? 12.398  -11.442 -10.583 1.00 12.94 ? 109 LYS A CB  1 
ATOM   815  C CG  . LYS A 1 109 ? 12.257  -11.409 -12.065 1.00 15.93 ? 109 LYS A CG  1 
ATOM   816  C CD  . LYS A 1 109 ? 10.755  -11.541 -12.405 1.00 17.78 ? 109 LYS A CD  1 
ATOM   817  C CE  . LYS A 1 109 ? 9.914   -10.358 -11.983 1.00 18.42 ? 109 LYS A CE  1 
ATOM   818  N NZ  . LYS A 1 109 ? 8.482   -10.587 -12.313 1.00 21.73 ? 109 LYS A NZ  1 
ATOM   819  N N   . ILE A 1 110 ? 14.603  -13.681 -9.502  1.00 7.17  ? 110 ILE A N   1 
ATOM   820  C CA  . ILE A 1 110 ? 15.308  -14.990 -9.633  1.00 7.03  ? 110 ILE A CA  1 
ATOM   821  C C   . ILE A 1 110 ? 16.698  -14.799 -10.251 1.00 7.53  ? 110 ILE A C   1 
ATOM   822  O O   . ILE A 1 110 ? 17.135  -15.595 -11.100 1.00 7.97  ? 110 ILE A O   1 
ATOM   823  C CB  . ILE A 1 110 ? 14.426  -16.056 -10.316 1.00 7.83  ? 110 ILE A CB  1 
ATOM   824  C CG1 . ILE A 1 110 ? 13.951  -15.689 -11.733 1.00 7.69  ? 110 ILE A CG1 1 
ATOM   825  C CG2 . ILE A 1 110 ? 13.262  -16.435 -9.398  1.00 8.02  ? 110 ILE A CG2 1 
ATOM   826  C CD1 . ILE A 1 110 ? 13.368  -16.871 -12.481 1.00 8.26  ? 110 ILE A CD1 1 
ATOM   827  N N   . GLY A 1 111 ? 17.452  -13.814 -9.787  1.00 7.94  ? 111 GLY A N   1 
ATOM   828  C CA  . GLY A 1 111 ? 18.832  -13.614 -10.223 1.00 8.39  ? 111 GLY A CA  1 
ATOM   829  C C   . GLY A 1 111 ? 19.019  -13.075 -11.606 1.00 8.50  ? 111 GLY A C   1 
ATOM   830  O O   . GLY A 1 111 ? 20.180  -13.079 -12.073 1.00 9.57  ? 111 GLY A O   1 
ATOM   831  N N   . THR A 1 112 ? 17.970  -12.521 -12.189 1.00 8.37  ? 112 THR A N   1 
ATOM   832  C CA  . THR A 1 112 ? 18.094  -11.803 -13.477 1.00 9.09  ? 112 THR A CA  1 
ATOM   833  C C   . THR A 1 112 ? 17.185  -10.573 -13.457 1.00 8.80  ? 112 THR A C   1 
ATOM   834  O O   . THR A 1 112 ? 16.696  -10.178 -12.419 1.00 7.61  ? 112 THR A O   1 
ATOM   835  C CB  . THR A 1 112 ? 17.808  -12.769 -14.647 1.00 10.23 ? 112 THR A CB  1 
ATOM   836  O OG1 . THR A 1 112 ? 18.146  -12.111 -15.885 1.00 12.21 ? 112 THR A OG1 1 
ATOM   837  C CG2 . THR A 1 112 ? 16.374  -13.240 -14.702 1.00 10.82 ? 112 THR A CG2 1 
ATOM   838  N N   . VAL A 1 113 ? 16.987  -9.992  -14.620 1.00 9.21  ? 113 VAL A N   1 
ATOM   839  C CA  . VAL A 1 113 ? 16.011  -8.917  -14.925 1.00 10.40 ? 113 VAL A CA  1 
ATOM   840  C C   . VAL A 1 113 ? 15.281  -9.297  -16.222 1.00 11.26 ? 113 VAL A C   1 
ATOM   841  O O   . VAL A 1 113 ? 16.005  -9.695  -17.176 1.00 14.55 ? 113 VAL A O   1 
ATOM   842  C CB  . VAL A 1 113 ? 16.729  -7.560  -15.034 1.00 9.77  ? 113 VAL A CB  1 
ATOM   843  C CG1 . VAL A 1 113 ? 15.776  -6.482  -15.540 1.00 10.66 ? 113 VAL A CG1 1 
ATOM   844  C CG2 . VAL A 1 113 ? 17.342  -7.152  -13.724 1.00 9.47  ? 113 VAL A CG2 1 
ATOM   845  N N   . MET A 1 114 ? 13.965  -9.250  -16.207 1.00 12.13 ? 114 MET A N   1 
ATOM   846  C CA  . MET A 1 114 ? 13.196  -9.675  -17.401 1.00 14.09 ? 114 MET A CA  1 
ATOM   847  C C   . MET A 1 114 ? 12.671  -8.412  -18.085 1.00 13.20 ? 114 MET A C   1 
ATOM   848  O O   . MET A 1 114 ? 12.029  -7.619  -17.404 1.00 15.84 ? 114 MET A O   1 
ATOM   849  C CB  . MET A 1 114 ? 12.033  -10.562 -16.984 1.00 17.91 ? 114 MET A CB  1 
ATOM   850  N N   . THR A 1 115 ? 12.948  -8.233  -19.375 1.00 10.67 ? 115 THR A N   1 
ATOM   851  C CA  . THR A 1 115 ? 12.383  -7.031  -20.047 1.00 13.81 ? 115 THR A CA  1 
ATOM   852  C C   . THR A 1 115 ? 11.413  -7.408  -21.158 1.00 17.57 ? 115 THR A C   1 
ATOM   853  O O   . THR A 1 115 ? 11.531  -6.929  -22.287 1.00 20.67 ? 115 THR A O   1 
ATOM   854  C CB  . THR A 1 115 ? 13.479  -6.068  -20.502 1.00 13.69 ? 115 THR A CB  1 
ATOM   855  O OG1 . THR A 1 115 ? 14.406  -6.781  -21.319 1.00 16.86 ? 115 THR A OG1 1 
ATOM   856  C CG2 . THR A 1 115 ? 14.211  -5.460  -19.325 1.00 15.84 ? 115 THR A CG2 1 
HETATM 857  C C1  . CIT B 2 .   ? 2.736   -7.507  -12.902 1.00 15.10 ? 201 CIT A C1  1 
HETATM 858  O O1  . CIT B 2 .   ? 2.039   -7.637  -11.861 1.00 17.46 ? 201 CIT A O1  1 
HETATM 859  O O2  . CIT B 2 .   ? 2.260   -7.485  -14.073 1.00 20.48 ? 201 CIT A O2  1 
HETATM 860  C C2  . CIT B 2 .   ? 4.250   -7.203  -12.807 1.00 14.08 ? 201 CIT A C2  1 
HETATM 861  C C3  . CIT B 2 .   ? 4.574   -6.439  -11.464 1.00 12.36 ? 201 CIT A C3  1 
HETATM 862  O O7  . CIT B 2 .   ? 4.150   -7.266  -10.358 1.00 12.15 ? 201 CIT A O7  1 
HETATM 863  C C4  . CIT B 2 .   ? 6.063   -6.212  -11.354 1.00 12.48 ? 201 CIT A C4  1 
HETATM 864  C C5  . CIT B 2 .   ? 6.944   -7.439  -11.408 1.00 15.13 ? 201 CIT A C5  1 
HETATM 865  O O3  . CIT B 2 .   ? 7.152   -8.059  -10.406 1.00 16.95 ? 201 CIT A O3  1 
HETATM 866  O O4  . CIT B 2 .   ? 7.485   -7.690  -12.471 1.00 17.35 ? 201 CIT A O4  1 
HETATM 867  C C6  . CIT B 2 .   ? 3.929   -5.063  -11.477 1.00 13.37 ? 201 CIT A C6  1 
HETATM 868  O O5  . CIT B 2 .   ? 3.555   -4.649  -10.358 1.00 10.96 ? 201 CIT A O5  1 
HETATM 869  O O6  . CIT B 2 .   ? 3.717   -4.499  -12.550 1.00 13.26 ? 201 CIT A O6  1 
HETATM 870  O O   . HOH C 3 .   ? -16.658 1.716   11.135  1.00 37.15 ? 301 HOH A O   1 
HETATM 871  O O   . HOH C 3 .   ? -10.022 -6.764  -10.331 1.00 33.47 ? 302 HOH A O   1 
HETATM 872  O O   . HOH C 3 .   ? -13.085 9.517   0.880   1.00 33.44 ? 303 HOH A O   1 
HETATM 873  O O   . HOH C 3 .   ? -3.729  18.369  10.493  1.00 30.60 ? 304 HOH A O   1 
HETATM 874  O O   . HOH C 3 .   ? 7.447   -7.413  -15.068 1.00 25.71 ? 305 HOH A O   1 
HETATM 875  O O   . HOH C 3 .   ? 2.582   -12.927 7.999   1.00 19.89 ? 306 HOH A O   1 
HETATM 876  O O   . HOH C 3 .   ? -4.681  14.609  6.503   1.00 10.60 ? 307 HOH A O   1 
HETATM 877  O O   . HOH C 3 .   ? -10.347 3.798   -15.962 1.00 27.49 ? 308 HOH A O   1 
HETATM 878  O O   . HOH C 3 .   ? -6.039  11.511  3.528   1.00 7.98  ? 309 HOH A O   1 
HETATM 879  O O   . HOH C 3 .   ? -0.155  -18.769 -8.333  1.00 25.72 ? 310 HOH A O   1 
HETATM 880  O O   . HOH C 3 .   ? -10.962 7.474   -11.844 1.00 17.23 ? 311 HOH A O   1 
HETATM 881  O O   . HOH C 3 .   ? -1.481  4.039   -15.346 1.00 12.30 ? 312 HOH A O   1 
HETATM 882  O O   . HOH C 3 .   ? 2.310   -17.530 -11.459 1.00 23.37 ? 313 HOH A O   1 
HETATM 883  O O   . HOH C 3 .   ? 4.218   3.464   17.461  1.00 20.72 ? 314 HOH A O   1 
HETATM 884  O O   . HOH C 3 .   ? 0.810   -14.253 -12.619 1.00 19.68 ? 315 HOH A O   1 
HETATM 885  O O   . HOH C 3 .   ? -1.847  -16.570 -11.279 1.00 26.46 ? 316 HOH A O   1 
HETATM 886  O O   . HOH C 3 .   ? 8.298   -1.982  -18.284 1.00 14.63 ? 317 HOH A O   1 
HETATM 887  O O   . HOH C 3 .   ? 12.351  -7.792  -14.382 1.00 14.63 ? 318 HOH A O   1 
HETATM 888  O O   . HOH C 3 .   ? -9.181  14.060  12.708  1.00 27.91 ? 319 HOH A O   1 
HETATM 889  O O   . HOH C 3 .   ? 9.363   -4.006  1.141   1.00 9.49  ? 320 HOH A O   1 
HETATM 890  O O   . HOH C 3 .   ? -7.824  4.084   16.127  1.00 21.71 ? 321 HOH A O   1 
HETATM 891  O O   . HOH C 3 .   ? -1.744  19.392  12.288  1.00 25.87 ? 322 HOH A O   1 
HETATM 892  O O   . HOH C 3 .   ? 11.180  0.990   0.178   1.00 14.24 ? 323 HOH A O   1 
HETATM 893  O O   . HOH C 3 .   ? 5.904   0.942   -3.196  1.00 12.42 ? 324 HOH A O   1 
HETATM 894  O O   . HOH C 3 .   ? -12.724 -0.091  11.875  1.00 15.06 ? 325 HOH A O   1 
HETATM 895  O O   . HOH C 3 .   ? 9.789   2.331   16.932  1.00 16.06 ? 326 HOH A O   1 
HETATM 896  O O   . HOH C 3 .   ? -0.186  -9.989  10.618  1.00 11.79 ? 327 HOH A O   1 
HETATM 897  O O   . HOH C 3 .   ? -7.324  -10.349 12.369  1.00 18.74 ? 328 HOH A O   1 
HETATM 898  O O   . HOH C 3 .   ? -14.020 4.628   5.775   1.00 26.07 ? 329 HOH A O   1 
HETATM 899  O O   . HOH C 3 .   ? 5.923   -8.659  -8.043  1.00 14.29 ? 330 HOH A O   1 
HETATM 900  O O   . HOH C 3 .   ? 8.448   -3.618  -1.412  1.00 13.03 ? 331 HOH A O   1 
HETATM 901  O O   . HOH C 3 .   ? -6.126  -0.017  14.965  1.00 12.42 ? 332 HOH A O   1 
HETATM 902  O O   . HOH C 3 .   ? -0.540  -12.967 9.746   1.00 22.78 ? 333 HOH A O   1 
HETATM 903  O O   . HOH C 3 .   ? 11.819  -2.350  -19.310 1.00 15.75 ? 334 HOH A O   1 
HETATM 904  O O   . HOH C 3 .   ? 14.390  -5.936  -23.942 1.00 27.63 ? 335 HOH A O   1 
HETATM 905  O O   . HOH C 3 .   ? 0.764   -6.576  13.462  1.00 13.51 ? 336 HOH A O   1 
HETATM 906  O O   . HOH C 3 .   ? 7.790   5.101   -0.711  1.00 10.56 ? 337 HOH A O   1 
HETATM 907  O O   . HOH C 3 .   ? -9.896  -6.954  10.007  1.00 19.04 ? 338 HOH A O   1 
HETATM 908  O O   . HOH C 3 .   ? -0.916  -16.145 2.929   1.00 27.34 ? 339 HOH A O   1 
HETATM 909  O O   . HOH C 3 .   ? -5.033  -13.424 -8.497  1.00 28.67 ? 340 HOH A O   1 
HETATM 910  O O   . HOH C 3 .   ? -1.039  -1.218  21.912  1.00 14.44 ? 341 HOH A O   1 
HETATM 911  O O   . HOH C 3 .   ? 8.532   -11.118 -15.041 1.00 24.69 ? 342 HOH A O   1 
HETATM 912  O O   . HOH C 3 .   ? -5.439  -1.506  -13.108 1.00 26.68 ? 343 HOH A O   1 
HETATM 913  O O   . HOH C 3 .   ? -0.102  5.359   17.586  1.00 18.61 ? 344 HOH A O   1 
HETATM 914  O O   . HOH C 3 .   ? 2.772   7.275   1.482   1.00 9.41  ? 345 HOH A O   1 
HETATM 915  O O   . HOH C 3 .   ? -7.541  -11.088 -4.759  1.00 17.99 ? 346 HOH A O   1 
HETATM 916  O O   . HOH C 3 .   ? -0.018  8.086   18.084  1.00 15.44 ? 347 HOH A O   1 
HETATM 917  O O   . HOH C 3 .   ? -4.156  -4.590  21.173  1.00 11.36 ? 348 HOH A O   1 
HETATM 918  O O   . HOH C 3 .   ? 1.756   20.594  13.550  1.00 14.07 ? 349 HOH A O   1 
HETATM 919  O O   . HOH C 3 .   ? -6.884  -12.771 7.169   1.00 20.73 ? 350 HOH A O   1 
HETATM 920  O O   . HOH C 3 .   ? -1.886  -8.228  15.483  1.00 20.59 ? 351 HOH A O   1 
HETATM 921  O O   . HOH C 3 .   ? -3.646  -13.089 0.421   1.00 13.22 ? 352 HOH A O   1 
HETATM 922  O O   . HOH C 3 .   ? -11.696 12.990  9.028   1.00 27.04 ? 353 HOH A O   1 
HETATM 923  O O   . HOH C 3 .   ? -5.097  -6.126  16.967  1.00 22.57 ? 354 HOH A O   1 
HETATM 924  O O   . HOH C 3 .   ? -0.485  1.539   -18.981 1.00 33.18 ? 355 HOH A O   1 
HETATM 925  O O   . HOH C 3 .   ? -10.016 6.550   14.317  1.00 16.97 ? 356 HOH A O   1 
HETATM 926  O O   . HOH C 3 .   ? 3.168   8.491   -15.308 1.00 23.17 ? 357 HOH A O   1 
HETATM 927  O O   . HOH C 3 .   ? 21.661  -12.859 -14.449 1.00 14.06 ? 358 HOH A O   1 
HETATM 928  O O   . HOH C 3 .   ? -10.266 -1.351  -9.302  1.00 29.99 ? 359 HOH A O   1 
HETATM 929  O O   . HOH C 3 .   ? 3.366   17.392  15.363  1.00 16.32 ? 360 HOH A O   1 
HETATM 930  O O   . HOH C 3 .   ? -5.977  8.591   14.443  1.00 9.94  ? 361 HOH A O   1 
HETATM 931  O O   . HOH C 3 .   ? -7.839  -1.785  -11.936 1.00 28.59 ? 362 HOH A O   1 
HETATM 932  O O   . HOH C 3 .   ? 8.433   -1.578  15.305  1.00 12.37 ? 363 HOH A O   1 
HETATM 933  O O   . HOH C 3 .   ? -4.109  1.265   -16.291 1.00 32.72 ? 364 HOH A O   1 
HETATM 934  O O   . HOH C 3 .   ? -8.993  -8.441  1.085   1.00 14.48 ? 365 HOH A O   1 
HETATM 935  O O   . HOH C 3 .   ? 2.335   2.626   -13.270 1.00 9.81  ? 366 HOH A O   1 
HETATM 936  O O   . HOH C 3 .   ? -11.507 -9.658  -7.518  1.00 35.84 ? 367 HOH A O   1 
HETATM 937  O O   . HOH C 3 .   ? -6.666  -9.727  -9.742  1.00 20.97 ? 368 HOH A O   1 
HETATM 938  O O   . HOH C 3 .   ? -17.869 4.874   7.907   1.00 28.33 ? 369 HOH A O   1 
HETATM 939  O O   . HOH C 3 .   ? -5.053  14.310  13.827  1.00 20.11 ? 370 HOH A O   1 
HETATM 940  O O   . HOH C 3 .   ? -5.822  6.454   -17.332 1.00 26.68 ? 371 HOH A O   1 
HETATM 941  O O   . HOH C 3 .   ? -8.399  8.459   13.098  1.00 9.80  ? 372 HOH A O   1 
HETATM 942  O O   . HOH C 3 .   ? -9.450  10.847  12.358  1.00 16.72 ? 373 HOH A O   1 
HETATM 943  O O   . HOH C 3 .   ? -6.949  10.427  16.073  1.00 21.13 ? 374 HOH A O   1 
HETATM 944  O O   . HOH C 3 .   ? -0.881  -7.513  11.492  1.00 11.05 ? 375 HOH A O   1 
HETATM 945  O O   . HOH C 3 .   ? -13.011 8.393   7.693   1.00 16.38 ? 376 HOH A O   1 
HETATM 946  O O   . HOH C 3 .   ? -12.288 4.347   10.310  1.00 22.21 ? 377 HOH A O   1 
HETATM 947  O O   . HOH C 3 .   ? 4.452   10.160  7.863   1.00 9.72  ? 378 HOH A O   1 
HETATM 948  O O   . HOH C 3 .   ? -4.761  -8.824  15.836  1.00 20.26 ? 379 HOH A O   1 
HETATM 949  O O   . HOH C 3 .   ? -12.813 3.599   -7.218  1.00 20.81 ? 380 HOH A O   1 
HETATM 950  O O   . HOH C 3 .   ? 8.357   -1.786  11.736  1.00 8.51  ? 381 HOH A O   1 
HETATM 951  O O   . HOH C 3 .   ? -11.965 13.766  6.589   1.00 19.79 ? 382 HOH A O   1 
HETATM 952  O O   . HOH C 3 .   ? 6.022   -4.744  -1.253  1.00 10.74 ? 383 HOH A O   1 
HETATM 953  O O   . HOH C 3 .   ? 3.880   8.473   16.489  1.00 10.42 ? 384 HOH A O   1 
HETATM 954  O O   . HOH C 3 .   ? 8.159   2.545   -1.659  1.00 17.78 ? 385 HOH A O   1 
HETATM 955  O O   . HOH C 3 .   ? -13.134 -0.007  -9.729  1.00 26.71 ? 386 HOH A O   1 
HETATM 956  O O   . HOH C 3 .   ? -4.683  3.541   18.565  1.00 19.28 ? 387 HOH A O   1 
HETATM 957  O O   . HOH C 3 .   ? 0.469   -6.613  9.217   1.00 10.47 ? 388 HOH A O   1 
HETATM 958  O O   . HOH C 3 .   ? -10.541 -9.171  -2.965  1.00 27.78 ? 389 HOH A O   1 
HETATM 959  O O   . HOH C 3 .   ? 2.561   -4.194  19.765  1.00 19.29 ? 390 HOH A O   1 
HETATM 960  O O   . HOH C 3 .   ? 11.217  4.434   -10.118 1.00 16.73 ? 391 HOH A O   1 
HETATM 961  O O   . HOH C 3 .   ? -2.409  -15.210 -8.917  1.00 21.90 ? 392 HOH A O   1 
HETATM 962  O O   . HOH C 3 .   ? -1.009  -4.682  -16.307 1.00 31.07 ? 393 HOH A O   1 
HETATM 963  O O   . HOH C 3 .   ? -10.128 -3.444  -10.796 1.00 31.36 ? 394 HOH A O   1 
HETATM 964  O O   . HOH C 3 .   ? -5.167  1.171   -13.615 1.00 32.95 ? 395 HOH A O   1 
HETATM 965  O O   . HOH C 3 .   ? 4.717   6.193   18.188  1.00 28.10 ? 396 HOH A O   1 
HETATM 966  O O   . HOH C 3 .   ? -2.901  -17.679 4.018   1.00 31.12 ? 397 HOH A O   1 
HETATM 967  O O   . HOH C 3 .   ? 15.912  -4.149  -22.568 1.00 21.45 ? 398 HOH A O   1 
HETATM 968  O O   . HOH C 3 .   ? 2.094   -4.482  -17.140 1.00 38.20 ? 399 HOH A O   1 
HETATM 969  O O   . HOH C 3 .   ? -9.224  -9.643  10.559  1.00 22.60 ? 400 HOH A O   1 
HETATM 970  O O   . HOH C 3 .   ? -6.420  -4.380  15.427  1.00 28.10 ? 401 HOH A O   1 
HETATM 971  O O   . HOH C 3 .   ? -3.623  -2.318  22.696  1.00 17.23 ? 402 HOH A O   1 
HETATM 972  O O   . HOH C 3 .   ? 2.503   3.655   -15.892 1.00 22.74 ? 403 HOH A O   1 
HETATM 973  O O   . HOH C 3 .   ? -15.672 9.510   4.423   1.00 19.69 ? 404 HOH A O   1 
HETATM 974  O O   . HOH C 3 .   ? 20.941  -13.900 -16.955 1.00 26.79 ? 405 HOH A O   1 
HETATM 975  O O   . HOH C 3 .   ? -13.795 7.540   5.097   1.00 25.16 ? 406 HOH A O   1 
HETATM 976  O O   . HOH C 3 .   ? -7.139  -13.016 11.926  1.00 27.66 ? 407 HOH A O   1 
HETATM 977  O O   . HOH C 3 .   ? 0.010   5.087   -17.441 1.00 21.05 ? 408 HOH A O   1 
HETATM 978  O O   . HOH C 3 .   ? -11.433 -8.514  7.781   1.00 21.32 ? 409 HOH A O   1 
HETATM 979  O O   . HOH C 3 .   ? -5.455  -13.765 9.592   1.00 29.46 ? 410 HOH A O   1 
HETATM 980  O O   . HOH C 3 .   ? 9.730   4.787   17.316  1.00 19.12 ? 411 HOH A O   1 
HETATM 981  O O   . HOH C 3 .   ? 9.597   7.023   -1.594  1.00 15.73 ? 412 HOH A O   1 
HETATM 982  O O   . HOH C 3 .   ? -1.939  3.962   18.965  1.00 20.52 ? 413 HOH A O   1 
HETATM 983  O O   . HOH C 3 .   ? -1.230  -16.084 -4.764  1.00 23.23 ? 414 HOH A O   1 
HETATM 984  O O   . HOH C 3 .   ? -3.863  -12.902 -2.286  1.00 14.06 ? 415 HOH A O   1 
HETATM 985  O O   . HOH C 3 .   ? -12.232 6.292   12.613  1.00 26.78 ? 416 HOH A O   1 
HETATM 986  O O   . HOH C 3 .   ? -9.176  0.431   -12.156 1.00 28.10 ? 417 HOH A O   1 
HETATM 987  O O   . HOH C 3 .   ? -13.183 6.382   -7.492  1.00 23.14 ? 418 HOH A O   1 
HETATM 988  O O   . HOH C 3 .   ? -14.926 2.882   -5.794  1.00 31.08 ? 419 HOH A O   1 
HETATM 989  O O   . HOH C 3 .   ? -7.687  -11.307 -7.612  1.00 28.49 ? 420 HOH A O   1 
HETATM 990  O O   . HOH C 3 .   ? -3.105  -14.454 10.041  1.00 32.33 ? 421 HOH A O   1 
HETATM 991  O O   . HOH C 3 .   ? -7.314  -12.336 2.605   1.00 32.74 ? 422 HOH A O   1 
HETATM 992  O O   . HOH C 3 .   ? -13.794 5.401   8.717   1.00 34.60 ? 423 HOH A O   1 
HETATM 993  O O   . HOH C 3 .   ? -0.820  -12.876 12.414  1.00 31.45 ? 424 HOH A O   1 
HETATM 994  O O   . HOH C 3 .   ? -12.553 3.593   14.277  1.00 40.43 ? 425 HOH A O   1 
HETATM 995  O O   . HOH C 3 .   ? -0.357  3.391   21.266  1.00 37.34 ? 426 HOH A O   1 
HETATM 996  O O   . HOH C 3 .   ? -7.675  -9.216  14.574  1.00 25.82 ? 427 HOH A O   1 
HETATM 997  O O   . HOH C 3 .   ? 3.039   -6.924  19.194  1.00 23.67 ? 428 HOH A O   1 
HETATM 998  O O   . HOH C 3 .   ? 8.559   -3.815  13.486  1.00 14.35 ? 429 HOH A O   1 
HETATM 999  O O   . HOH C 3 .   ? -3.037  6.108   20.920  1.00 29.64 ? 430 HOH A O   1 
HETATM 1000 O O   . HOH C 3 .   ? -9.862  -12.129 -4.158  1.00 34.31 ? 431 HOH A O   1 
HETATM 1001 O O   . HOH C 3 .   ? -15.772 11.448  6.466   1.00 21.81 ? 432 HOH A O   1 
HETATM 1002 O O   . HOH C 3 .   ? -6.738  12.094  14.574  1.00 30.91 ? 433 HOH A O   1 
HETATM 1003 O O   . HOH C 3 .   ? -9.207  -13.286 7.938   1.00 25.13 ? 434 HOH A O   1 
HETATM 1004 O O   . HOH C 3 .   ? -8.303  -8.553  -11.310 1.00 35.79 ? 435 HOH A O   1 
HETATM 1005 O O   . HOH C 3 .   ? -0.625  -8.531  17.816  1.00 27.42 ? 436 HOH A O   1 
HETATM 1006 O O   . HOH C 3 .   ? 7.681   -14.296 -13.549 1.00 26.54 ? 437 HOH A O   1 
HETATM 1007 O O   . HOH C 3 .   ? -15.745 6.311   7.350   1.00 37.42 ? 438 HOH A O   1 
HETATM 1008 O O   . HOH C 3 .   ? -6.879  -3.028  17.706  1.00 28.88 ? 439 HOH A O   1 
HETATM 1009 O O   . HOH C 3 .   ? -13.367 2.589   11.814  1.00 23.48 ? 440 HOH A O   1 
HETATM 1010 O O   . HOH C 3 .   ? -6.318  9.415   -17.905 1.00 27.06 ? 441 HOH A O   1 
HETATM 1011 O O   . HOH C 3 .   ? -6.939  6.661   16.260  1.00 18.83 ? 442 HOH A O   1 
HETATM 1012 O O   . HOH C 3 .   ? 6.867   -14.184 -10.795 1.00 25.40 ? 443 HOH A O   1 
HETATM 1013 O O   . HOH C 3 .   ? -0.534  -10.425 14.489  1.00 26.52 ? 444 HOH A O   1 
HETATM 1014 O O   . HOH C 3 .   ? -14.281 4.480   -11.552 1.00 27.33 ? 445 HOH A O   1 
HETATM 1015 O O   . HOH C 3 .   ? 1.786   4.527   20.603  1.00 31.13 ? 446 HOH A O   1 
HETATM 1016 O O   . HOH C 3 .   ? -8.248  -1.312  16.094  1.00 25.08 ? 447 HOH A O   1 
HETATM 1017 O O   . HOH C 3 .   ? 6.834   6.422   -15.447 1.00 26.94 ? 448 HOH A O   1 
HETATM 1018 O O   . HOH C 3 .   ? -12.078 5.337   -13.415 1.00 25.15 ? 449 HOH A O   1 
HETATM 1019 O O   . HOH C 3 .   ? 7.681   5.487   19.186  1.00 34.82 ? 450 HOH A O   1 
HETATM 1020 O O   . HOH C 3 .   ? -1.739  8.471   20.028  1.00 26.58 ? 451 HOH A O   1 
HETATM 1021 O O   . HOH C 3 .   ? -9.317  -10.869 2.038   1.00 29.80 ? 452 HOH A O   1 
HETATM 1022 O O   . HOH C 3 .   ? 2.349   -10.957 11.525  1.00 30.58 ? 453 HOH A O   1 
HETATM 1023 O O   . HOH C 3 .   ? -6.309  2.061   17.161  1.00 18.19 ? 454 HOH A O   1 
HETATM 1024 O O   . HOH C 3 .   ? 2.637   -8.359  14.341  1.00 25.68 ? 455 HOH A O   1 
HETATM 1025 O O   . HOH C 3 .   ? -1.044  -15.315 -14.002 1.00 22.51 ? 456 HOH A O   1 
HETATM 1026 O O   . HOH C 3 .   ? -14.223 10.587  8.488   1.00 28.46 ? 457 HOH A O   1 
HETATM 1027 O O   . HOH C 3 .   ? 9.954   5.056   -7.643  1.00 16.46 ? 458 HOH A O   1 
HETATM 1028 O O   . HOH C 3 .   ? 2.215   -5.520  11.237  1.00 13.40 ? 459 HOH A O   1 
HETATM 1029 O O   . HOH C 3 .   ? -5.931  5.991   18.972  1.00 29.43 ? 460 HOH A O   1 
HETATM 1030 O O   . HOH C 3 .   ? 6.736   3.571   20.736  1.00 34.29 ? 461 HOH A O   1 
HETATM 1031 O O   . HOH C 3 .   ? 10.435  1.172   19.555  1.00 30.83 ? 462 HOH A O   1 
HETATM 1032 O O   . HOH C 3 .   ? -6.195  -13.216 -3.639  1.00 18.29 ? 463 HOH A O   1 
HETATM 1033 O O   . HOH C 3 .   ? -7.922  0.824   19.024  1.00 29.59 ? 464 HOH A O   1 
HETATM 1034 O O   . HOH C 3 .   ? 6.402   -4.547  17.824  1.00 28.26 ? 465 HOH A O   1 
HETATM 1035 O O   . HOH C 3 .   ? 8.347   -2.298  18.106  1.00 34.03 ? 466 HOH A O   1 
HETATM 1036 O O   . HOH C 3 .   ? 8.379   7.466   -17.514 1.00 34.73 ? 467 HOH A O   1 
HETATM 1037 O O   . HOH C 3 .   ? 4.230   5.914   -16.239 1.00 22.61 ? 468 HOH A O   1 
HETATM 1038 O O   . HOH C 3 .   ? 1.426   21.917  16.238  1.00 36.51 ? 469 HOH A O   1 
HETATM 1039 O O   . HOH C 3 .   ? -5.888  -15.082 -5.700  1.00 33.49 ? 470 HOH A O   1 
HETATM 1040 O O   . HOH C 3 .   ? 0.128   -12.284 -15.123 1.00 32.12 ? 471 HOH A O   1 
# 
